data_8W7E
#
_entry.id   8W7E
#
_cell.length_a   164.767
_cell.length_b   119.217
_cell.length_c   152.807
_cell.angle_alpha   90.00
_cell.angle_beta   100.82
_cell.angle_gamma   90.00
#
_symmetry.space_group_name_H-M   'C 1 2 1'
#
loop_
_entity.id
_entity.type
_entity.pdbx_description
1 polymer 'ATP-dependent Clp protease proteolytic subunit, mitochondrial'
2 non-polymer 3-[(3-chlorophenyl)methyl]-6-[(4-chlorophenyl)methyl]-2,4-dihydro-1H-pyrido[2,3-c][2,7]naphthyridin-5-one
#
_entity_poly.entity_id   1
_entity_poly.type   'polypeptide(L)'
_entity_poly.pdbx_seq_one_letter_code
;GSSLIPIVVEQTGRGERAYDIYSRLLRERIVCVMGPIDDSVASLVIAQLLFLQSESNKKPIHMYINSPGGVVTAGLAIYD
TMQYILNPICTWCVGQAASMGSLLLAAGTPGMRHSLPNSRIMIHQPSGGARGQATDIAIQAEEIMKLKKQLYNIYAKHTK
QSLQVIESAMERDRYMSPMEAQEFGILDKVLVHPPQDGEDEPTLVQKEPVEAAPAAEPVPAST
;
_entity_poly.pdbx_strand_id   A,B,C,D,E,F,G,H,I,J,K,L,M,N
#
# COMPACT_ATOMS: atom_id res chain seq x y z
N LEU A 4 13.77 -1.41 -17.33
CA LEU A 4 13.80 0.05 -17.36
C LEU A 4 12.73 0.61 -18.29
N ILE A 5 12.88 1.88 -18.66
CA ILE A 5 11.93 2.54 -19.55
C ILE A 5 12.39 2.36 -20.99
N PRO A 6 11.50 1.98 -21.91
CA PRO A 6 11.89 1.89 -23.32
C PRO A 6 12.06 3.26 -23.94
N ILE A 7 12.80 3.31 -25.05
CA ILE A 7 13.00 4.56 -25.79
C ILE A 7 12.28 4.47 -27.13
N VAL A 8 11.96 5.65 -27.66
CA VAL A 8 11.23 5.82 -28.91
C VAL A 8 11.89 6.89 -29.77
N VAL A 9 12.08 6.57 -31.05
CA VAL A 9 12.65 7.51 -32.02
C VAL A 9 11.56 8.32 -32.72
N GLU A 16 16.20 13.04 -36.64
CA GLU A 16 15.81 11.90 -35.83
C GLU A 16 16.34 12.01 -34.41
N ARG A 17 15.48 11.72 -33.44
CA ARG A 17 15.84 11.73 -32.03
C ARG A 17 14.98 10.70 -31.31
N ALA A 18 15.51 10.14 -30.23
CA ALA A 18 14.86 9.06 -29.50
C ALA A 18 14.59 9.56 -28.09
N TYR A 19 13.42 9.36 -27.53
CA TYR A 19 13.19 9.84 -26.20
C TYR A 19 12.60 8.75 -25.39
N ASP A 20 12.75 8.78 -24.07
CA ASP A 20 12.05 7.75 -23.32
C ASP A 20 10.54 7.89 -23.53
N ILE A 21 9.82 6.79 -23.32
CA ILE A 21 8.41 6.77 -23.71
C ILE A 21 7.57 7.72 -22.85
N TYR A 22 8.02 8.00 -21.62
CA TYR A 22 7.26 8.91 -20.76
C TYR A 22 7.41 10.36 -21.22
N SER A 23 8.66 10.80 -21.47
CA SER A 23 8.87 12.13 -22.01
C SER A 23 8.22 12.29 -23.37
N ARG A 24 8.13 11.20 -24.15
CA ARG A 24 7.42 11.25 -25.42
C ARG A 24 5.96 11.64 -25.22
N LEU A 25 5.29 11.06 -24.23
CA LEU A 25 3.91 11.44 -23.94
C LEU A 25 3.83 12.93 -23.59
N LEU A 26 4.84 13.44 -22.90
CA LEU A 26 4.87 14.86 -22.56
C LEU A 26 4.98 15.72 -23.82
N ARG A 27 5.74 15.26 -24.81
CA ARG A 27 5.83 15.95 -26.09
C ARG A 27 4.49 15.98 -26.81
N GLU A 28 3.57 15.07 -26.46
CA GLU A 28 2.23 15.03 -27.01
C GLU A 28 1.22 15.73 -26.12
N ARG A 29 1.67 16.51 -25.14
CA ARG A 29 0.80 17.21 -24.20
C ARG A 29 -0.05 16.22 -23.40
N ILE A 30 0.54 15.08 -23.06
CA ILE A 30 -0.10 14.07 -22.23
C ILE A 30 0.65 13.99 -20.91
N VAL A 31 -0.08 14.18 -19.82
CA VAL A 31 0.50 14.20 -18.47
C VAL A 31 -0.01 12.96 -17.74
N CYS A 32 0.90 12.05 -17.42
CA CYS A 32 0.53 10.83 -16.71
C CYS A 32 0.40 11.12 -15.21
N VAL A 33 -0.74 10.72 -14.65
CA VAL A 33 -0.92 10.72 -13.20
C VAL A 33 -1.23 9.29 -12.78
N MET A 34 -0.21 8.44 -12.82
CA MET A 34 -0.33 7.04 -12.42
C MET A 34 0.15 6.88 -10.99
N GLY A 35 -0.53 6.04 -10.23
CA GLY A 35 -0.10 5.69 -8.90
C GLY A 35 -0.49 6.70 -7.83
N PRO A 36 -0.02 6.47 -6.61
CA PRO A 36 -0.49 7.28 -5.48
C PRO A 36 0.05 8.70 -5.55
N ILE A 37 -0.76 9.63 -5.07
CA ILE A 37 -0.45 11.06 -5.13
C ILE A 37 0.24 11.48 -3.84
N ASP A 38 1.43 12.05 -3.96
CA ASP A 38 2.15 12.65 -2.85
C ASP A 38 2.65 14.01 -3.28
N ASP A 39 3.36 14.70 -2.37
CA ASP A 39 3.96 15.98 -2.73
C ASP A 39 4.94 15.82 -3.89
N SER A 40 5.61 14.67 -3.96
CA SER A 40 6.55 14.40 -5.04
C SER A 40 5.86 14.37 -6.40
N VAL A 41 4.71 13.71 -6.47
CA VAL A 41 3.95 13.61 -7.71
C VAL A 41 3.33 14.96 -8.08
N ALA A 42 2.76 15.65 -7.09
CA ALA A 42 2.10 16.92 -7.36
C ALA A 42 3.06 17.93 -7.98
N SER A 43 4.22 18.12 -7.35
CA SER A 43 5.21 19.04 -7.87
C SER A 43 5.61 18.68 -9.30
N LEU A 44 5.77 17.39 -9.57
CA LEU A 44 6.18 16.97 -10.91
C LEU A 44 5.07 17.23 -11.93
N VAL A 45 3.82 16.90 -11.57
CA VAL A 45 2.69 17.20 -12.44
C VAL A 45 2.59 18.70 -12.68
N ILE A 46 2.65 19.49 -11.61
CA ILE A 46 2.47 20.94 -11.72
C ILE A 46 3.51 21.54 -12.66
N ALA A 47 4.76 21.07 -12.56
CA ALA A 47 5.80 21.59 -13.44
C ALA A 47 5.46 21.36 -14.91
N GLN A 48 4.99 20.16 -15.25
CA GLN A 48 4.68 19.84 -16.64
C GLN A 48 3.47 20.63 -17.14
N LEU A 49 2.45 20.77 -16.30
CA LEU A 49 1.29 21.56 -16.68
C LEU A 49 1.70 22.98 -17.04
N LEU A 50 2.54 23.60 -16.21
CA LEU A 50 3.00 24.96 -16.49
C LEU A 50 3.89 25.00 -17.72
N PHE A 51 4.73 23.97 -17.91
CA PHE A 51 5.56 23.92 -19.10
C PHE A 51 4.70 23.87 -20.36
N LEU A 52 3.70 22.98 -20.37
CA LEU A 52 2.89 22.80 -21.57
C LEU A 52 2.02 24.01 -21.85
N GLN A 53 1.54 24.70 -20.80
CA GLN A 53 0.80 25.94 -21.02
C GLN A 53 1.68 26.98 -21.70
N SER A 54 2.96 27.04 -21.33
CA SER A 54 3.85 28.02 -21.93
C SER A 54 4.08 27.76 -23.40
N GLU A 55 4.07 26.49 -23.83
CA GLU A 55 4.14 26.22 -25.26
C GLU A 55 2.85 26.60 -25.97
N SER A 56 1.71 26.50 -25.28
CA SER A 56 0.43 26.93 -25.85
C SER A 56 -0.64 27.01 -24.75
N ASN A 57 -1.20 28.20 -24.56
CA ASN A 57 -2.34 28.37 -23.67
C ASN A 57 -3.66 28.09 -24.37
N LYS A 58 -3.62 27.51 -25.56
CA LYS A 58 -4.83 27.15 -26.29
C LYS A 58 -4.88 25.70 -26.77
N LYS A 59 -3.73 25.02 -26.92
CA LYS A 59 -3.90 23.59 -27.20
C LYS A 59 -4.29 22.80 -25.94
N PRO A 60 -5.17 21.80 -26.10
CA PRO A 60 -5.65 21.05 -24.93
C PRO A 60 -4.53 20.28 -24.25
N ILE A 61 -4.72 20.06 -22.95
CA ILE A 61 -3.86 19.23 -22.12
C ILE A 61 -4.57 17.91 -21.88
N HIS A 62 -3.81 16.82 -21.82
CA HIS A 62 -4.38 15.49 -21.58
C HIS A 62 -3.77 14.89 -20.33
N MET A 63 -4.63 14.60 -19.34
CA MET A 63 -4.25 13.92 -18.12
C MET A 63 -4.77 12.49 -18.14
N TYR A 64 -3.85 11.52 -18.08
CA TYR A 64 -4.22 10.14 -17.83
C TYR A 64 -4.18 9.88 -16.33
N ILE A 65 -5.28 9.37 -15.80
CA ILE A 65 -5.44 9.19 -14.35
C ILE A 65 -5.67 7.72 -14.06
N ASN A 66 -4.73 7.10 -13.34
CA ASN A 66 -4.87 5.75 -12.80
C ASN A 66 -4.25 5.80 -11.40
N SER A 67 -5.03 6.27 -10.43
CA SER A 67 -4.52 6.61 -9.12
C SER A 67 -5.45 6.14 -8.01
N PRO A 68 -4.91 5.50 -6.96
CA PRO A 68 -5.71 5.15 -5.79
C PRO A 68 -5.92 6.29 -4.80
N GLY A 69 -5.47 7.50 -5.12
CA GLY A 69 -5.60 8.64 -4.24
C GLY A 69 -4.26 9.03 -3.63
N GLY A 70 -4.32 9.91 -2.64
CA GLY A 70 -3.12 10.32 -1.95
C GLY A 70 -3.38 11.52 -1.06
N VAL A 71 -2.28 12.25 -0.79
CA VAL A 71 -2.34 13.40 0.12
C VAL A 71 -3.30 14.45 -0.43
N VAL A 72 -4.10 15.02 0.46
CA VAL A 72 -5.12 15.97 0.04
C VAL A 72 -4.48 17.26 -0.48
N THR A 73 -3.52 17.81 0.27
CA THR A 73 -2.89 19.07 -0.15
C THR A 73 -2.20 18.91 -1.50
N ALA A 74 -1.53 17.78 -1.73
CA ALA A 74 -0.89 17.54 -3.01
C ALA A 74 -1.93 17.47 -4.12
N GLY A 75 -2.99 16.70 -3.92
CA GLY A 75 -4.06 16.65 -4.90
C GLY A 75 -4.70 18.00 -5.13
N LEU A 76 -4.88 18.78 -4.06
CA LEU A 76 -5.41 20.14 -4.20
C LEU A 76 -4.44 21.03 -4.97
N ALA A 77 -3.13 20.83 -4.76
CA ALA A 77 -2.15 21.60 -5.51
C ALA A 77 -2.26 21.33 -7.01
N ILE A 78 -2.50 20.06 -7.38
CA ILE A 78 -2.74 19.75 -8.78
C ILE A 78 -4.07 20.34 -9.24
N TYR A 79 -5.09 20.30 -8.38
CA TYR A 79 -6.39 20.85 -8.75
C TYR A 79 -6.29 22.34 -9.06
N ASP A 80 -5.58 23.09 -8.23
CA ASP A 80 -5.53 24.54 -8.41
C ASP A 80 -4.76 24.91 -9.67
N THR A 81 -3.68 24.17 -9.97
CA THR A 81 -2.96 24.42 -11.21
C THR A 81 -3.83 24.11 -12.42
N MET A 82 -4.60 23.02 -12.36
CA MET A 82 -5.53 22.70 -13.44
C MET A 82 -6.47 23.87 -13.71
N GLN A 83 -7.05 24.44 -12.64
CA GLN A 83 -7.97 25.56 -12.81
C GLN A 83 -7.24 26.81 -13.29
N TYR A 84 -6.04 27.06 -12.78
CA TYR A 84 -5.31 28.28 -13.11
C TYR A 84 -5.05 28.39 -14.60
N ILE A 85 -4.44 27.36 -15.19
CA ILE A 85 -3.95 27.47 -16.56
C ILE A 85 -5.13 27.61 -17.52
N LEU A 86 -4.96 28.51 -18.50
CA LEU A 86 -6.02 28.76 -19.47
C LEU A 86 -6.33 27.55 -20.33
N ASN A 87 -5.38 26.62 -20.45
CA ASN A 87 -5.57 25.49 -21.34
C ASN A 87 -6.80 24.69 -20.96
N PRO A 88 -7.57 24.22 -21.94
CA PRO A 88 -8.59 23.20 -21.65
C PRO A 88 -7.91 21.87 -21.35
N ILE A 89 -8.34 21.22 -20.28
CA ILE A 89 -7.68 20.03 -19.76
C ILE A 89 -8.60 18.84 -19.96
N CYS A 90 -8.06 17.76 -20.53
CA CYS A 90 -8.80 16.53 -20.80
C CYS A 90 -8.34 15.47 -19.82
N THR A 91 -9.22 15.07 -18.91
CA THR A 91 -8.92 14.04 -17.93
C THR A 91 -9.39 12.69 -18.45
N TRP A 92 -8.48 11.71 -18.46
CA TRP A 92 -8.76 10.36 -18.92
C TRP A 92 -8.51 9.39 -17.77
N CYS A 93 -9.50 8.54 -17.49
CA CYS A 93 -9.43 7.60 -16.38
C CYS A 93 -9.28 6.19 -16.91
N VAL A 94 -8.23 5.50 -16.46
CA VAL A 94 -8.01 4.09 -16.78
C VAL A 94 -7.78 3.33 -15.48
N GLY A 95 -8.40 2.16 -15.37
CA GLY A 95 -8.28 1.39 -14.16
C GLY A 95 -9.12 1.94 -13.02
N GLN A 96 -8.64 2.99 -12.36
CA GLN A 96 -9.33 3.49 -11.19
C GLN A 96 -9.00 4.96 -10.94
N ALA A 97 -9.91 5.63 -10.24
CA ALA A 97 -9.70 6.98 -9.74
C ALA A 97 -10.43 7.07 -8.40
N ALA A 98 -9.68 7.00 -7.31
CA ALA A 98 -10.24 6.96 -5.96
C ALA A 98 -9.69 8.11 -5.12
N SER A 99 -10.51 8.58 -4.18
N SER A 99 -10.51 8.58 -4.19
CA SER A 99 -10.16 9.65 -3.24
CA SER A 99 -10.17 9.65 -3.25
C SER A 99 -9.74 10.87 -4.06
C SER A 99 -9.75 10.88 -4.05
N MET A 100 -8.54 11.41 -3.88
CA MET A 100 -8.12 12.58 -4.65
C MET A 100 -8.05 12.28 -6.14
N GLY A 101 -7.91 11.01 -6.53
CA GLY A 101 -7.88 10.67 -7.94
C GLY A 101 -9.16 11.07 -8.66
N SER A 102 -10.31 10.73 -8.08
CA SER A 102 -11.58 11.08 -8.70
C SER A 102 -11.82 12.59 -8.71
N LEU A 103 -11.17 13.33 -7.81
CA LEU A 103 -11.34 14.78 -7.81
C LEU A 103 -10.62 15.42 -8.99
N LEU A 104 -9.38 14.99 -9.26
CA LEU A 104 -8.66 15.51 -10.41
C LEU A 104 -9.38 15.19 -11.70
N LEU A 105 -9.91 13.97 -11.82
CA LEU A 105 -10.67 13.58 -13.01
C LEU A 105 -11.89 14.46 -13.20
N ALA A 106 -12.68 14.65 -12.14
CA ALA A 106 -13.87 15.50 -12.22
C ALA A 106 -13.52 16.96 -12.48
N ALA A 107 -12.29 17.37 -12.16
CA ALA A 107 -11.86 18.75 -12.39
C ALA A 107 -11.38 18.99 -13.81
N GLY A 108 -11.57 18.03 -14.72
CA GLY A 108 -11.30 18.27 -16.12
C GLY A 108 -12.21 19.34 -16.69
N THR A 109 -11.85 19.80 -17.88
CA THR A 109 -12.64 20.82 -18.55
C THR A 109 -14.02 20.25 -18.88
N PRO A 110 -15.09 20.99 -18.61
CA PRO A 110 -16.45 20.46 -18.80
C PRO A 110 -16.65 19.87 -20.19
N GLY A 111 -17.27 18.69 -20.24
CA GLY A 111 -17.48 17.97 -21.47
C GLY A 111 -16.26 17.23 -21.98
N MET A 112 -15.14 17.24 -21.24
CA MET A 112 -13.90 16.63 -21.71
C MET A 112 -13.33 15.68 -20.67
N ARG A 113 -14.18 15.07 -19.85
CA ARG A 113 -13.77 14.13 -18.83
C ARG A 113 -14.23 12.73 -19.23
N HIS A 114 -13.28 11.80 -19.35
CA HIS A 114 -13.52 10.52 -20.01
C HIS A 114 -13.09 9.37 -19.12
N SER A 115 -13.73 8.22 -19.34
CA SER A 115 -13.36 6.97 -18.68
C SER A 115 -13.49 5.83 -19.69
N LEU A 116 -12.54 4.92 -19.66
CA LEU A 116 -12.68 3.70 -20.43
C LEU A 116 -13.73 2.80 -19.76
N PRO A 117 -14.26 1.81 -20.49
CA PRO A 117 -15.48 1.14 -20.00
C PRO A 117 -15.37 0.46 -18.63
N ASN A 118 -14.24 -0.17 -18.33
CA ASN A 118 -14.14 -1.02 -17.14
C ASN A 118 -13.48 -0.33 -15.95
N SER A 119 -13.31 0.99 -15.99
CA SER A 119 -12.68 1.68 -14.88
C SER A 119 -13.59 1.69 -13.65
N ARG A 120 -13.01 2.12 -12.52
CA ARG A 120 -13.75 2.22 -11.27
C ARG A 120 -13.48 3.59 -10.64
N ILE A 121 -14.54 4.24 -10.15
CA ILE A 121 -14.45 5.58 -9.60
C ILE A 121 -15.00 5.62 -8.17
N MET A 122 -14.21 6.18 -7.25
CA MET A 122 -14.56 6.40 -5.84
C MET A 122 -14.30 7.84 -5.45
N ILE A 123 -15.34 8.53 -4.96
CA ILE A 123 -15.15 9.85 -4.35
C ILE A 123 -15.12 9.77 -2.83
N HIS A 124 -15.38 8.59 -2.25
CA HIS A 124 -15.32 8.41 -0.80
C HIS A 124 -13.88 8.49 -0.32
N GLN A 125 -13.64 9.26 0.75
CA GLN A 125 -12.30 9.45 1.25
C GLN A 125 -11.89 8.30 2.17
N PRO A 126 -10.59 7.98 2.24
CA PRO A 126 -10.15 6.83 3.03
C PRO A 126 -10.13 7.10 4.51
N SER A 127 -10.33 6.03 5.29
CA SER A 127 -10.36 6.12 6.74
C SER A 127 -8.95 6.05 7.33
N ALA A 138 -0.24 14.12 11.30
CA ALA A 138 -1.55 14.20 11.95
C ALA A 138 -1.91 15.64 12.27
N ILE A 139 -3.20 15.90 12.48
CA ILE A 139 -3.73 17.26 12.49
C ILE A 139 -4.93 17.35 13.44
N GLN A 140 -5.30 18.58 13.77
CA GLN A 140 -6.39 18.81 14.71
C GLN A 140 -7.75 18.51 14.06
N ALA A 141 -8.65 17.96 14.87
CA ALA A 141 -9.94 17.48 14.39
C ALA A 141 -10.64 18.50 13.51
N GLU A 142 -10.53 19.79 13.84
CA GLU A 142 -11.18 20.82 13.04
C GLU A 142 -10.54 20.95 11.66
N GLU A 143 -9.24 20.67 11.54
CA GLU A 143 -8.58 20.75 10.24
C GLU A 143 -9.03 19.62 9.32
N ILE A 144 -9.28 18.42 9.85
CA ILE A 144 -9.76 17.34 9.00
C ILE A 144 -11.11 17.72 8.42
N MET A 145 -11.92 18.43 9.21
CA MET A 145 -13.25 18.84 8.77
C MET A 145 -13.18 19.96 7.74
N LYS A 146 -12.24 20.89 7.91
CA LYS A 146 -12.12 21.99 6.96
C LYS A 146 -11.64 21.51 5.60
N LEU A 147 -10.69 20.62 5.57
CA LEU A 147 -10.24 20.10 4.31
C LEU A 147 -11.33 19.29 3.64
N LYS A 148 -12.12 18.55 4.40
CA LYS A 148 -13.14 17.72 3.80
C LYS A 148 -14.18 18.57 3.19
N LYS A 149 -14.50 19.64 3.88
CA LYS A 149 -15.52 20.55 3.37
C LYS A 149 -15.06 21.34 2.16
N GLN A 150 -13.75 21.48 1.97
CA GLN A 150 -13.26 22.03 0.71
C GLN A 150 -13.48 21.05 -0.43
N LEU A 151 -13.49 19.75 -0.13
CA LEU A 151 -13.78 18.75 -1.15
C LEU A 151 -15.24 18.76 -1.53
N TYR A 152 -16.13 18.98 -0.55
CA TYR A 152 -17.56 19.10 -0.84
C TYR A 152 -17.82 20.20 -1.86
N ASN A 153 -17.22 21.37 -1.66
CA ASN A 153 -17.44 22.49 -2.55
C ASN A 153 -16.85 22.23 -3.94
N ILE A 154 -15.65 21.65 -3.98
CA ILE A 154 -15.01 21.39 -5.27
C ILE A 154 -15.80 20.37 -6.08
N TYR A 155 -16.25 19.30 -5.43
CA TYR A 155 -17.07 18.31 -6.13
C TYR A 155 -18.42 18.89 -6.51
N ALA A 156 -19.03 19.69 -5.64
CA ALA A 156 -20.30 20.32 -5.97
C ALA A 156 -20.16 21.28 -7.15
N LYS A 157 -19.01 21.94 -7.26
CA LYS A 157 -18.80 22.86 -8.37
C LYS A 157 -18.75 22.13 -9.71
N HIS A 158 -18.05 21.00 -9.77
CA HIS A 158 -17.79 20.33 -11.02
C HIS A 158 -18.77 19.20 -11.34
N THR A 159 -19.48 18.64 -10.36
CA THR A 159 -20.52 17.63 -10.65
C THR A 159 -21.89 18.29 -10.71
N LYS A 160 -21.96 19.54 -10.33
CA LYS A 160 -23.21 20.30 -10.41
C LYS A 160 -24.24 19.70 -9.51
N GLN A 161 -23.80 18.87 -8.58
CA GLN A 161 -24.72 18.33 -7.62
C GLN A 161 -24.77 19.31 -6.50
N SER A 162 -25.43 18.91 -5.44
CA SER A 162 -25.56 19.75 -4.28
C SER A 162 -24.65 19.26 -3.21
N LEU A 163 -24.40 20.10 -2.25
CA LEU A 163 -23.47 19.76 -1.21
C LEU A 163 -24.01 18.58 -0.43
N GLN A 164 -25.29 18.54 -0.22
CA GLN A 164 -25.81 17.49 0.58
C GLN A 164 -25.58 16.22 -0.14
N VAL A 165 -25.90 16.18 -1.42
CA VAL A 165 -25.74 14.99 -2.20
C VAL A 165 -24.29 14.56 -2.11
N ILE A 166 -23.37 15.49 -2.29
CA ILE A 166 -21.98 15.15 -2.28
C ILE A 166 -21.58 14.52 -0.96
N GLU A 167 -21.94 15.13 0.15
CA GLU A 167 -21.65 14.57 1.44
C GLU A 167 -22.19 13.18 1.63
N SER A 168 -23.45 13.00 1.27
CA SER A 168 -24.07 11.72 1.43
C SER A 168 -23.40 10.64 0.64
N ALA A 169 -23.00 10.98 -0.57
CA ALA A 169 -22.43 9.96 -1.42
C ALA A 169 -21.05 9.66 -0.98
N MET A 170 -20.39 10.64 -0.43
CA MET A 170 -19.06 10.44 0.09
C MET A 170 -19.09 9.56 1.33
N GLU A 171 -20.22 9.55 2.01
CA GLU A 171 -20.37 8.64 3.16
C GLU A 171 -20.47 7.15 2.83
N ARG A 172 -20.71 6.75 1.58
CA ARG A 172 -20.83 5.36 1.18
C ARG A 172 -19.47 4.85 0.71
N ASP A 173 -19.00 3.77 1.32
CA ASP A 173 -17.73 3.13 0.95
C ASP A 173 -18.01 2.17 -0.19
N ARG A 174 -17.97 2.70 -1.42
CA ARG A 174 -18.23 1.88 -2.59
C ARG A 174 -17.63 2.57 -3.82
N TYR A 175 -17.59 1.83 -4.92
CA TYR A 175 -17.08 2.33 -6.19
C TYR A 175 -18.22 2.52 -7.19
N MET A 176 -18.04 3.48 -8.09
CA MET A 176 -18.99 3.73 -9.17
C MET A 176 -18.45 3.17 -10.47
N SER A 177 -19.36 2.62 -11.28
CA SER A 177 -19.02 2.31 -12.65
C SER A 177 -18.93 3.60 -13.46
N PRO A 178 -18.27 3.57 -14.62
CA PRO A 178 -18.22 4.77 -15.47
C PRO A 178 -19.60 5.34 -15.79
N MET A 179 -20.56 4.45 -16.12
CA MET A 179 -21.93 4.89 -16.35
C MET A 179 -22.47 5.64 -15.14
N GLU A 180 -22.36 5.04 -13.97
CA GLU A 180 -22.89 5.65 -12.75
C GLU A 180 -22.19 6.97 -12.43
N ALA A 181 -20.88 7.03 -12.65
CA ALA A 181 -20.15 8.26 -12.40
C ALA A 181 -20.45 9.32 -13.44
N GLN A 182 -20.93 8.94 -14.63
CA GLN A 182 -21.34 9.93 -15.61
C GLN A 182 -22.66 10.57 -15.21
N GLU A 183 -23.59 9.79 -14.64
CA GLU A 183 -24.84 10.34 -14.16
C GLU A 183 -24.66 11.20 -12.92
N PHE A 184 -23.59 10.98 -12.16
CA PHE A 184 -23.35 11.81 -10.97
C PHE A 184 -22.67 13.12 -11.32
N GLY A 185 -21.97 13.19 -12.45
CA GLY A 185 -21.30 14.41 -12.88
C GLY A 185 -19.79 14.38 -12.79
N ILE A 186 -19.19 13.26 -12.42
CA ILE A 186 -17.73 13.20 -12.35
C ILE A 186 -17.12 13.24 -13.74
N LEU A 187 -17.78 12.64 -14.74
CA LEU A 187 -17.20 12.60 -16.08
C LEU A 187 -18.32 12.70 -17.11
N ASP A 188 -17.90 12.78 -18.38
CA ASP A 188 -18.78 13.17 -19.48
C ASP A 188 -18.90 12.15 -20.59
N LYS A 189 -17.85 11.39 -20.89
CA LYS A 189 -17.88 10.41 -21.96
C LYS A 189 -17.31 9.10 -21.46
N VAL A 190 -17.94 8.00 -21.83
CA VAL A 190 -17.39 6.67 -21.57
C VAL A 190 -17.05 6.11 -22.95
N LEU A 191 -15.81 6.29 -23.38
CA LEU A 191 -15.44 5.99 -24.76
C LEU A 191 -14.90 4.56 -24.83
N VAL A 192 -15.60 3.71 -25.60
CA VAL A 192 -15.10 2.36 -25.86
C VAL A 192 -14.10 2.39 -27.01
N HIS A 193 -14.25 3.35 -27.92
CA HIS A 193 -13.56 3.40 -29.20
C HIS A 193 -13.42 4.87 -29.58
N PRO A 194 -12.47 5.22 -30.46
CA PRO A 194 -12.32 6.62 -30.86
C PRO A 194 -13.58 7.23 -31.47
N LEU B 4 23.10 -7.15 -16.91
CA LEU B 4 22.11 -6.10 -17.10
C LEU B 4 21.31 -6.32 -18.38
N ILE B 5 20.92 -5.21 -19.01
CA ILE B 5 20.18 -5.26 -20.27
C ILE B 5 21.18 -5.17 -21.42
N PRO B 6 21.12 -6.05 -22.40
CA PRO B 6 22.04 -5.97 -23.54
C PRO B 6 21.63 -4.86 -24.50
N ILE B 7 22.59 -4.45 -25.31
CA ILE B 7 22.41 -3.37 -26.28
C ILE B 7 22.62 -3.94 -27.68
N VAL B 8 21.64 -3.71 -28.55
CA VAL B 8 21.78 -4.02 -29.97
C VAL B 8 21.84 -2.70 -30.72
N VAL B 9 22.70 -2.64 -31.73
CA VAL B 9 22.90 -1.44 -32.54
C VAL B 9 22.45 -1.73 -33.96
N GLU B 10 21.70 -0.80 -34.54
CA GLU B 10 21.22 -0.94 -35.90
C GLU B 10 22.09 -0.13 -36.85
N GLU B 16 23.38 5.35 -37.10
CA GLU B 16 23.26 4.07 -36.39
C GLU B 16 22.89 4.30 -34.93
N ARG B 17 21.71 3.84 -34.54
CA ARG B 17 21.20 4.00 -33.19
C ARG B 17 21.43 2.74 -32.37
N ALA B 18 21.56 2.92 -31.06
CA ALA B 18 21.75 1.83 -30.11
C ALA B 18 20.51 1.70 -29.24
N TYR B 19 20.01 0.49 -29.10
CA TYR B 19 18.77 0.22 -28.37
C TYR B 19 18.99 -0.82 -27.29
N ASP B 20 18.30 -0.65 -26.18
CA ASP B 20 18.05 -1.79 -25.30
C ASP B 20 17.17 -2.78 -26.02
N ILE B 21 17.37 -4.07 -25.73
CA ILE B 21 16.72 -5.11 -26.53
C ILE B 21 15.21 -5.07 -26.41
N TYR B 22 14.67 -4.50 -25.33
CA TYR B 22 13.23 -4.40 -25.21
C TYR B 22 12.67 -3.31 -26.12
N SER B 23 13.32 -2.15 -26.14
CA SER B 23 12.96 -1.12 -27.10
C SER B 23 13.07 -1.64 -28.53
N ARG B 24 14.10 -2.46 -28.79
CA ARG B 24 14.25 -3.07 -30.12
C ARG B 24 13.08 -4.01 -30.42
N LEU B 25 12.57 -4.71 -29.40
CA LEU B 25 11.36 -5.49 -29.61
C LEU B 25 10.16 -4.58 -29.82
N LEU B 26 10.07 -3.49 -29.04
CA LEU B 26 9.03 -2.49 -29.27
C LEU B 26 9.16 -1.87 -30.65
N ARG B 27 10.36 -1.83 -31.21
CA ARG B 27 10.56 -1.36 -32.57
C ARG B 27 9.69 -2.15 -33.55
N GLU B 28 9.71 -3.48 -33.42
CA GLU B 28 8.97 -4.38 -34.29
C GLU B 28 7.50 -4.52 -33.89
N ARG B 29 6.99 -3.59 -33.09
CA ARG B 29 5.61 -3.62 -32.59
C ARG B 29 5.38 -4.87 -31.72
N ILE B 30 6.29 -5.09 -30.77
CA ILE B 30 6.20 -6.20 -29.83
C ILE B 30 6.19 -5.62 -28.43
N VAL B 31 5.07 -5.80 -27.72
CA VAL B 31 4.92 -5.34 -26.35
C VAL B 31 5.04 -6.54 -25.42
N CYS B 32 5.99 -6.48 -24.49
CA CYS B 32 6.22 -7.56 -23.56
C CYS B 32 5.45 -7.34 -22.27
N VAL B 33 4.70 -8.36 -21.86
CA VAL B 33 4.02 -8.34 -20.56
C VAL B 33 4.53 -9.54 -19.77
N MET B 34 5.79 -9.47 -19.33
CA MET B 34 6.43 -10.54 -18.58
C MET B 34 6.41 -10.18 -17.10
N GLY B 35 5.77 -11.02 -16.29
CA GLY B 35 5.79 -10.83 -14.86
C GLY B 35 4.48 -10.29 -14.31
N PRO B 36 4.46 -9.99 -13.01
CA PRO B 36 3.23 -9.53 -12.37
C PRO B 36 2.71 -8.23 -12.97
N ILE B 37 1.40 -8.04 -12.88
CA ILE B 37 0.72 -6.88 -13.43
C ILE B 37 0.36 -5.94 -12.29
N ASP B 38 0.96 -4.75 -12.29
CA ASP B 38 0.63 -3.71 -11.32
C ASP B 38 0.52 -2.38 -12.05
N ASP B 39 0.24 -1.32 -11.28
CA ASP B 39 -0.07 -0.02 -11.88
C ASP B 39 1.07 0.50 -12.74
N SER B 40 2.31 0.19 -12.38
CA SER B 40 3.44 0.72 -13.14
C SER B 40 3.55 0.06 -14.51
N VAL B 41 3.37 -1.26 -14.59
CA VAL B 41 3.49 -1.94 -15.87
C VAL B 41 2.27 -1.68 -16.75
N ALA B 42 1.10 -1.46 -16.15
CA ALA B 42 -0.07 -1.10 -16.95
C ALA B 42 0.16 0.23 -17.66
N SER B 43 0.73 1.21 -16.94
CA SER B 43 1.08 2.48 -17.57
C SER B 43 2.10 2.28 -18.68
N LEU B 44 3.12 1.45 -18.44
CA LEU B 44 4.19 1.31 -19.41
C LEU B 44 3.74 0.53 -20.65
N VAL B 45 2.77 -0.38 -20.49
CA VAL B 45 2.24 -1.10 -21.64
C VAL B 45 1.23 -0.26 -22.40
N ILE B 46 0.36 0.48 -21.67
CA ILE B 46 -0.62 1.34 -22.32
C ILE B 46 0.07 2.38 -23.18
N ALA B 47 1.11 3.01 -22.64
CA ALA B 47 1.87 4.00 -23.42
C ALA B 47 2.46 3.37 -24.68
N GLN B 48 2.95 2.13 -24.57
CA GLN B 48 3.50 1.45 -25.74
C GLN B 48 2.43 1.21 -26.79
N LEU B 49 1.26 0.72 -26.38
CA LEU B 49 0.19 0.46 -27.33
C LEU B 49 -0.31 1.76 -27.96
N LEU B 50 -0.58 2.77 -27.14
CA LEU B 50 -1.02 4.06 -27.65
C LEU B 50 0.00 4.63 -28.63
N PHE B 51 1.28 4.52 -28.31
CA PHE B 51 2.32 4.98 -29.23
C PHE B 51 2.33 4.15 -30.50
N LEU B 52 2.23 2.82 -30.37
CA LEU B 52 2.32 1.96 -31.55
C LEU B 52 1.13 2.16 -32.48
N GLN B 53 -0.03 2.57 -31.94
CA GLN B 53 -1.12 2.97 -32.82
C GLN B 53 -0.80 4.27 -33.54
N SER B 54 -0.14 5.20 -32.85
CA SER B 54 0.31 6.43 -33.49
C SER B 54 1.21 6.14 -34.68
N GLU B 55 2.12 5.17 -34.53
CA GLU B 55 2.97 4.76 -35.64
C GLU B 55 2.11 4.28 -36.82
N SER B 56 1.16 3.40 -36.55
CA SER B 56 0.23 2.94 -37.58
C SER B 56 -0.97 2.24 -36.94
N ASN B 57 -2.17 2.71 -37.23
CA ASN B 57 -3.40 2.10 -36.75
C ASN B 57 -3.92 1.00 -37.66
N LYS B 58 -3.08 0.52 -38.58
CA LYS B 58 -3.41 -0.61 -39.44
C LYS B 58 -2.51 -1.81 -39.22
N LYS B 59 -1.22 -1.58 -38.97
CA LYS B 59 -0.29 -2.67 -38.74
C LYS B 59 -0.63 -3.39 -37.43
N PRO B 60 -0.59 -4.71 -37.41
CA PRO B 60 -0.88 -5.45 -36.17
C PRO B 60 0.21 -5.24 -35.13
N ILE B 61 -0.20 -5.33 -33.87
CA ILE B 61 0.69 -5.23 -32.71
C ILE B 61 0.73 -6.59 -32.01
N HIS B 62 1.93 -7.03 -31.66
CA HIS B 62 2.13 -8.33 -31.05
C HIS B 62 2.41 -8.17 -29.56
N MET B 63 1.73 -8.98 -28.74
CA MET B 63 1.76 -8.82 -27.30
C MET B 63 2.17 -10.15 -26.66
N TYR B 64 3.30 -10.13 -25.95
CA TYR B 64 3.89 -11.31 -25.33
C TYR B 64 3.45 -11.37 -23.87
N ILE B 65 2.91 -12.52 -23.47
CA ILE B 65 2.33 -12.68 -22.14
C ILE B 65 2.99 -13.86 -21.44
N ASN B 66 3.77 -13.57 -20.39
CA ASN B 66 4.28 -14.58 -19.45
C ASN B 66 4.08 -13.95 -18.07
N SER B 67 2.85 -14.06 -17.55
CA SER B 67 2.48 -13.37 -16.33
C SER B 67 1.67 -14.27 -15.41
N PRO B 68 1.89 -14.17 -14.10
CA PRO B 68 1.03 -14.87 -13.13
C PRO B 68 -0.22 -14.08 -12.72
N GLY B 69 -0.53 -12.98 -13.39
CA GLY B 69 -1.65 -12.15 -13.01
C GLY B 69 -1.23 -10.90 -12.26
N GLY B 70 -2.10 -10.39 -11.39
CA GLY B 70 -1.72 -9.24 -10.58
C GLY B 70 -2.95 -8.43 -10.20
N VAL B 71 -2.73 -7.13 -10.02
CA VAL B 71 -3.81 -6.21 -9.68
C VAL B 71 -4.87 -6.25 -10.77
N VAL B 72 -6.13 -6.25 -10.36
CA VAL B 72 -7.22 -6.43 -11.31
C VAL B 72 -7.47 -5.17 -12.12
N THR B 73 -7.55 -4.02 -11.45
CA THR B 73 -7.81 -2.77 -12.17
C THR B 73 -6.68 -2.42 -13.13
N ALA B 74 -5.46 -2.86 -12.82
CA ALA B 74 -4.36 -2.68 -13.77
C ALA B 74 -4.56 -3.54 -15.01
N GLY B 75 -5.06 -4.76 -14.83
CA GLY B 75 -5.36 -5.60 -15.99
C GLY B 75 -6.52 -5.08 -16.80
N LEU B 76 -7.57 -4.59 -16.12
CA LEU B 76 -8.71 -4.01 -16.82
C LEU B 76 -8.30 -2.76 -17.60
N ALA B 77 -7.28 -2.04 -17.13
CA ALA B 77 -6.80 -0.87 -17.86
C ALA B 77 -6.00 -1.25 -19.09
N ILE B 78 -5.28 -2.37 -19.04
CA ILE B 78 -4.59 -2.86 -20.24
C ILE B 78 -5.60 -3.47 -21.20
N TYR B 79 -6.63 -4.13 -20.68
CA TYR B 79 -7.68 -4.67 -21.53
C TYR B 79 -8.47 -3.56 -22.20
N ASP B 80 -8.92 -2.57 -21.43
CA ASP B 80 -9.67 -1.45 -22.00
C ASP B 80 -8.88 -0.75 -23.10
N THR B 81 -7.57 -0.61 -22.92
CA THR B 81 -6.76 0.04 -23.94
C THR B 81 -6.60 -0.85 -25.17
N MET B 82 -6.50 -2.17 -24.97
CA MET B 82 -6.39 -3.09 -26.09
C MET B 82 -7.60 -2.97 -27.01
N GLN B 83 -8.81 -2.88 -26.43
CA GLN B 83 -10.01 -2.75 -27.23
C GLN B 83 -10.18 -1.35 -27.80
N TYR B 84 -9.58 -0.33 -27.18
CA TYR B 84 -9.74 1.02 -27.68
C TYR B 84 -9.01 1.21 -29.00
N ILE B 85 -7.74 0.78 -29.07
CA ILE B 85 -6.94 1.04 -30.25
C ILE B 85 -7.41 0.18 -31.42
N LEU B 86 -7.26 0.72 -32.63
CA LEU B 86 -7.85 0.11 -33.82
C LEU B 86 -7.02 -1.03 -34.38
N ASN B 87 -5.74 -1.11 -34.05
CA ASN B 87 -4.90 -2.17 -34.59
C ASN B 87 -5.44 -3.53 -34.16
N PRO B 88 -5.31 -4.56 -35.00
CA PRO B 88 -5.49 -5.92 -34.50
C PRO B 88 -4.35 -6.29 -33.56
N ILE B 89 -4.69 -6.99 -32.48
CA ILE B 89 -3.73 -7.34 -31.44
C ILE B 89 -3.58 -8.85 -31.41
N CYS B 90 -2.35 -9.33 -31.65
CA CYS B 90 -2.02 -10.73 -31.54
C CYS B 90 -1.40 -10.98 -30.17
N THR B 91 -2.04 -11.85 -29.39
CA THR B 91 -1.54 -12.23 -28.07
C THR B 91 -0.80 -13.56 -28.16
N TRP B 92 0.31 -13.65 -27.45
CA TRP B 92 1.18 -14.82 -27.50
C TRP B 92 1.50 -15.24 -26.07
N CYS B 93 0.99 -16.39 -25.65
CA CYS B 93 1.24 -16.92 -24.31
C CYS B 93 2.45 -17.83 -24.35
N VAL B 94 3.55 -17.39 -23.75
CA VAL B 94 4.73 -18.21 -23.54
C VAL B 94 4.94 -18.35 -22.04
N GLY B 95 5.35 -19.54 -21.62
CA GLY B 95 5.53 -19.80 -20.20
C GLY B 95 4.22 -20.08 -19.48
N GLN B 96 3.52 -19.03 -19.06
CA GLN B 96 2.24 -19.19 -18.38
C GLN B 96 1.41 -17.92 -18.55
N ALA B 97 0.10 -18.09 -18.40
CA ALA B 97 -0.84 -16.97 -18.38
C ALA B 97 -1.92 -17.32 -17.36
N ALA B 98 -1.81 -16.76 -16.16
CA ALA B 98 -2.69 -17.08 -15.05
C ALA B 98 -3.35 -15.82 -14.52
N SER B 99 -4.59 -15.97 -14.06
CA SER B 99 -5.39 -14.88 -13.50
C SER B 99 -5.54 -13.79 -14.56
N MET B 100 -5.20 -12.52 -14.27
CA MET B 100 -5.46 -11.44 -15.21
C MET B 100 -4.71 -11.62 -16.53
N GLY B 101 -3.55 -12.29 -16.48
CA GLY B 101 -2.78 -12.47 -17.71
C GLY B 101 -3.53 -13.26 -18.76
N SER B 102 -4.26 -14.29 -18.35
CA SER B 102 -5.04 -15.08 -19.30
C SER B 102 -6.22 -14.30 -19.85
N LEU B 103 -6.70 -13.28 -19.13
CA LEU B 103 -7.73 -12.41 -19.70
C LEU B 103 -7.16 -11.52 -20.80
N LEU B 104 -5.93 -11.04 -20.61
CA LEU B 104 -5.26 -10.32 -21.69
C LEU B 104 -4.97 -11.26 -22.86
N LEU B 105 -4.60 -12.50 -22.56
CA LEU B 105 -4.37 -13.49 -23.62
C LEU B 105 -5.65 -13.77 -24.39
N ALA B 106 -6.76 -13.95 -23.68
CA ALA B 106 -8.03 -14.21 -24.35
C ALA B 106 -8.59 -12.98 -25.05
N ALA B 107 -8.09 -11.79 -24.72
CA ALA B 107 -8.62 -10.55 -25.27
C ALA B 107 -8.00 -10.17 -26.60
N GLY B 108 -7.19 -11.04 -27.19
CA GLY B 108 -6.63 -10.76 -28.49
C GLY B 108 -7.69 -10.74 -29.58
N THR B 109 -7.26 -10.28 -30.76
CA THR B 109 -8.16 -10.25 -31.90
C THR B 109 -8.53 -11.67 -32.32
N PRO B 110 -9.81 -11.93 -32.60
CA PRO B 110 -10.23 -13.30 -32.94
C PRO B 110 -9.42 -13.90 -34.08
N GLY B 111 -8.94 -15.12 -33.86
CA GLY B 111 -8.06 -15.78 -34.80
C GLY B 111 -6.60 -15.48 -34.63
N MET B 112 -6.24 -14.61 -33.68
CA MET B 112 -4.86 -14.16 -33.51
C MET B 112 -4.34 -14.37 -32.09
N ARG B 113 -4.98 -15.24 -31.30
CA ARG B 113 -4.55 -15.53 -29.94
C ARG B 113 -3.81 -16.86 -29.95
N HIS B 114 -2.53 -16.83 -29.68
CA HIS B 114 -1.76 -18.04 -29.73
C HIS B 114 -1.09 -18.34 -28.45
N SER B 115 -0.63 -19.58 -28.29
CA SER B 115 0.15 -19.98 -27.12
C SER B 115 1.22 -20.96 -27.49
N LEU B 116 2.31 -20.93 -26.73
CA LEU B 116 3.35 -21.93 -26.97
C LEU B 116 2.99 -23.26 -26.29
N PRO B 117 3.62 -24.35 -26.75
CA PRO B 117 3.34 -25.67 -26.18
C PRO B 117 3.38 -25.65 -24.66
N ASN B 118 4.54 -25.32 -24.09
CA ASN B 118 4.69 -25.31 -22.64
C ASN B 118 4.18 -24.01 -22.07
N SER B 119 2.97 -23.62 -22.46
CA SER B 119 2.39 -22.39 -21.96
C SER B 119 1.15 -22.69 -21.13
N ARG B 120 1.24 -22.63 -19.80
CA ARG B 120 0.10 -22.89 -18.91
C ARG B 120 -0.92 -21.77 -18.81
N ILE B 121 -2.19 -22.10 -18.82
CA ILE B 121 -3.29 -21.14 -18.83
C ILE B 121 -4.18 -21.33 -17.61
N MET B 122 -4.59 -20.23 -16.98
CA MET B 122 -5.43 -20.33 -15.78
C MET B 122 -6.36 -19.14 -15.65
N ILE B 123 -7.65 -19.40 -15.58
CA ILE B 123 -8.61 -18.32 -15.40
C ILE B 123 -9.04 -18.16 -13.95
N HIS B 124 -8.80 -19.16 -13.10
CA HIS B 124 -9.12 -19.07 -11.68
C HIS B 124 -8.41 -17.88 -11.05
N GLN B 125 -9.09 -17.24 -10.10
CA GLN B 125 -8.51 -16.05 -9.49
C GLN B 125 -7.83 -16.39 -8.17
N PRO B 126 -6.67 -15.81 -7.89
CA PRO B 126 -6.01 -16.04 -6.60
C PRO B 126 -6.80 -15.39 -5.47
N SER B 127 -6.83 -16.07 -4.32
CA SER B 127 -7.56 -15.58 -3.17
C SER B 127 -6.66 -14.73 -2.27
N ILE B 137 -6.89 -0.15 -2.86
CA ILE B 137 -6.30 -0.95 -1.78
C ILE B 137 -7.35 -1.86 -1.16
N ALA B 138 -7.76 -1.53 0.06
CA ALA B 138 -8.76 -2.31 0.77
C ALA B 138 -10.16 -1.90 0.31
N ILE B 139 -11.04 -2.88 0.16
CA ILE B 139 -12.35 -2.67 -0.43
C ILE B 139 -13.42 -3.33 0.42
N GLN B 140 -14.66 -2.93 0.18
CA GLN B 140 -15.79 -3.63 0.76
C GLN B 140 -15.96 -4.99 0.07
N ALA B 141 -16.75 -5.85 0.71
CA ALA B 141 -17.08 -7.12 0.09
C ALA B 141 -17.87 -6.91 -1.20
N GLU B 142 -18.82 -5.96 -1.19
CA GLU B 142 -19.64 -5.71 -2.38
C GLU B 142 -18.79 -5.35 -3.59
N GLU B 143 -17.63 -4.73 -3.37
CA GLU B 143 -16.81 -4.28 -4.48
C GLU B 143 -16.00 -5.41 -5.10
N ILE B 144 -15.57 -6.39 -4.31
CA ILE B 144 -14.85 -7.52 -4.89
C ILE B 144 -15.77 -8.37 -5.75
N MET B 145 -17.05 -8.45 -5.38
CA MET B 145 -17.99 -9.24 -6.18
C MET B 145 -18.35 -8.52 -7.48
N LYS B 146 -18.40 -7.18 -7.45
CA LYS B 146 -18.64 -6.43 -8.68
C LYS B 146 -17.52 -6.64 -9.69
N LEU B 147 -16.27 -6.71 -9.20
CA LEU B 147 -15.14 -6.91 -10.10
C LEU B 147 -15.12 -8.32 -10.65
N LYS B 148 -15.46 -9.31 -9.83
CA LYS B 148 -15.47 -10.70 -10.30
C LYS B 148 -16.44 -10.88 -11.44
N LYS B 149 -17.60 -10.24 -11.35
CA LYS B 149 -18.61 -10.35 -12.39
C LYS B 149 -18.21 -9.57 -13.64
N GLN B 150 -17.43 -8.50 -13.46
CA GLN B 150 -16.84 -7.80 -14.60
C GLN B 150 -15.94 -8.73 -15.41
N LEU B 151 -15.18 -9.58 -14.71
CA LEU B 151 -14.36 -10.57 -15.42
C LEU B 151 -15.25 -11.66 -16.02
N TYR B 152 -16.33 -12.03 -15.32
CA TYR B 152 -17.28 -13.02 -15.85
C TYR B 152 -17.78 -12.61 -17.23
N ASN B 153 -18.02 -11.32 -17.43
CA ASN B 153 -18.55 -10.84 -18.70
C ASN B 153 -17.46 -10.75 -19.76
N ILE B 154 -16.25 -10.34 -19.38
CA ILE B 154 -15.16 -10.24 -20.35
C ILE B 154 -14.79 -11.61 -20.89
N TYR B 155 -14.59 -12.58 -19.99
CA TYR B 155 -14.23 -13.93 -20.42
C TYR B 155 -15.29 -14.53 -21.32
N ALA B 156 -16.57 -14.37 -20.96
CA ALA B 156 -17.64 -14.93 -21.77
C ALA B 156 -17.70 -14.30 -23.15
N LYS B 157 -17.32 -13.02 -23.26
CA LYS B 157 -17.42 -12.33 -24.54
C LYS B 157 -16.38 -12.85 -25.54
N HIS B 158 -15.18 -13.17 -25.06
CA HIS B 158 -14.10 -13.59 -25.95
C HIS B 158 -14.03 -15.10 -26.12
N THR B 159 -14.37 -15.88 -25.08
CA THR B 159 -14.40 -17.33 -25.20
C THR B 159 -15.70 -17.84 -25.78
N LYS B 160 -16.73 -16.99 -25.87
CA LYS B 160 -18.06 -17.31 -26.39
C LYS B 160 -18.82 -18.28 -25.50
N GLN B 161 -18.30 -18.61 -24.31
CA GLN B 161 -19.01 -19.47 -23.40
C GLN B 161 -20.07 -18.68 -22.64
N SER B 162 -20.86 -19.38 -21.84
CA SER B 162 -21.91 -18.75 -21.05
C SER B 162 -21.39 -18.33 -19.68
N LEU B 163 -22.11 -17.41 -19.05
CA LEU B 163 -21.78 -17.03 -17.68
C LEU B 163 -21.71 -18.25 -16.77
N GLN B 164 -22.69 -19.16 -16.91
CA GLN B 164 -22.71 -20.37 -16.09
C GLN B 164 -21.42 -21.16 -16.24
N VAL B 165 -20.97 -21.36 -17.48
CA VAL B 165 -19.72 -22.08 -17.72
C VAL B 165 -18.55 -21.29 -17.18
N ILE B 166 -18.57 -19.97 -17.36
CA ILE B 166 -17.41 -19.15 -17.00
C ILE B 166 -17.26 -19.06 -15.47
N GLU B 167 -18.37 -19.03 -14.74
CA GLU B 167 -18.27 -19.05 -13.28
C GLU B 167 -17.76 -20.41 -12.78
N SER B 168 -18.33 -21.49 -13.30
CA SER B 168 -17.97 -22.82 -12.82
C SER B 168 -16.50 -23.13 -13.09
N ALA B 169 -16.01 -22.78 -14.29
CA ALA B 169 -14.63 -23.05 -14.63
C ALA B 169 -13.67 -22.30 -13.70
N MET B 170 -13.94 -21.01 -13.49
CA MET B 170 -13.07 -20.21 -12.63
C MET B 170 -13.19 -20.59 -11.16
N GLU B 171 -14.15 -21.44 -10.82
CA GLU B 171 -14.25 -22.00 -9.47
C GLU B 171 -13.17 -23.04 -9.20
N ARG B 172 -12.60 -23.63 -10.26
CA ARG B 172 -11.63 -24.71 -10.13
C ARG B 172 -10.21 -24.13 -10.10
N ASP B 173 -9.44 -24.54 -9.10
CA ASP B 173 -8.03 -24.13 -8.97
C ASP B 173 -7.17 -25.11 -9.78
N ARG B 174 -7.15 -24.88 -11.09
CA ARG B 174 -6.38 -25.75 -11.98
C ARG B 174 -5.90 -24.97 -13.18
N TYR B 175 -4.91 -25.55 -13.86
CA TYR B 175 -4.35 -24.96 -15.06
C TYR B 175 -4.82 -25.72 -16.31
N MET B 176 -4.88 -25.01 -17.43
CA MET B 176 -5.25 -25.58 -18.71
C MET B 176 -4.03 -25.73 -19.60
N SER B 177 -4.04 -26.78 -20.42
CA SER B 177 -3.07 -26.88 -21.49
C SER B 177 -3.49 -25.96 -22.64
N PRO B 178 -2.58 -25.62 -23.54
CA PRO B 178 -2.95 -24.73 -24.66
C PRO B 178 -4.14 -25.26 -25.46
N MET B 179 -4.18 -26.54 -25.74
CA MET B 179 -5.26 -27.12 -26.52
C MET B 179 -6.55 -27.16 -25.75
N GLU B 180 -6.45 -27.31 -24.44
CA GLU B 180 -7.62 -27.32 -23.59
C GLU B 180 -8.12 -25.92 -23.52
N ALA B 181 -7.23 -24.96 -23.61
CA ALA B 181 -7.69 -23.58 -23.68
C ALA B 181 -8.28 -23.24 -25.04
N GLN B 182 -7.69 -23.77 -26.12
CA GLN B 182 -8.28 -23.59 -27.44
C GLN B 182 -9.68 -24.20 -27.49
N GLU B 183 -9.83 -25.42 -26.97
CA GLU B 183 -11.14 -26.04 -26.85
C GLU B 183 -12.09 -25.19 -25.99
N PHE B 184 -11.54 -24.40 -25.08
CA PHE B 184 -12.34 -23.56 -24.21
C PHE B 184 -12.70 -22.22 -24.83
N GLY B 185 -11.89 -21.73 -25.77
CA GLY B 185 -12.09 -20.43 -26.38
C GLY B 185 -11.15 -19.34 -25.92
N ILE B 186 -10.09 -19.68 -25.18
CA ILE B 186 -9.15 -18.68 -24.71
C ILE B 186 -8.13 -18.34 -25.78
N LEU B 187 -7.73 -19.31 -26.60
CA LEU B 187 -6.76 -19.09 -27.66
C LEU B 187 -7.19 -19.83 -28.91
N ASP B 188 -6.54 -19.51 -30.03
CA ASP B 188 -6.96 -19.99 -31.33
C ASP B 188 -5.94 -20.85 -32.07
N LYS B 189 -4.66 -20.75 -31.72
CA LYS B 189 -3.63 -21.53 -32.40
C LYS B 189 -2.57 -21.95 -31.41
N VAL B 190 -2.30 -23.25 -31.35
CA VAL B 190 -1.19 -23.81 -30.59
C VAL B 190 -0.10 -24.14 -31.60
N LEU B 191 0.91 -23.29 -31.70
CA LEU B 191 1.97 -23.46 -32.68
C LEU B 191 3.20 -24.13 -32.08
N VAL B 192 3.76 -25.06 -32.83
CA VAL B 192 5.08 -25.60 -32.53
C VAL B 192 6.17 -24.81 -33.23
N HIS B 193 5.88 -24.36 -34.45
CA HIS B 193 6.83 -23.57 -35.23
C HIS B 193 6.15 -22.36 -35.85
N LEU C 4 -3.38 -13.82 30.85
CA LEU C 4 -4.70 -13.32 30.49
C LEU C 4 -5.73 -14.45 30.40
N ILE C 5 -5.39 -15.59 30.99
CA ILE C 5 -6.25 -16.76 30.99
C ILE C 5 -6.89 -16.88 32.38
N PRO C 6 -8.22 -16.90 32.47
CA PRO C 6 -8.86 -16.91 33.78
C PRO C 6 -8.76 -18.27 34.44
N ILE C 7 -8.91 -18.27 35.76
CA ILE C 7 -8.97 -19.49 36.55
C ILE C 7 -10.38 -19.64 37.10
N VAL C 8 -10.79 -20.90 37.26
CA VAL C 8 -12.09 -21.24 37.84
C VAL C 8 -11.84 -22.19 39.00
N VAL C 9 -12.85 -22.32 39.87
CA VAL C 9 -12.70 -23.14 41.06
C VAL C 9 -13.75 -24.24 41.04
N GLU C 10 -13.47 -25.30 41.78
CA GLU C 10 -14.30 -26.49 41.73
C GLU C 10 -14.52 -27.09 43.12
N ARG C 17 -8.46 -27.51 43.82
CA ARG C 17 -9.78 -26.92 43.65
C ARG C 17 -9.74 -25.66 42.80
N ALA C 18 -8.63 -25.48 42.07
CA ALA C 18 -8.44 -24.32 41.22
C ALA C 18 -7.81 -24.75 39.90
N TYR C 19 -8.42 -24.36 38.80
CA TYR C 19 -7.96 -24.69 37.46
C TYR C 19 -7.91 -23.43 36.61
N ASP C 20 -6.91 -23.32 35.74
CA ASP C 20 -7.08 -22.44 34.60
C ASP C 20 -8.20 -23.02 33.74
N ILE C 21 -8.93 -22.12 33.07
CA ILE C 21 -10.20 -22.53 32.48
C ILE C 21 -10.02 -23.65 31.46
N TYR C 22 -8.86 -23.70 30.80
CA TYR C 22 -8.67 -24.72 29.77
C TYR C 22 -8.50 -26.11 30.39
N SER C 23 -7.66 -26.23 31.42
CA SER C 23 -7.55 -27.49 32.14
C SER C 23 -8.89 -27.90 32.73
N ARG C 24 -9.73 -26.92 33.09
CA ARG C 24 -11.08 -27.24 33.52
C ARG C 24 -11.86 -27.93 32.40
N LEU C 25 -11.68 -27.46 31.15
CA LEU C 25 -12.33 -28.11 30.02
C LEU C 25 -11.77 -29.50 29.79
N LEU C 26 -10.46 -29.67 29.92
CA LEU C 26 -9.86 -31.00 29.82
C LEU C 26 -10.38 -31.91 30.93
N ARG C 27 -10.70 -31.34 32.09
CA ARG C 27 -11.35 -32.14 33.13
C ARG C 27 -12.74 -32.58 32.70
N GLU C 28 -13.43 -31.76 31.91
CA GLU C 28 -14.74 -32.09 31.37
C GLU C 28 -14.66 -32.99 30.15
N ARG C 29 -13.48 -33.55 29.87
CA ARG C 29 -13.25 -34.42 28.72
C ARG C 29 -13.46 -33.68 27.40
N ILE C 30 -13.17 -32.39 27.39
CA ILE C 30 -13.23 -31.57 26.18
C ILE C 30 -11.80 -31.22 25.78
N VAL C 31 -11.48 -31.41 24.50
CA VAL C 31 -10.16 -31.15 23.95
C VAL C 31 -10.28 -30.09 22.89
N CYS C 32 -9.57 -28.98 23.06
CA CYS C 32 -9.68 -27.84 22.15
C CYS C 32 -8.69 -27.96 21.01
N VAL C 33 -9.17 -27.78 19.78
CA VAL C 33 -8.34 -27.73 18.59
C VAL C 33 -8.68 -26.46 17.84
N MET C 34 -8.19 -25.32 18.33
CA MET C 34 -8.49 -24.02 17.77
C MET C 34 -7.20 -23.33 17.35
N GLY C 35 -7.18 -22.84 16.11
CA GLY C 35 -5.98 -22.28 15.53
C GLY C 35 -5.37 -23.21 14.50
N PRO C 36 -4.28 -22.77 13.87
CA PRO C 36 -3.62 -23.63 12.88
C PRO C 36 -3.02 -24.87 13.53
N ILE C 37 -3.04 -25.97 12.78
CA ILE C 37 -2.61 -27.27 13.27
C ILE C 37 -1.16 -27.49 12.85
N ASP C 38 -0.28 -27.69 13.83
CA ASP C 38 1.11 -28.03 13.56
C ASP C 38 1.54 -29.12 14.54
N ASP C 39 2.83 -29.45 14.52
CA ASP C 39 3.32 -30.57 15.32
C ASP C 39 3.15 -30.32 16.81
N SER C 40 3.16 -29.06 17.25
CA SER C 40 2.95 -28.78 18.66
C SER C 40 1.49 -28.93 19.05
N VAL C 41 0.57 -28.47 18.20
CA VAL C 41 -0.84 -28.75 18.40
C VAL C 41 -1.10 -30.24 18.39
N ALA C 42 -0.51 -30.94 17.41
CA ALA C 42 -0.71 -32.38 17.30
C ALA C 42 -0.28 -33.11 18.57
N SER C 43 0.91 -32.80 19.07
CA SER C 43 1.41 -33.48 20.26
C SER C 43 0.51 -33.20 21.47
N LEU C 44 0.09 -31.94 21.64
CA LEU C 44 -0.75 -31.59 22.78
C LEU C 44 -2.13 -32.22 22.67
N VAL C 45 -2.70 -32.22 21.47
CA VAL C 45 -4.01 -32.84 21.28
C VAL C 45 -3.94 -34.34 21.52
N ILE C 46 -2.90 -34.99 20.99
CA ILE C 46 -2.75 -36.43 21.13
C ILE C 46 -2.58 -36.81 22.60
N ALA C 47 -1.78 -36.04 23.34
CA ALA C 47 -1.56 -36.34 24.75
C ALA C 47 -2.86 -36.23 25.55
N GLN C 48 -3.69 -35.24 25.22
CA GLN C 48 -4.97 -35.10 25.90
C GLN C 48 -5.91 -36.25 25.56
N LEU C 49 -5.90 -36.68 24.29
CA LEU C 49 -6.76 -37.80 23.88
C LEU C 49 -6.37 -39.07 24.61
N LEU C 50 -5.07 -39.37 24.65
CA LEU C 50 -4.61 -40.58 25.34
C LEU C 50 -4.85 -40.49 26.84
N PHE C 51 -4.69 -39.31 27.42
CA PHE C 51 -4.98 -39.13 28.84
C PHE C 51 -6.46 -39.36 29.14
N LEU C 52 -7.33 -38.86 28.27
CA LEU C 52 -8.77 -39.04 28.49
C LEU C 52 -9.19 -40.50 28.33
N GLN C 53 -8.48 -41.27 27.51
CA GLN C 53 -8.81 -42.68 27.35
C GLN C 53 -8.47 -43.47 28.61
N SER C 54 -7.33 -43.17 29.24
CA SER C 54 -6.93 -43.89 30.43
C SER C 54 -7.80 -43.54 31.64
N GLU C 55 -8.36 -42.33 31.66
CA GLU C 55 -9.32 -41.99 32.71
C GLU C 55 -10.61 -42.79 32.53
N SER C 56 -11.05 -42.96 31.29
CA SER C 56 -12.21 -43.76 30.96
C SER C 56 -12.24 -44.08 29.47
N ASN C 57 -12.21 -45.36 29.13
CA ASN C 57 -12.16 -45.79 27.73
C ASN C 57 -13.54 -45.90 27.08
N LYS C 58 -14.61 -45.55 27.79
CA LYS C 58 -15.94 -45.59 27.23
C LYS C 58 -16.72 -44.29 27.35
N LYS C 59 -16.38 -43.41 28.29
CA LYS C 59 -17.00 -42.10 28.35
C LYS C 59 -16.67 -41.32 27.08
N PRO C 60 -17.63 -40.61 26.49
CA PRO C 60 -17.35 -39.88 25.25
C PRO C 60 -16.34 -38.76 25.46
N ILE C 61 -15.61 -38.45 24.39
CA ILE C 61 -14.63 -37.37 24.35
C ILE C 61 -15.12 -36.33 23.35
N HIS C 62 -14.99 -35.06 23.70
CA HIS C 62 -15.48 -33.96 22.89
C HIS C 62 -14.31 -33.16 22.34
N MET C 63 -14.37 -32.85 21.03
CA MET C 63 -13.42 -31.96 20.37
C MET C 63 -14.13 -30.72 19.86
N TYR C 64 -13.51 -29.56 20.10
CA TYR C 64 -14.01 -28.27 19.62
C TYR C 64 -13.08 -27.81 18.50
N ILE C 65 -13.61 -27.76 17.28
CA ILE C 65 -12.80 -27.45 16.10
C ILE C 65 -13.12 -26.03 15.65
N ASN C 66 -12.08 -25.18 15.60
CA ASN C 66 -12.14 -23.83 15.05
C ASN C 66 -10.78 -23.60 14.39
N SER C 67 -10.58 -24.20 13.23
CA SER C 67 -9.26 -24.24 12.62
C SER C 67 -9.31 -23.92 11.14
N PRO C 68 -8.35 -23.14 10.63
CA PRO C 68 -8.19 -22.99 9.18
C PRO C 68 -7.39 -24.10 8.53
N GLY C 69 -6.92 -25.07 9.29
CA GLY C 69 -6.10 -26.14 8.77
C GLY C 69 -4.66 -26.06 9.28
N GLY C 70 -3.78 -26.72 8.55
CA GLY C 70 -2.36 -26.67 8.90
C GLY C 70 -1.58 -27.79 8.22
N VAL C 71 -0.50 -28.19 8.89
CA VAL C 71 0.36 -29.24 8.36
C VAL C 71 -0.43 -30.53 8.22
N VAL C 72 -0.19 -31.25 7.12
CA VAL C 72 -0.98 -32.44 6.84
C VAL C 72 -0.57 -33.60 7.75
N THR C 73 0.74 -33.79 7.95
CA THR C 73 1.20 -34.90 8.78
C THR C 73 0.77 -34.72 10.23
N ALA C 74 0.79 -33.48 10.71
CA ALA C 74 0.31 -33.22 12.06
C ALA C 74 -1.18 -33.54 12.18
N GLY C 75 -1.97 -33.11 11.20
CA GLY C 75 -3.38 -33.44 11.21
C GLY C 75 -3.63 -34.93 11.14
N LEU C 76 -2.83 -35.64 10.34
CA LEU C 76 -2.98 -37.10 10.25
C LEU C 76 -2.61 -37.77 11.56
N ALA C 77 -1.62 -37.22 12.28
CA ALA C 77 -1.27 -37.75 13.59
C ALA C 77 -2.45 -37.67 14.54
N ILE C 78 -3.25 -36.60 14.44
CA ILE C 78 -4.45 -36.49 15.25
C ILE C 78 -5.53 -37.45 14.74
N TYR C 79 -5.68 -37.55 13.42
CA TYR C 79 -6.70 -38.44 12.86
C TYR C 79 -6.49 -39.87 13.30
N ASP C 80 -5.26 -40.36 13.22
CA ASP C 80 -4.99 -41.75 13.57
C ASP C 80 -5.22 -42.00 15.05
N THR C 81 -4.83 -41.04 15.90
CA THR C 81 -5.08 -41.18 17.33
C THR C 81 -6.57 -41.26 17.62
N MET C 82 -7.38 -40.42 16.95
CA MET C 82 -8.82 -40.50 17.10
C MET C 82 -9.33 -41.89 16.73
N GLN C 83 -8.81 -42.45 15.63
CA GLN C 83 -9.24 -43.78 15.21
C GLN C 83 -8.71 -44.86 16.16
N TYR C 84 -7.50 -44.66 16.70
CA TYR C 84 -6.90 -45.66 17.56
C TYR C 84 -7.71 -45.87 18.84
N ILE C 85 -7.94 -44.79 19.59
CA ILE C 85 -8.54 -44.92 20.91
C ILE C 85 -9.96 -45.48 20.79
N LEU C 86 -10.38 -46.17 21.85
CA LEU C 86 -11.67 -46.87 21.86
C LEU C 86 -12.85 -45.94 22.08
N ASN C 87 -12.60 -44.75 22.64
CA ASN C 87 -13.69 -43.85 23.01
C ASN C 87 -14.48 -43.41 21.78
N PRO C 88 -15.79 -43.19 21.93
CA PRO C 88 -16.52 -42.41 20.93
C PRO C 88 -16.13 -40.95 21.03
N ILE C 89 -15.98 -40.30 19.88
CA ILE C 89 -15.45 -38.94 19.81
C ILE C 89 -16.48 -38.04 19.15
N CYS C 90 -16.99 -37.09 19.93
CA CYS C 90 -17.90 -36.06 19.45
C CYS C 90 -17.11 -34.89 18.88
N THR C 91 -17.38 -34.54 17.64
CA THR C 91 -16.70 -33.39 17.02
C THR C 91 -17.68 -32.24 16.92
N TRP C 92 -17.25 -31.07 17.38
CA TRP C 92 -18.05 -29.84 17.35
C TRP C 92 -17.28 -28.78 16.57
N CYS C 93 -17.88 -28.29 15.50
CA CYS C 93 -17.30 -27.23 14.69
C CYS C 93 -17.86 -25.89 15.13
N VAL C 94 -16.99 -25.00 15.59
CA VAL C 94 -17.36 -23.62 15.91
C VAL C 94 -16.54 -22.71 15.02
N GLY C 95 -17.19 -21.71 14.44
CA GLY C 95 -16.47 -20.76 13.59
C GLY C 95 -16.16 -21.28 12.20
N GLN C 96 -15.09 -22.06 12.06
CA GLN C 96 -14.73 -22.60 10.76
C GLN C 96 -13.99 -23.92 10.94
N ALA C 97 -14.03 -24.74 9.87
CA ALA C 97 -13.30 -26.01 9.83
C ALA C 97 -12.88 -26.22 8.37
N ALA C 98 -11.68 -25.75 8.05
CA ALA C 98 -11.15 -25.80 6.69
C ALA C 98 -9.91 -26.66 6.63
N SER C 99 -9.71 -27.30 5.47
N SER C 99 -9.72 -27.32 5.48
CA SER C 99 -8.54 -28.13 5.20
CA SER C 99 -8.56 -28.16 5.19
C SER C 99 -8.49 -29.26 6.23
C SER C 99 -8.50 -29.27 6.23
N MET C 100 -7.40 -29.44 6.96
CA MET C 100 -7.31 -30.52 7.94
C MET C 100 -8.35 -30.36 9.04
N GLY C 101 -8.79 -29.13 9.32
CA GLY C 101 -9.84 -28.94 10.29
C GLY C 101 -11.12 -29.68 9.93
N SER C 102 -11.50 -29.62 8.65
CA SER C 102 -12.71 -30.32 8.21
C SER C 102 -12.53 -31.83 8.21
N LEU C 103 -11.29 -32.33 8.11
CA LEU C 103 -11.06 -33.77 8.14
C LEU C 103 -11.21 -34.32 9.54
N LEU C 104 -10.63 -33.64 10.53
CA LEU C 104 -10.82 -34.04 11.92
C LEU C 104 -12.30 -34.00 12.28
N LEU C 105 -13.02 -32.98 11.80
CA LEU C 105 -14.46 -32.90 12.04
C LEU C 105 -15.20 -34.07 11.41
N ALA C 106 -14.84 -34.42 10.18
CA ALA C 106 -15.48 -35.55 9.51
C ALA C 106 -15.12 -36.87 10.19
N ALA C 107 -13.97 -36.95 10.84
CA ALA C 107 -13.45 -38.19 11.39
C ALA C 107 -13.98 -38.48 12.80
N GLY C 108 -15.06 -37.81 13.21
CA GLY C 108 -15.66 -38.14 14.48
C GLY C 108 -16.48 -39.42 14.41
N THR C 109 -16.87 -39.90 15.58
CA THR C 109 -17.71 -41.08 15.64
C THR C 109 -19.02 -40.82 14.91
N PRO C 110 -19.45 -41.70 14.01
CA PRO C 110 -20.65 -41.43 13.22
C PRO C 110 -21.87 -41.16 14.11
N GLY C 111 -22.68 -40.20 13.69
CA GLY C 111 -23.79 -39.74 14.48
C GLY C 111 -23.44 -38.76 15.57
N MET C 112 -22.15 -38.46 15.75
CA MET C 112 -21.67 -37.58 16.81
C MET C 112 -20.88 -36.41 16.24
N ARG C 113 -21.18 -36.01 15.01
CA ARG C 113 -20.46 -34.94 14.32
C ARG C 113 -21.40 -33.74 14.18
N HIS C 114 -21.06 -32.65 14.87
CA HIS C 114 -21.93 -31.50 15.02
C HIS C 114 -21.28 -30.24 14.44
N SER C 115 -22.11 -29.22 14.22
CA SER C 115 -21.62 -27.89 13.89
C SER C 115 -22.64 -26.86 14.34
N LEU C 116 -22.14 -25.69 14.67
CA LEU C 116 -22.99 -24.56 15.02
C LEU C 116 -23.49 -23.87 13.75
N PRO C 117 -24.54 -23.05 13.85
CA PRO C 117 -25.21 -22.58 12.62
C PRO C 117 -24.33 -21.80 11.66
N ASN C 118 -23.57 -20.83 12.16
CA ASN C 118 -22.86 -19.91 11.30
C ASN C 118 -21.47 -20.39 10.90
N SER C 119 -21.09 -21.61 11.30
CA SER C 119 -19.78 -22.14 10.97
C SER C 119 -19.63 -22.29 9.46
N ARG C 120 -18.37 -22.36 9.02
CA ARG C 120 -18.03 -22.57 7.62
C ARG C 120 -17.12 -23.79 7.52
N ILE C 121 -17.25 -24.52 6.41
CA ILE C 121 -16.57 -25.80 6.25
C ILE C 121 -15.97 -25.88 4.85
N MET C 122 -14.69 -26.24 4.77
CA MET C 122 -13.98 -26.33 3.50
C MET C 122 -13.09 -27.58 3.49
N ILE C 123 -13.25 -28.41 2.46
CA ILE C 123 -12.36 -29.55 2.26
C ILE C 123 -11.30 -29.29 1.21
N HIS C 124 -11.48 -28.26 0.37
CA HIS C 124 -10.45 -27.88 -0.58
C HIS C 124 -9.14 -27.58 0.14
N GLN C 125 -8.09 -28.25 -0.29
CA GLN C 125 -6.78 -27.99 0.30
C GLN C 125 -6.20 -26.72 -0.29
N PRO C 126 -5.73 -25.79 0.52
CA PRO C 126 -5.20 -24.53 -0.01
C PRO C 126 -3.79 -24.71 -0.56
N SER C 127 -3.39 -23.75 -1.39
CA SER C 127 -2.09 -23.82 -2.05
C SER C 127 -1.00 -23.18 -1.19
N ILE C 137 8.96 -28.84 6.28
CA ILE C 137 9.54 -29.72 5.29
C ILE C 137 8.95 -29.46 3.91
N ALA C 138 9.80 -29.11 2.95
CA ALA C 138 9.39 -29.01 1.57
C ALA C 138 9.65 -30.34 0.87
N ILE C 139 8.73 -30.73 -0.01
CA ILE C 139 8.62 -32.10 -0.50
C ILE C 139 8.49 -32.11 -2.02
N GLN C 140 8.69 -33.30 -2.59
CA GLN C 140 8.64 -33.49 -4.04
C GLN C 140 7.19 -33.56 -4.53
N ALA C 141 7.04 -33.61 -5.86
CA ALA C 141 5.70 -33.65 -6.44
C ALA C 141 4.99 -34.97 -6.11
N GLU C 142 5.68 -36.09 -6.31
CA GLU C 142 5.08 -37.39 -6.03
C GLU C 142 4.62 -37.50 -4.58
N GLU C 143 5.25 -36.75 -3.68
CA GLU C 143 4.89 -36.83 -2.27
C GLU C 143 3.62 -36.04 -1.95
N ILE C 144 3.40 -34.89 -2.61
CA ILE C 144 2.18 -34.13 -2.33
C ILE C 144 0.97 -34.93 -2.78
N MET C 145 1.04 -35.49 -3.99
CA MET C 145 -0.05 -36.34 -4.48
C MET C 145 -0.21 -37.59 -3.61
N LYS C 146 0.88 -38.13 -3.05
CA LYS C 146 0.77 -39.24 -2.11
C LYS C 146 -0.08 -38.84 -0.90
N LEU C 147 0.30 -37.74 -0.24
CA LEU C 147 -0.51 -37.23 0.86
C LEU C 147 -1.91 -36.84 0.39
N LYS C 148 -2.03 -36.43 -0.87
CA LYS C 148 -3.29 -35.92 -1.39
C LYS C 148 -4.27 -37.06 -1.64
N LYS C 149 -3.86 -38.06 -2.44
CA LYS C 149 -4.64 -39.29 -2.58
C LYS C 149 -4.95 -39.91 -1.23
N GLN C 150 -4.02 -39.80 -0.29
CA GLN C 150 -4.25 -40.34 1.04
C GLN C 150 -5.37 -39.59 1.74
N LEU C 151 -5.52 -38.29 1.46
CA LEU C 151 -6.64 -37.54 2.02
C LEU C 151 -7.95 -37.89 1.33
N TYR C 152 -7.91 -38.11 0.01
CA TYR C 152 -9.09 -38.52 -0.73
C TYR C 152 -9.71 -39.77 -0.10
N ASN C 153 -8.87 -40.77 0.19
CA ASN C 153 -9.38 -42.04 0.69
C ASN C 153 -9.92 -41.92 2.10
N ILE C 154 -9.34 -41.05 2.92
CA ILE C 154 -9.87 -40.83 4.27
C ILE C 154 -11.23 -40.13 4.19
N TYR C 155 -11.39 -39.20 3.26
CA TYR C 155 -12.64 -38.47 3.14
C TYR C 155 -13.77 -39.37 2.63
N ALA C 156 -13.53 -40.07 1.51
CA ALA C 156 -14.49 -41.05 1.03
C ALA C 156 -14.82 -42.03 2.14
N LYS C 157 -13.86 -42.26 3.01
CA LYS C 157 -14.00 -43.33 3.97
C LYS C 157 -15.09 -43.00 4.98
N HIS C 158 -15.22 -41.72 5.31
CA HIS C 158 -16.10 -41.20 6.35
C HIS C 158 -17.33 -40.49 5.80
N THR C 159 -17.24 -39.91 4.60
CA THR C 159 -18.39 -39.29 3.94
C THR C 159 -19.20 -40.30 3.15
N LYS C 160 -18.75 -41.56 3.07
CA LYS C 160 -19.38 -42.60 2.26
C LYS C 160 -19.51 -42.21 0.80
N GLN C 161 -18.78 -41.18 0.37
CA GLN C 161 -18.82 -40.73 -1.01
C GLN C 161 -17.87 -41.57 -1.86
N SER C 162 -18.06 -41.49 -3.17
CA SER C 162 -17.11 -42.13 -4.07
C SER C 162 -15.85 -41.26 -4.16
N LEU C 163 -14.73 -41.90 -4.50
CA LEU C 163 -13.51 -41.13 -4.70
C LEU C 163 -13.71 -40.05 -5.75
N GLN C 164 -14.38 -40.39 -6.85
CA GLN C 164 -14.59 -39.44 -7.94
C GLN C 164 -15.29 -38.17 -7.45
N VAL C 165 -16.32 -38.34 -6.60
CA VAL C 165 -16.96 -37.17 -5.99
C VAL C 165 -15.96 -36.39 -5.14
N ILE C 166 -15.14 -37.11 -4.37
CA ILE C 166 -14.23 -36.47 -3.43
C ILE C 166 -13.24 -35.58 -4.16
N GLU C 167 -12.63 -36.09 -5.22
CA GLU C 167 -11.61 -35.33 -5.95
C GLU C 167 -12.17 -34.02 -6.48
N SER C 168 -13.22 -34.11 -7.30
CA SER C 168 -13.77 -32.92 -7.95
C SER C 168 -14.34 -31.94 -6.93
N ALA C 169 -14.88 -32.43 -5.82
CA ALA C 169 -15.37 -31.53 -4.77
C ALA C 169 -14.22 -30.74 -4.17
N MET C 170 -13.15 -31.43 -3.78
CA MET C 170 -11.97 -30.76 -3.26
C MET C 170 -11.28 -29.88 -4.30
N GLU C 171 -11.59 -30.06 -5.58
CA GLU C 171 -11.02 -29.21 -6.61
C GLU C 171 -11.59 -27.80 -6.58
N ARG C 172 -12.79 -27.62 -6.03
CA ARG C 172 -13.46 -26.33 -6.00
C ARG C 172 -13.00 -25.52 -4.79
N ASP C 173 -12.66 -24.27 -5.02
CA ASP C 173 -12.22 -23.35 -3.97
C ASP C 173 -13.45 -22.63 -3.42
N ARG C 174 -14.06 -23.22 -2.39
CA ARG C 174 -15.30 -22.67 -1.84
C ARG C 174 -15.53 -23.29 -0.46
N TYR C 175 -16.42 -22.66 0.30
CA TYR C 175 -16.82 -23.13 1.62
C TYR C 175 -18.24 -23.69 1.57
N MET C 176 -18.52 -24.67 2.42
CA MET C 176 -19.84 -25.25 2.56
C MET C 176 -20.52 -24.70 3.80
N SER C 177 -21.85 -24.61 3.75
CA SER C 177 -22.64 -24.35 4.93
C SER C 177 -22.61 -25.61 5.81
N PRO C 178 -23.01 -25.50 7.08
CA PRO C 178 -23.07 -26.72 7.91
C PRO C 178 -24.00 -27.78 7.36
N MET C 179 -25.09 -27.38 6.71
N MET C 179 -25.10 -27.39 6.71
CA MET C 179 -26.04 -28.36 6.19
CA MET C 179 -26.03 -28.38 6.20
C MET C 179 -25.53 -29.00 4.91
C MET C 179 -25.56 -29.00 4.89
N GLU C 180 -25.01 -28.18 3.98
CA GLU C 180 -24.45 -28.72 2.75
C GLU C 180 -23.32 -29.70 3.04
N ALA C 181 -22.58 -29.45 4.12
CA ALA C 181 -21.57 -30.42 4.54
C ALA C 181 -22.20 -31.65 5.16
N GLN C 182 -23.31 -31.48 5.88
CA GLN C 182 -24.03 -32.64 6.41
C GLN C 182 -24.59 -33.50 5.30
N GLU C 183 -25.09 -32.87 4.24
CA GLU C 183 -25.59 -33.61 3.09
C GLU C 183 -24.47 -34.45 2.46
N PHE C 184 -23.25 -33.91 2.46
CA PHE C 184 -22.12 -34.53 1.80
C PHE C 184 -21.53 -35.67 2.62
N GLY C 185 -21.65 -35.62 3.95
CA GLY C 185 -21.20 -36.70 4.80
C GLY C 185 -20.13 -36.31 5.81
N ILE C 186 -19.88 -35.01 5.94
CA ILE C 186 -18.85 -34.53 6.87
C ILE C 186 -19.38 -34.47 8.29
N LEU C 187 -20.62 -34.04 8.48
CA LEU C 187 -21.22 -34.04 9.81
C LEU C 187 -22.62 -34.62 9.74
N ASP C 188 -23.27 -34.66 10.89
CA ASP C 188 -24.55 -35.34 11.06
C ASP C 188 -25.64 -34.43 11.59
N LYS C 189 -25.30 -33.22 12.07
CA LYS C 189 -26.18 -32.43 12.92
C LYS C 189 -25.77 -30.97 12.93
N VAL C 190 -26.74 -30.07 12.74
CA VAL C 190 -26.52 -28.64 12.88
C VAL C 190 -27.41 -28.14 14.01
N LEU C 191 -26.81 -27.44 14.98
CA LEU C 191 -27.52 -26.97 16.17
C LEU C 191 -28.19 -25.65 15.86
N VAL C 192 -29.46 -25.70 15.47
CA VAL C 192 -30.21 -24.50 15.14
C VAL C 192 -30.98 -24.02 16.36
N HIS C 193 -31.01 -22.70 16.55
CA HIS C 193 -31.66 -22.07 17.69
C HIS C 193 -33.19 -22.13 17.53
N LEU D 4 0.61 -5.55 34.25
CA LEU D 4 0.58 -5.92 35.66
C LEU D 4 -0.86 -6.02 36.16
N ILE D 5 -1.32 -7.25 36.37
CA ILE D 5 -2.72 -7.51 36.74
C ILE D 5 -2.81 -7.55 38.23
N PRO D 6 -3.59 -6.66 38.87
CA PRO D 6 -3.75 -6.70 40.32
C PRO D 6 -4.42 -7.99 40.78
N ILE D 7 -4.25 -8.29 42.06
CA ILE D 7 -4.78 -9.49 42.67
C ILE D 7 -5.72 -9.08 43.81
N VAL D 8 -6.84 -9.79 43.92
CA VAL D 8 -7.83 -9.55 44.96
C VAL D 8 -7.95 -10.80 45.81
N VAL D 9 -8.33 -10.62 47.08
CA VAL D 9 -8.39 -11.73 48.02
C VAL D 9 -9.78 -11.84 48.62
N GLU D 10 -10.17 -13.07 48.96
CA GLU D 10 -11.43 -13.38 49.62
C GLU D 10 -11.14 -14.37 50.74
N GLN D 11 -11.84 -14.23 51.86
CA GLN D 11 -11.59 -15.09 53.01
C GLN D 11 -12.88 -15.48 53.74
N GLU D 16 -8.54 -18.26 52.50
CA GLU D 16 -8.06 -17.14 51.70
C GLU D 16 -7.84 -17.56 50.24
N ARG D 17 -8.58 -16.95 49.33
CA ARG D 17 -8.49 -17.24 47.91
C ARG D 17 -8.16 -15.95 47.16
N ALA D 18 -7.01 -15.94 46.49
CA ALA D 18 -6.53 -14.77 45.77
C ALA D 18 -6.78 -14.93 44.28
N TYR D 19 -7.63 -14.06 43.72
CA TYR D 19 -7.94 -14.03 42.30
C TYR D 19 -7.25 -12.83 41.65
N ASP D 20 -6.99 -12.95 40.34
CA ASP D 20 -6.71 -11.74 39.59
C ASP D 20 -8.01 -11.00 39.31
N ILE D 21 -7.88 -9.73 38.93
CA ILE D 21 -9.07 -8.87 38.83
C ILE D 21 -10.07 -9.44 37.82
N TYR D 22 -9.59 -10.18 36.82
CA TYR D 22 -10.50 -10.71 35.80
C TYR D 22 -11.18 -11.99 36.26
N SER D 23 -10.45 -12.89 36.92
CA SER D 23 -11.08 -14.10 37.43
C SER D 23 -12.14 -13.77 38.47
N ARG D 24 -12.00 -12.64 39.16
CA ARG D 24 -13.03 -12.22 40.12
C ARG D 24 -14.29 -11.77 39.40
N LEU D 25 -14.15 -11.02 38.29
CA LEU D 25 -15.31 -10.65 37.50
C LEU D 25 -16.00 -11.86 36.88
N LEU D 26 -15.21 -12.83 36.39
CA LEU D 26 -15.79 -14.06 35.90
C LEU D 26 -16.65 -14.72 36.96
N ARG D 27 -16.23 -14.62 38.22
CA ARG D 27 -16.97 -15.25 39.31
C ARG D 27 -18.29 -14.56 39.60
N GLU D 28 -18.44 -13.28 39.20
CA GLU D 28 -19.72 -12.59 39.28
C GLU D 28 -20.58 -12.84 38.06
N ARG D 29 -20.21 -13.81 37.22
CA ARG D 29 -20.91 -14.12 35.98
C ARG D 29 -20.81 -12.98 34.96
N ILE D 30 -19.71 -12.23 35.03
CA ILE D 30 -19.48 -11.06 34.18
C ILE D 30 -18.23 -11.35 33.36
N VAL D 31 -18.35 -11.26 32.04
CA VAL D 31 -17.25 -11.57 31.13
C VAL D 31 -16.98 -10.32 30.31
N CYS D 32 -15.81 -9.72 30.49
CA CYS D 32 -15.49 -8.47 29.80
C CYS D 32 -14.81 -8.79 28.48
N VAL D 33 -15.64 -8.98 27.44
CA VAL D 33 -15.20 -9.30 26.09
C VAL D 33 -14.82 -8.01 25.37
N MET D 34 -13.60 -7.55 25.59
CA MET D 34 -13.13 -6.29 25.03
C MET D 34 -11.86 -6.52 24.23
N GLY D 35 -11.55 -5.58 23.35
CA GLY D 35 -10.38 -5.67 22.50
C GLY D 35 -10.69 -6.38 21.19
N PRO D 36 -9.70 -6.42 20.30
CA PRO D 36 -9.93 -7.03 18.97
C PRO D 36 -10.19 -8.52 19.06
N ILE D 37 -11.15 -8.98 18.26
CA ILE D 37 -11.68 -10.34 18.36
C ILE D 37 -10.98 -11.22 17.33
N ASP D 38 -10.26 -12.23 17.81
CA ASP D 38 -9.69 -13.26 16.94
C ASP D 38 -9.97 -14.64 17.52
N ASP D 39 -9.30 -15.67 16.99
CA ASP D 39 -9.58 -17.04 17.42
C ASP D 39 -9.26 -17.25 18.89
N SER D 40 -8.13 -16.73 19.36
CA SER D 40 -7.75 -16.91 20.76
C SER D 40 -8.73 -16.20 21.69
N VAL D 41 -9.15 -14.98 21.33
CA VAL D 41 -10.25 -14.33 22.05
C VAL D 41 -11.51 -15.17 21.97
N ALA D 42 -11.84 -15.69 20.79
CA ALA D 42 -13.05 -16.49 20.66
C ALA D 42 -13.06 -17.62 21.70
N SER D 43 -11.96 -18.36 21.79
CA SER D 43 -11.91 -19.54 22.65
C SER D 43 -12.19 -19.19 24.11
N LEU D 44 -11.41 -18.26 24.68
CA LEU D 44 -11.62 -17.87 26.08
C LEU D 44 -13.06 -17.44 26.32
N VAL D 45 -13.64 -16.71 25.37
CA VAL D 45 -15.03 -16.27 25.52
C VAL D 45 -15.98 -17.46 25.43
N ILE D 46 -15.76 -18.35 24.45
CA ILE D 46 -16.58 -19.55 24.33
C ILE D 46 -16.55 -20.34 25.63
N ALA D 47 -15.35 -20.57 26.16
CA ALA D 47 -15.19 -21.39 27.36
C ALA D 47 -15.87 -20.74 28.56
N GLN D 48 -15.57 -19.46 28.82
CA GLN D 48 -16.15 -18.76 29.95
C GLN D 48 -17.67 -18.82 29.92
N LEU D 49 -18.26 -18.58 28.75
CA LEU D 49 -19.70 -18.71 28.61
C LEU D 49 -20.16 -20.12 28.91
N LEU D 50 -19.51 -21.11 28.30
CA LEU D 50 -19.88 -22.51 28.55
C LEU D 50 -19.73 -22.85 30.02
N PHE D 51 -18.66 -22.38 30.66
CA PHE D 51 -18.43 -22.67 32.06
C PHE D 51 -19.49 -22.01 32.95
N LEU D 52 -19.91 -20.81 32.58
CA LEU D 52 -20.90 -20.10 33.39
C LEU D 52 -22.28 -20.77 33.30
N GLN D 53 -22.57 -21.44 32.18
CA GLN D 53 -23.84 -22.15 32.08
C GLN D 53 -23.83 -23.43 32.91
N SER D 54 -22.68 -24.10 33.01
CA SER D 54 -22.61 -25.32 33.81
C SER D 54 -22.86 -25.04 35.29
N GLU D 55 -22.47 -23.86 35.78
CA GLU D 55 -22.74 -23.51 37.16
C GLU D 55 -24.22 -23.21 37.39
N SER D 56 -24.89 -22.64 36.38
CA SER D 56 -26.30 -22.30 36.47
C SER D 56 -26.83 -21.92 35.09
N ASN D 57 -27.84 -22.63 34.61
CA ASN D 57 -28.47 -22.32 33.33
C ASN D 57 -29.63 -21.33 33.48
N LYS D 58 -29.71 -20.64 34.61
CA LYS D 58 -30.79 -19.71 34.89
C LYS D 58 -30.29 -18.31 35.23
N LYS D 59 -29.18 -18.20 35.97
CA LYS D 59 -28.68 -16.89 36.36
C LYS D 59 -28.18 -16.13 35.13
N PRO D 60 -28.33 -14.81 35.11
CA PRO D 60 -27.92 -14.05 33.93
C PRO D 60 -26.41 -14.00 33.77
N ILE D 61 -25.97 -13.86 32.53
CA ILE D 61 -24.57 -13.64 32.20
C ILE D 61 -24.43 -12.22 31.67
N HIS D 62 -23.31 -11.57 31.99
CA HIS D 62 -23.06 -10.21 31.57
C HIS D 62 -21.83 -10.15 30.68
N MET D 63 -21.97 -9.56 29.48
CA MET D 63 -20.81 -9.18 28.67
C MET D 63 -20.57 -7.69 28.61
N TYR D 64 -19.31 -7.35 28.81
CA TYR D 64 -18.75 -6.03 28.60
C TYR D 64 -18.04 -6.01 27.25
N ILE D 65 -18.49 -5.14 26.36
CA ILE D 65 -17.95 -5.06 25.00
C ILE D 65 -17.31 -3.69 24.83
N ASN D 66 -15.98 -3.68 24.67
CA ASN D 66 -15.21 -2.49 24.30
C ASN D 66 -14.23 -2.96 23.22
N SER D 67 -14.74 -3.12 22.00
CA SER D 67 -13.99 -3.78 20.95
C SER D 67 -14.12 -3.04 19.63
N PRO D 68 -13.05 -2.99 18.83
CA PRO D 68 -13.13 -2.41 17.49
C PRO D 68 -13.58 -3.38 16.40
N GLY D 69 -13.78 -4.65 16.74
CA GLY D 69 -14.14 -5.67 15.76
C GLY D 69 -13.08 -6.75 15.68
N GLY D 70 -13.01 -7.38 14.53
CA GLY D 70 -11.97 -8.37 14.30
C GLY D 70 -12.40 -9.42 13.30
N VAL D 71 -11.82 -10.60 13.45
CA VAL D 71 -12.04 -11.70 12.52
C VAL D 71 -13.51 -12.11 12.56
N VAL D 72 -14.12 -12.25 11.37
CA VAL D 72 -15.57 -12.43 11.31
C VAL D 72 -15.97 -13.80 11.85
N THR D 73 -15.29 -14.86 11.42
CA THR D 73 -15.66 -16.20 11.85
C THR D 73 -15.51 -16.35 13.37
N ALA D 74 -14.58 -15.61 13.98
CA ALA D 74 -14.43 -15.66 15.42
C ALA D 74 -15.61 -15.01 16.13
N GLY D 75 -16.11 -13.90 15.58
CA GLY D 75 -17.27 -13.26 16.17
C GLY D 75 -18.53 -14.07 16.02
N LEU D 76 -18.64 -14.85 14.93
CA LEU D 76 -19.79 -15.73 14.76
C LEU D 76 -19.71 -16.93 15.69
N ALA D 77 -18.50 -17.40 15.97
CA ALA D 77 -18.33 -18.44 16.99
C ALA D 77 -18.88 -17.96 18.34
N ILE D 78 -18.48 -16.75 18.75
CA ILE D 78 -18.99 -16.17 19.98
C ILE D 78 -20.50 -15.96 19.89
N TYR D 79 -20.97 -15.45 18.75
CA TYR D 79 -22.39 -15.21 18.58
C TYR D 79 -23.20 -16.49 18.75
N ASP D 80 -22.79 -17.57 18.09
CA ASP D 80 -23.53 -18.82 18.16
C ASP D 80 -23.60 -19.35 19.58
N THR D 81 -22.52 -19.17 20.36
CA THR D 81 -22.51 -19.67 21.73
C THR D 81 -23.41 -18.84 22.64
N MET D 82 -23.41 -17.52 22.45
CA MET D 82 -24.39 -16.67 23.12
C MET D 82 -25.81 -17.17 22.89
N GLN D 83 -26.11 -17.56 21.65
CA GLN D 83 -27.43 -18.08 21.35
C GLN D 83 -27.63 -19.48 21.90
N TYR D 84 -26.56 -20.30 21.92
CA TYR D 84 -26.69 -21.68 22.36
C TYR D 84 -27.07 -21.75 23.84
N ILE D 85 -26.35 -21.01 24.69
CA ILE D 85 -26.57 -21.10 26.12
C ILE D 85 -27.96 -20.60 26.47
N LEU D 86 -28.61 -21.28 27.41
CA LEU D 86 -29.98 -20.94 27.79
C LEU D 86 -30.04 -19.70 28.66
N ASN D 87 -28.90 -19.28 29.22
CA ASN D 87 -28.88 -18.15 30.14
C ASN D 87 -29.32 -16.87 29.42
N PRO D 88 -29.93 -15.94 30.15
CA PRO D 88 -30.09 -14.58 29.61
C PRO D 88 -28.76 -13.86 29.62
N ILE D 89 -28.45 -13.19 28.52
CA ILE D 89 -27.19 -12.49 28.34
C ILE D 89 -27.45 -10.99 28.35
N CYS D 90 -26.81 -10.27 29.26
CA CYS D 90 -26.87 -8.82 29.33
C CYS D 90 -25.58 -8.27 28.73
N THR D 91 -25.68 -7.70 27.53
CA THR D 91 -24.52 -7.08 26.88
C THR D 91 -24.42 -5.62 27.30
N TRP D 92 -23.20 -5.18 27.56
CA TRP D 92 -22.92 -3.81 27.97
C TRP D 92 -21.82 -3.24 27.08
N CYS D 93 -22.11 -2.12 26.42
CA CYS D 93 -21.13 -1.43 25.58
C CYS D 93 -20.55 -0.26 26.34
N VAL D 94 -19.25 -0.30 26.58
CA VAL D 94 -18.51 0.81 27.17
C VAL D 94 -17.36 1.15 26.23
N GLY D 95 -17.21 2.44 25.92
CA GLY D 95 -16.20 2.84 24.98
C GLY D 95 -16.65 2.79 23.53
N GLN D 96 -16.60 1.60 22.92
CA GLN D 96 -17.02 1.45 21.53
C GLN D 96 -17.29 -0.02 21.24
N ALA D 97 -18.13 -0.24 20.21
CA ALA D 97 -18.40 -1.58 19.70
C ALA D 97 -18.66 -1.45 18.22
N ALA D 98 -17.69 -1.85 17.40
CA ALA D 98 -17.75 -1.65 15.96
C ALA D 98 -17.54 -2.97 15.23
N SER D 99 -18.23 -3.11 14.09
N SER D 99 -18.24 -3.12 14.10
CA SER D 99 -18.14 -4.29 13.22
CA SER D 99 -18.17 -4.29 13.23
C SER D 99 -18.59 -5.50 14.02
C SER D 99 -18.60 -5.50 14.04
N MET D 100 -17.75 -6.51 14.23
CA MET D 100 -18.18 -7.71 14.95
C MET D 100 -18.49 -7.43 16.42
N GLY D 101 -17.97 -6.35 16.98
CA GLY D 101 -18.35 -5.97 18.34
C GLY D 101 -19.81 -5.59 18.43
N SER D 102 -20.25 -4.68 17.55
CA SER D 102 -21.64 -4.22 17.59
C SER D 102 -22.61 -5.37 17.33
N LEU D 103 -22.20 -6.37 16.56
CA LEU D 103 -23.04 -7.54 16.35
C LEU D 103 -23.26 -8.30 17.65
N LEU D 104 -22.19 -8.50 18.43
CA LEU D 104 -22.31 -9.16 19.72
C LEU D 104 -23.19 -8.34 20.66
N LEU D 105 -23.04 -7.01 20.63
CA LEU D 105 -23.85 -6.16 21.49
C LEU D 105 -25.33 -6.27 21.15
N ALA D 106 -25.66 -6.33 19.86
CA ALA D 106 -27.05 -6.51 19.46
C ALA D 106 -27.54 -7.92 19.71
N ALA D 107 -26.64 -8.88 19.90
CA ALA D 107 -27.01 -10.29 20.08
C ALA D 107 -27.44 -10.61 21.50
N GLY D 108 -27.41 -9.64 22.42
CA GLY D 108 -27.85 -9.89 23.77
C GLY D 108 -29.33 -10.20 23.86
N THR D 109 -29.74 -10.65 25.03
CA THR D 109 -31.14 -11.01 25.25
C THR D 109 -32.02 -9.77 25.10
N PRO D 110 -33.13 -9.86 24.36
CA PRO D 110 -33.99 -8.69 24.17
C PRO D 110 -34.39 -8.00 25.47
N GLY D 111 -34.18 -6.70 25.53
CA GLY D 111 -34.42 -5.92 26.72
C GLY D 111 -33.27 -5.91 27.70
N MET D 112 -32.06 -6.32 27.29
CA MET D 112 -30.90 -6.41 28.16
C MET D 112 -29.60 -5.96 27.49
N ARG D 113 -29.68 -5.22 26.39
CA ARG D 113 -28.50 -4.69 25.71
C ARG D 113 -28.37 -3.22 26.09
N HIS D 114 -27.30 -2.88 26.81
CA HIS D 114 -27.09 -1.54 27.34
C HIS D 114 -25.86 -0.89 26.71
N SER D 115 -25.73 0.40 26.98
CA SER D 115 -24.54 1.15 26.62
C SER D 115 -24.43 2.35 27.56
N LEU D 116 -23.21 2.80 27.77
CA LEU D 116 -22.97 3.96 28.60
C LEU D 116 -23.00 5.22 27.75
N PRO D 117 -23.14 6.41 28.36
CA PRO D 117 -23.57 7.59 27.57
C PRO D 117 -22.67 7.96 26.41
N ASN D 118 -21.37 7.70 26.48
CA ASN D 118 -20.44 8.20 25.47
C ASN D 118 -19.90 7.11 24.55
N SER D 119 -20.59 5.97 24.46
CA SER D 119 -20.10 4.88 23.64
C SER D 119 -20.35 5.14 22.16
N ARG D 120 -19.51 4.55 21.32
CA ARG D 120 -19.62 4.67 19.87
C ARG D 120 -19.92 3.30 19.27
N ILE D 121 -20.98 3.22 18.47
CA ILE D 121 -21.45 1.96 17.90
C ILE D 121 -21.44 2.07 16.39
N MET D 122 -20.92 1.03 15.74
CA MET D 122 -20.80 1.01 14.28
C MET D 122 -21.02 -0.41 13.77
N ILE D 123 -21.88 -0.54 12.75
CA ILE D 123 -22.09 -1.81 12.06
C ILE D 123 -21.35 -1.89 10.73
N HIS D 124 -20.72 -0.80 10.30
CA HIS D 124 -19.93 -0.81 9.08
C HIS D 124 -18.79 -1.82 9.19
N GLN D 125 -18.70 -2.72 8.21
CA GLN D 125 -17.58 -3.65 8.17
C GLN D 125 -16.39 -2.98 7.51
N PRO D 126 -15.19 -3.11 8.08
CA PRO D 126 -14.04 -2.39 7.53
C PRO D 126 -13.53 -3.05 6.26
N SER D 127 -12.67 -2.31 5.55
CA SER D 127 -12.12 -2.79 4.29
C SER D 127 -10.80 -3.51 4.52
N ALA D 138 -7.53 -14.95 3.25
CA ALA D 138 -7.55 -14.85 1.80
C ALA D 138 -8.59 -15.81 1.22
N ILE D 139 -9.73 -15.27 0.82
CA ILE D 139 -10.89 -16.06 0.44
C ILE D 139 -11.49 -15.54 -0.87
N GLN D 140 -12.23 -16.41 -1.54
CA GLN D 140 -12.83 -16.06 -2.82
C GLN D 140 -13.89 -14.99 -2.64
N ALA D 141 -14.23 -14.32 -3.75
CA ALA D 141 -15.21 -13.24 -3.72
C ALA D 141 -16.60 -13.77 -3.40
N GLU D 142 -16.92 -14.99 -3.83
CA GLU D 142 -18.24 -15.53 -3.56
C GLU D 142 -18.45 -15.79 -2.08
N GLU D 143 -17.38 -15.91 -1.29
CA GLU D 143 -17.65 -16.39 0.06
C GLU D 143 -17.40 -15.31 1.10
N ILE D 144 -16.59 -14.29 0.78
CA ILE D 144 -16.63 -13.00 1.48
C ILE D 144 -18.01 -12.38 1.36
N MET D 145 -18.71 -12.62 0.25
CA MET D 145 -20.08 -12.14 0.10
C MET D 145 -21.08 -13.02 0.84
N LYS D 146 -20.84 -14.32 0.91
CA LYS D 146 -21.74 -15.18 1.67
C LYS D 146 -21.65 -14.88 3.16
N LEU D 147 -20.47 -14.48 3.64
CA LEU D 147 -20.34 -14.04 5.03
C LEU D 147 -21.07 -12.73 5.26
N LYS D 148 -20.92 -11.78 4.33
CA LYS D 148 -21.57 -10.48 4.45
C LYS D 148 -23.08 -10.64 4.58
N LYS D 149 -23.66 -11.58 3.84
CA LYS D 149 -25.10 -11.81 3.92
C LYS D 149 -25.47 -12.52 5.22
N GLN D 150 -24.58 -13.34 5.76
CA GLN D 150 -24.81 -13.88 7.10
C GLN D 150 -24.92 -12.75 8.12
N LEU D 151 -24.10 -11.72 7.98
CA LEU D 151 -24.18 -10.57 8.89
C LEU D 151 -25.47 -9.80 8.68
N TYR D 152 -25.92 -9.67 7.43
CA TYR D 152 -27.20 -9.02 7.15
C TYR D 152 -28.34 -9.72 7.88
N ASN D 153 -28.44 -11.04 7.70
CA ASN D 153 -29.54 -11.79 8.32
C ASN D 153 -29.50 -11.67 9.83
N ILE D 154 -28.32 -11.84 10.43
CA ILE D 154 -28.20 -11.76 11.88
C ILE D 154 -28.56 -10.38 12.38
N TYR D 155 -28.03 -9.35 11.72
CA TYR D 155 -28.33 -7.97 12.14
C TYR D 155 -29.83 -7.68 12.03
N ALA D 156 -30.49 -8.21 11.00
CA ALA D 156 -31.92 -7.95 10.81
C ALA D 156 -32.78 -8.76 11.80
N LYS D 157 -32.34 -9.98 12.15
CA LYS D 157 -33.05 -10.78 13.14
C LYS D 157 -33.06 -10.08 14.48
N HIS D 158 -31.96 -9.43 14.83
CA HIS D 158 -31.89 -8.88 16.18
C HIS D 158 -32.32 -7.42 16.25
N THR D 159 -32.05 -6.63 15.23
CA THR D 159 -32.51 -5.25 15.21
C THR D 159 -33.96 -5.12 14.76
N LYS D 160 -34.53 -6.18 14.18
CA LYS D 160 -35.89 -6.18 13.65
C LYS D 160 -36.06 -5.14 12.55
N GLN D 161 -35.01 -4.95 11.75
CA GLN D 161 -35.05 -4.07 10.60
C GLN D 161 -35.07 -4.89 9.31
N SER D 162 -35.40 -4.20 8.22
CA SER D 162 -35.37 -4.83 6.90
C SER D 162 -33.96 -5.27 6.55
N LEU D 163 -33.88 -6.26 5.64
CA LEU D 163 -32.58 -6.62 5.07
C LEU D 163 -31.98 -5.44 4.32
N GLN D 164 -32.77 -4.83 3.43
CA GLN D 164 -32.29 -3.69 2.66
C GLN D 164 -31.83 -2.56 3.56
N VAL D 165 -32.60 -2.25 4.60
CA VAL D 165 -32.21 -1.20 5.54
C VAL D 165 -30.86 -1.52 6.16
N ILE D 166 -30.64 -2.80 6.51
CA ILE D 166 -29.37 -3.20 7.10
C ILE D 166 -28.22 -3.03 6.10
N GLU D 167 -28.44 -3.45 4.86
CA GLU D 167 -27.38 -3.39 3.86
C GLU D 167 -26.87 -1.97 3.67
N SER D 168 -27.78 -1.04 3.33
CA SER D 168 -27.37 0.33 3.05
C SER D 168 -26.90 1.06 4.30
N ALA D 169 -27.40 0.68 5.47
CA ALA D 169 -26.88 1.26 6.71
C ALA D 169 -25.42 0.87 6.93
N MET D 170 -25.05 -0.35 6.55
CA MET D 170 -23.68 -0.82 6.70
C MET D 170 -22.71 -0.38 5.60
N GLU D 171 -23.18 0.27 4.54
CA GLU D 171 -22.22 0.83 3.62
C GLU D 171 -21.84 2.25 3.99
N ARG D 172 -22.57 2.88 4.91
CA ARG D 172 -22.24 4.21 5.42
C ARG D 172 -21.15 4.07 6.47
N ASP D 173 -19.97 4.59 6.18
CA ASP D 173 -18.81 4.52 7.09
C ASP D 173 -19.00 5.58 8.16
N ARG D 174 -19.70 5.22 9.23
CA ARG D 174 -19.97 6.16 10.31
C ARG D 174 -20.34 5.41 11.57
N TYR D 175 -20.21 6.11 12.70
CA TYR D 175 -20.55 5.58 14.01
C TYR D 175 -21.91 6.09 14.45
N MET D 176 -22.50 5.39 15.42
CA MET D 176 -23.77 5.77 16.01
C MET D 176 -23.56 6.21 17.45
N SER D 177 -24.48 7.03 17.92
CA SER D 177 -24.55 7.33 19.34
C SER D 177 -25.37 6.28 20.05
N PRO D 178 -25.23 6.15 21.38
CA PRO D 178 -26.07 5.19 22.10
C PRO D 178 -27.56 5.39 21.87
N MET D 179 -28.02 6.64 21.80
CA MET D 179 -29.44 6.91 21.66
C MET D 179 -29.93 6.76 20.22
N GLU D 180 -29.03 6.80 19.24
CA GLU D 180 -29.41 6.41 17.89
C GLU D 180 -29.41 4.89 17.74
N ALA D 181 -28.45 4.22 18.39
CA ALA D 181 -28.43 2.76 18.37
C ALA D 181 -29.69 2.16 18.97
N GLN D 182 -30.27 2.82 19.97
CA GLN D 182 -31.55 2.36 20.52
C GLN D 182 -32.66 2.52 19.49
N GLU D 183 -32.74 3.68 18.85
CA GLU D 183 -33.73 3.91 17.82
C GLU D 183 -33.60 2.92 16.67
N PHE D 184 -32.37 2.46 16.40
CA PHE D 184 -32.14 1.53 15.29
C PHE D 184 -32.46 0.09 15.64
N GLY D 185 -32.41 -0.27 16.92
CA GLY D 185 -32.66 -1.63 17.35
C GLY D 185 -31.44 -2.41 17.78
N ILE D 186 -30.28 -1.77 17.90
CA ILE D 186 -29.07 -2.48 18.29
C ILE D 186 -29.04 -2.68 19.80
N LEU D 187 -29.52 -1.70 20.57
CA LEU D 187 -29.56 -1.79 22.02
C LEU D 187 -30.93 -1.33 22.50
N ASP D 188 -31.17 -1.55 23.80
CA ASP D 188 -32.45 -1.28 24.43
C ASP D 188 -32.41 -0.13 25.43
N LYS D 189 -31.34 -0.02 26.22
CA LYS D 189 -31.30 0.90 27.34
C LYS D 189 -29.99 1.67 27.36
N VAL D 190 -30.08 2.96 27.62
CA VAL D 190 -28.91 3.84 27.73
C VAL D 190 -28.86 4.35 29.16
N LEU D 191 -27.91 3.85 29.94
CA LEU D 191 -27.85 4.12 31.37
C LEU D 191 -26.79 5.18 31.69
N VAL D 192 -27.14 6.07 32.62
CA VAL D 192 -26.17 6.92 33.28
C VAL D 192 -25.89 6.45 34.70
N HIS D 193 -26.86 5.82 35.36
CA HIS D 193 -26.68 5.29 36.71
C HIS D 193 -27.28 3.88 36.80
N LEU E 4 -74.60 -31.35 -2.24
CA LEU E 4 -75.46 -30.52 -3.07
C LEU E 4 -74.77 -29.20 -3.41
N ILE E 5 -74.60 -28.94 -4.70
CA ILE E 5 -73.88 -27.76 -5.19
C ILE E 5 -74.90 -26.80 -5.78
N PRO E 6 -74.92 -25.54 -5.35
CA PRO E 6 -75.89 -24.58 -5.89
C PRO E 6 -75.52 -24.14 -7.29
N ILE E 7 -76.49 -23.52 -7.96
CA ILE E 7 -76.33 -23.00 -9.32
C ILE E 7 -76.65 -21.51 -9.30
N VAL E 8 -75.91 -20.73 -10.08
CA VAL E 8 -75.98 -19.28 -10.04
C VAL E 8 -76.31 -18.74 -11.43
N VAL E 9 -76.60 -17.44 -11.47
CA VAL E 9 -76.80 -16.73 -12.73
C VAL E 9 -75.85 -15.54 -12.80
N ARG E 17 -77.22 -19.79 -19.25
CA ARG E 17 -76.24 -19.03 -18.48
C ARG E 17 -76.36 -19.33 -17.00
N ALA E 18 -76.36 -20.61 -16.64
CA ALA E 18 -76.49 -21.04 -15.25
C ALA E 18 -75.45 -22.11 -14.98
N TYR E 19 -74.54 -21.84 -14.04
CA TYR E 19 -73.45 -22.75 -13.72
C TYR E 19 -73.40 -22.99 -12.22
N ASP E 20 -72.75 -24.08 -11.83
CA ASP E 20 -72.55 -24.35 -10.42
C ASP E 20 -71.50 -23.43 -9.82
N ILE E 21 -71.59 -23.26 -8.50
CA ILE E 21 -70.74 -22.32 -7.79
C ILE E 21 -69.26 -22.54 -8.08
N TYR E 22 -68.85 -23.79 -8.28
CA TYR E 22 -67.44 -24.06 -8.53
C TYR E 22 -67.05 -23.76 -9.97
N SER E 23 -67.88 -24.15 -10.93
CA SER E 23 -67.65 -23.73 -12.31
C SER E 23 -67.66 -22.22 -12.42
N ARG E 24 -68.46 -21.54 -11.59
CA ARG E 24 -68.45 -20.08 -11.61
C ARG E 24 -67.10 -19.54 -11.15
N LEU E 25 -66.52 -20.14 -10.12
CA LEU E 25 -65.22 -19.66 -9.65
C LEU E 25 -64.07 -20.02 -10.59
N LEU E 26 -64.26 -20.62 -11.71
CA LEU E 26 -63.14 -20.80 -12.61
C LEU E 26 -63.26 -19.71 -13.64
N ARG E 27 -64.48 -19.34 -13.96
CA ARG E 27 -64.66 -18.33 -14.96
C ARG E 27 -64.06 -17.06 -14.47
N GLU E 28 -63.82 -16.99 -13.19
CA GLU E 28 -63.28 -15.80 -12.65
C GLU E 28 -61.79 -15.99 -12.39
N ARG E 29 -61.18 -16.88 -13.15
CA ARG E 29 -59.73 -17.11 -13.05
C ARG E 29 -59.31 -17.52 -11.67
N ILE E 30 -60.06 -18.42 -11.09
CA ILE E 30 -59.76 -18.84 -9.72
C ILE E 30 -59.77 -20.36 -9.63
N VAL E 31 -58.75 -20.93 -9.00
CA VAL E 31 -58.66 -22.36 -8.73
C VAL E 31 -58.51 -22.53 -7.22
N CYS E 32 -59.27 -23.47 -6.66
CA CYS E 32 -59.31 -23.64 -5.20
C CYS E 32 -58.96 -25.08 -4.83
N VAL E 33 -57.85 -25.23 -4.12
CA VAL E 33 -57.41 -26.52 -3.59
C VAL E 33 -57.91 -26.65 -2.17
N MET E 34 -59.18 -27.03 -2.02
CA MET E 34 -59.83 -27.13 -0.71
C MET E 34 -60.04 -28.61 -0.41
N GLY E 35 -59.09 -29.20 0.29
CA GLY E 35 -59.13 -30.61 0.62
C GLY E 35 -57.78 -31.28 0.44
N PRO E 36 -57.71 -32.57 0.76
CA PRO E 36 -56.46 -33.30 0.61
C PRO E 36 -56.07 -33.45 -0.86
N ILE E 37 -54.76 -33.46 -1.09
CA ILE E 37 -54.20 -33.51 -2.44
C ILE E 37 -53.83 -34.94 -2.78
N ASP E 38 -54.33 -35.41 -3.92
CA ASP E 38 -53.95 -36.72 -4.46
C ASP E 38 -53.76 -36.57 -5.97
N ASP E 39 -53.58 -37.72 -6.65
CA ASP E 39 -53.38 -37.68 -8.09
C ASP E 39 -54.61 -37.15 -8.82
N SER E 40 -55.82 -37.42 -8.28
CA SER E 40 -57.03 -36.93 -8.93
C SER E 40 -57.18 -35.43 -8.77
N VAL E 41 -56.87 -34.90 -7.58
CA VAL E 41 -56.91 -33.45 -7.39
C VAL E 41 -55.88 -32.76 -8.28
N ALA E 42 -54.63 -33.25 -8.25
CA ALA E 42 -53.60 -32.69 -9.10
C ALA E 42 -54.03 -32.70 -10.56
N SER E 43 -54.59 -33.82 -11.02
CA SER E 43 -55.10 -33.90 -12.39
C SER E 43 -56.09 -32.78 -12.68
N LEU E 44 -57.04 -32.56 -11.76
CA LEU E 44 -58.08 -31.57 -12.01
C LEU E 44 -57.53 -30.16 -11.84
N VAL E 45 -56.60 -29.96 -10.91
CA VAL E 45 -56.00 -28.64 -10.73
C VAL E 45 -55.18 -28.26 -11.95
N ILE E 46 -54.28 -29.16 -12.37
CA ILE E 46 -53.40 -28.85 -13.51
C ILE E 46 -54.21 -28.57 -14.77
N ALA E 47 -55.31 -29.31 -14.96
CA ALA E 47 -56.16 -29.06 -16.11
C ALA E 47 -56.69 -27.63 -16.12
N GLN E 48 -57.09 -27.14 -14.95
CA GLN E 48 -57.60 -25.77 -14.85
C GLN E 48 -56.51 -24.74 -15.14
N LEU E 49 -55.32 -24.95 -14.57
CA LEU E 49 -54.24 -23.98 -14.72
C LEU E 49 -53.85 -23.82 -16.18
N LEU E 50 -53.66 -24.94 -16.89
CA LEU E 50 -53.35 -24.88 -18.31
C LEU E 50 -54.48 -24.22 -19.09
N PHE E 51 -55.72 -24.45 -18.68
CA PHE E 51 -56.86 -23.83 -19.36
C PHE E 51 -56.92 -22.34 -19.07
N LEU E 52 -56.72 -21.94 -17.81
CA LEU E 52 -56.76 -20.53 -17.48
C LEU E 52 -55.67 -19.75 -18.22
N GLN E 53 -54.53 -20.41 -18.47
CA GLN E 53 -53.50 -19.78 -19.30
C GLN E 53 -53.95 -19.69 -20.76
N SER E 54 -54.81 -20.59 -21.20
CA SER E 54 -55.29 -20.56 -22.58
C SER E 54 -56.07 -19.29 -22.87
N GLU E 55 -56.97 -18.91 -21.95
CA GLU E 55 -57.71 -17.66 -22.12
C GLU E 55 -56.76 -16.48 -22.19
N SER E 56 -55.79 -16.42 -21.27
CA SER E 56 -54.70 -15.48 -21.34
C SER E 56 -53.63 -15.92 -20.35
N ASN E 57 -52.38 -15.73 -20.74
CA ASN E 57 -51.24 -15.94 -19.86
C ASN E 57 -50.66 -14.64 -19.30
N LYS E 58 -51.47 -13.60 -19.18
CA LYS E 58 -51.08 -12.34 -18.55
C LYS E 58 -51.96 -11.97 -17.36
N LYS E 59 -53.27 -12.21 -17.45
CA LYS E 59 -54.15 -11.91 -16.34
C LYS E 59 -53.85 -12.85 -15.17
N PRO E 60 -53.92 -12.36 -13.93
CA PRO E 60 -53.57 -13.21 -12.79
C PRO E 60 -54.49 -14.41 -12.65
N ILE E 61 -53.96 -15.44 -12.01
CA ILE E 61 -54.72 -16.63 -11.62
C ILE E 61 -54.70 -16.68 -10.10
N HIS E 62 -55.86 -16.90 -9.49
CA HIS E 62 -56.00 -16.86 -8.05
C HIS E 62 -56.21 -18.27 -7.52
N MET E 63 -55.36 -18.69 -6.59
CA MET E 63 -55.39 -20.05 -6.05
C MET E 63 -55.80 -20.03 -4.59
N TYR E 64 -56.83 -20.79 -4.25
CA TYR E 64 -57.34 -20.89 -2.90
C TYR E 64 -56.89 -22.19 -2.27
N ILE E 65 -56.32 -22.12 -1.07
CA ILE E 65 -55.71 -23.27 -0.42
C ILE E 65 -56.31 -23.42 0.98
N ASN E 66 -57.03 -24.52 1.20
CA ASN E 66 -57.46 -24.96 2.54
C ASN E 66 -57.21 -26.47 2.56
N SER E 67 -55.95 -26.85 2.71
CA SER E 67 -55.55 -28.24 2.52
C SER E 67 -54.60 -28.69 3.62
N PRO E 68 -54.75 -29.93 4.08
CA PRO E 68 -53.79 -30.51 5.04
C PRO E 68 -52.63 -31.26 4.40
N GLY E 69 -52.52 -31.26 3.09
CA GLY E 69 -51.45 -31.95 2.39
C GLY E 69 -51.95 -33.11 1.55
N GLY E 70 -51.05 -34.04 1.29
CA GLY E 70 -51.40 -35.24 0.55
C GLY E 70 -50.17 -35.81 -0.14
N VAL E 71 -50.45 -36.56 -1.22
CA VAL E 71 -49.40 -37.26 -1.95
C VAL E 71 -48.38 -36.27 -2.48
N VAL E 72 -47.10 -36.58 -2.27
CA VAL E 72 -46.04 -35.62 -2.60
C VAL E 72 -45.94 -35.40 -4.11
N THR E 73 -45.90 -36.50 -4.87
CA THR E 73 -45.80 -36.38 -6.33
C THR E 73 -46.93 -35.55 -6.90
N ALA E 74 -48.14 -35.73 -6.35
CA ALA E 74 -49.27 -34.92 -6.80
C ALA E 74 -49.07 -33.45 -6.46
N GLY E 75 -48.49 -33.17 -5.29
CA GLY E 75 -48.15 -31.80 -4.98
C GLY E 75 -47.10 -31.24 -5.92
N LEU E 76 -46.05 -32.02 -6.18
CA LEU E 76 -45.01 -31.59 -7.12
C LEU E 76 -45.57 -31.44 -8.53
N ALA E 77 -46.56 -32.24 -8.89
CA ALA E 77 -47.20 -32.09 -10.19
C ALA E 77 -47.92 -30.75 -10.30
N ILE E 78 -48.59 -30.34 -9.23
CA ILE E 78 -49.24 -29.03 -9.23
C ILE E 78 -48.19 -27.93 -9.19
N TYR E 79 -47.15 -28.10 -8.38
CA TYR E 79 -46.11 -27.08 -8.24
C TYR E 79 -45.43 -26.81 -9.58
N ASP E 80 -45.02 -27.88 -10.28
CA ASP E 80 -44.34 -27.71 -11.55
C ASP E 80 -45.23 -26.98 -12.56
N THR E 81 -46.52 -27.33 -12.61
CA THR E 81 -47.43 -26.64 -13.51
C THR E 81 -47.55 -25.16 -13.15
N MET E 82 -47.53 -24.84 -11.86
CA MET E 82 -47.61 -23.44 -11.43
C MET E 82 -46.43 -22.65 -11.98
N GLN E 83 -45.22 -23.21 -11.86
CA GLN E 83 -44.03 -22.51 -12.35
C GLN E 83 -43.98 -22.49 -13.87
N TYR E 84 -44.55 -23.50 -14.52
CA TYR E 84 -44.50 -23.56 -15.98
C TYR E 84 -45.35 -22.45 -16.61
N ILE E 85 -46.62 -22.34 -16.19
CA ILE E 85 -47.50 -21.36 -16.80
C ILE E 85 -47.00 -19.95 -16.49
N LEU E 86 -47.20 -19.05 -17.45
CA LEU E 86 -46.64 -17.69 -17.37
C LEU E 86 -47.46 -16.77 -16.48
N ASN E 87 -48.71 -17.10 -16.21
CA ASN E 87 -49.57 -16.20 -15.45
C ASN E 87 -49.02 -16.00 -14.05
N PRO E 88 -49.00 -14.78 -13.55
CA PRO E 88 -48.76 -14.58 -12.11
C PRO E 88 -49.91 -15.15 -11.30
N ILE E 89 -49.57 -15.88 -10.24
CA ILE E 89 -50.55 -16.64 -9.47
C ILE E 89 -50.61 -16.09 -8.06
N CYS E 90 -51.76 -15.53 -7.69
CA CYS E 90 -52.02 -15.12 -6.32
C CYS E 90 -52.50 -16.33 -5.52
N THR E 91 -51.69 -16.77 -4.56
CA THR E 91 -52.10 -17.85 -3.68
C THR E 91 -52.73 -17.28 -2.41
N TRP E 92 -53.84 -17.89 -2.01
CA TRP E 92 -54.56 -17.50 -0.80
C TRP E 92 -54.74 -18.70 0.10
N CYS E 93 -54.30 -18.57 1.34
CA CYS E 93 -54.53 -19.59 2.37
C CYS E 93 -55.65 -19.13 3.27
N VAL E 94 -56.71 -19.92 3.34
CA VAL E 94 -57.77 -19.69 4.32
C VAL E 94 -57.96 -21.01 5.06
N GLY E 95 -58.24 -20.94 6.36
CA GLY E 95 -58.33 -22.16 7.13
C GLY E 95 -56.97 -22.68 7.57
N GLN E 96 -56.31 -23.44 6.70
CA GLN E 96 -54.96 -23.92 7.00
C GLN E 96 -54.25 -24.28 5.70
N ALA E 97 -52.94 -24.49 5.82
CA ALA E 97 -52.12 -25.01 4.73
C ALA E 97 -50.97 -25.77 5.34
N ALA E 98 -50.99 -27.10 5.24
CA ALA E 98 -49.97 -27.95 5.80
C ALA E 98 -49.40 -28.87 4.72
N SER E 99 -48.17 -29.32 4.96
CA SER E 99 -47.46 -30.26 4.07
C SER E 99 -47.40 -29.64 2.67
N MET E 100 -47.74 -30.39 1.61
CA MET E 100 -47.73 -29.84 0.27
C MET E 100 -48.60 -28.61 0.13
N GLY E 101 -49.58 -28.43 1.02
CA GLY E 101 -50.39 -27.23 0.98
C GLY E 101 -49.58 -25.97 1.20
N SER E 102 -48.64 -26.01 2.15
CA SER E 102 -47.80 -24.83 2.40
C SER E 102 -46.78 -24.62 1.29
N LEU E 103 -46.35 -25.70 0.62
CA LEU E 103 -45.46 -25.53 -0.52
C LEU E 103 -46.19 -24.90 -1.71
N LEU E 104 -47.46 -25.29 -1.94
CA LEU E 104 -48.21 -24.61 -3.00
C LEU E 104 -48.48 -23.16 -2.63
N LEU E 105 -48.70 -22.88 -1.34
CA LEU E 105 -48.90 -21.50 -0.91
C LEU E 105 -47.64 -20.68 -1.12
N ALA E 106 -46.50 -21.16 -0.63
CA ALA E 106 -45.25 -20.43 -0.80
C ALA E 106 -44.81 -20.34 -2.25
N ALA E 107 -45.36 -21.19 -3.12
CA ALA E 107 -44.99 -21.18 -4.53
C ALA E 107 -45.63 -20.04 -5.31
N GLY E 108 -46.45 -19.21 -4.68
CA GLY E 108 -47.09 -18.12 -5.36
C GLY E 108 -46.09 -17.09 -5.88
N THR E 109 -46.60 -16.23 -6.76
CA THR E 109 -45.77 -15.20 -7.35
C THR E 109 -45.32 -14.21 -6.26
N PRO E 110 -44.05 -13.81 -6.27
CA PRO E 110 -43.56 -12.90 -5.22
C PRO E 110 -44.40 -11.64 -5.12
N GLY E 111 -44.75 -11.28 -3.88
CA GLY E 111 -45.63 -10.17 -3.63
C GLY E 111 -47.11 -10.48 -3.73
N MET E 112 -47.48 -11.71 -4.07
CA MET E 112 -48.86 -12.07 -4.33
C MET E 112 -49.25 -13.36 -3.59
N ARG E 113 -48.63 -13.61 -2.45
CA ARG E 113 -48.96 -14.73 -1.58
C ARG E 113 -49.59 -14.19 -0.31
N HIS E 114 -50.85 -14.54 -0.07
CA HIS E 114 -51.64 -13.95 1.00
C HIS E 114 -52.11 -15.01 1.99
N SER E 115 -52.64 -14.53 3.10
CA SER E 115 -53.29 -15.37 4.10
C SER E 115 -54.19 -14.49 4.97
N LEU E 116 -55.27 -15.08 5.43
CA LEU E 116 -56.21 -14.38 6.30
C LEU E 116 -55.82 -14.60 7.75
N PRO E 117 -56.29 -13.75 8.68
CA PRO E 117 -55.64 -13.67 10.00
C PRO E 117 -55.62 -14.96 10.80
N ASN E 118 -56.62 -15.83 10.66
CA ASN E 118 -56.74 -16.97 11.56
C ASN E 118 -56.34 -18.30 10.95
N SER E 119 -55.64 -18.30 9.82
CA SER E 119 -55.12 -19.52 9.26
C SER E 119 -53.98 -20.07 10.12
N ARG E 120 -53.66 -21.34 9.94
CA ARG E 120 -52.46 -21.95 10.50
C ARG E 120 -51.70 -22.60 9.36
N ILE E 121 -50.39 -22.38 9.31
CA ILE E 121 -49.54 -22.88 8.24
C ILE E 121 -48.46 -23.77 8.82
N MET E 122 -48.24 -24.93 8.19
CA MET E 122 -47.24 -25.90 8.62
C MET E 122 -46.43 -26.39 7.43
N ILE E 123 -45.10 -26.42 7.60
CA ILE E 123 -44.21 -27.01 6.60
C ILE E 123 -43.74 -28.39 7.01
N HIS E 124 -43.90 -28.77 8.27
CA HIS E 124 -43.59 -30.13 8.73
C HIS E 124 -44.37 -31.14 7.90
N GLN E 125 -43.71 -32.27 7.59
CA GLN E 125 -44.35 -33.34 6.84
C GLN E 125 -44.78 -34.42 7.81
N PRO E 126 -46.07 -34.70 7.95
CA PRO E 126 -46.50 -35.75 8.88
C PRO E 126 -45.87 -37.10 8.56
N SER E 127 -45.85 -37.96 9.57
CA SER E 127 -45.23 -39.27 9.45
C SER E 127 -46.22 -40.31 8.92
N ALA E 138 -46.06 -47.75 -1.67
CA ALA E 138 -44.90 -47.74 -0.78
C ALA E 138 -43.60 -47.73 -1.57
N ILE E 139 -42.52 -47.30 -0.93
CA ILE E 139 -41.25 -47.04 -1.58
C ILE E 139 -40.12 -47.43 -0.63
N GLN E 140 -38.89 -47.37 -1.12
CA GLN E 140 -37.71 -47.57 -0.30
C GLN E 140 -37.30 -46.25 0.36
N ALA E 141 -36.41 -46.35 1.35
CA ALA E 141 -36.02 -45.18 2.12
C ALA E 141 -35.30 -44.16 1.25
N GLU E 142 -34.41 -44.62 0.37
CA GLU E 142 -33.68 -43.71 -0.50
C GLU E 142 -34.62 -42.82 -1.30
N GLU E 143 -35.74 -43.38 -1.75
CA GLU E 143 -36.64 -42.59 -2.59
C GLU E 143 -37.40 -41.54 -1.78
N ILE E 144 -37.84 -41.87 -0.56
CA ILE E 144 -38.53 -40.88 0.26
C ILE E 144 -37.57 -39.78 0.70
N MET E 145 -36.36 -40.17 1.13
CA MET E 145 -35.33 -39.19 1.44
C MET E 145 -35.06 -38.28 0.27
N LYS E 146 -35.13 -38.82 -0.95
CA LYS E 146 -34.81 -37.99 -2.08
C LYS E 146 -35.89 -36.98 -2.41
N LEU E 147 -37.13 -37.22 -2.06
CA LEU E 147 -38.12 -36.22 -2.34
C LEU E 147 -38.08 -35.17 -1.24
N LYS E 148 -37.53 -35.53 -0.10
CA LYS E 148 -37.41 -34.58 0.98
C LYS E 148 -36.45 -33.55 0.53
N LYS E 149 -35.27 -33.98 0.10
CA LYS E 149 -34.36 -32.99 -0.46
C LYS E 149 -35.08 -32.08 -1.43
N GLN E 150 -35.90 -32.66 -2.31
CA GLN E 150 -36.57 -31.88 -3.34
C GLN E 150 -37.39 -30.78 -2.71
N LEU E 151 -38.13 -31.12 -1.65
CA LEU E 151 -38.91 -30.11 -0.94
C LEU E 151 -38.00 -29.10 -0.26
N TYR E 152 -36.90 -29.57 0.33
CA TYR E 152 -35.89 -28.68 0.90
C TYR E 152 -35.53 -27.56 -0.06
N ASN E 153 -35.26 -27.94 -1.32
CA ASN E 153 -34.85 -26.96 -2.32
C ASN E 153 -35.97 -25.98 -2.64
N ILE E 154 -37.16 -26.51 -2.93
CA ILE E 154 -38.29 -25.66 -3.31
C ILE E 154 -38.60 -24.65 -2.19
N TYR E 155 -38.50 -25.09 -0.94
CA TYR E 155 -38.76 -24.18 0.18
C TYR E 155 -37.68 -23.11 0.28
N ALA E 156 -36.41 -23.49 0.09
CA ALA E 156 -35.34 -22.49 0.15
C ALA E 156 -35.44 -21.49 -0.99
N LYS E 157 -35.95 -21.90 -2.14
CA LYS E 157 -35.99 -21.02 -3.31
C LYS E 157 -37.04 -19.92 -3.14
N HIS E 158 -38.20 -20.26 -2.58
CA HIS E 158 -39.33 -19.33 -2.52
C HIS E 158 -39.41 -18.54 -1.22
N THR E 159 -39.15 -19.19 -0.08
CA THR E 159 -38.97 -18.41 1.14
C THR E 159 -37.69 -17.56 1.09
N LYS E 160 -36.80 -17.82 0.11
CA LYS E 160 -35.43 -17.33 0.08
C LYS E 160 -34.68 -17.57 1.38
N GLN E 161 -35.10 -18.53 2.20
CA GLN E 161 -34.29 -18.94 3.34
C GLN E 161 -33.21 -19.91 2.89
N SER E 162 -32.18 -20.07 3.72
CA SER E 162 -31.17 -21.07 3.42
C SER E 162 -31.70 -22.46 3.73
N LEU E 163 -31.20 -23.45 2.99
CA LEU E 163 -31.46 -24.86 3.29
C LEU E 163 -31.34 -25.20 4.77
N GLN E 164 -30.34 -24.64 5.46
CA GLN E 164 -30.13 -25.00 6.86
C GLN E 164 -31.34 -24.65 7.70
N VAL E 165 -31.87 -23.43 7.54
CA VAL E 165 -33.06 -23.02 8.29
C VAL E 165 -34.26 -23.85 7.89
N ILE E 166 -34.36 -24.20 6.61
CA ILE E 166 -35.55 -24.89 6.11
C ILE E 166 -35.72 -26.22 6.82
N GLU E 167 -34.67 -27.05 6.85
CA GLU E 167 -34.86 -28.42 7.31
C GLU E 167 -35.01 -28.49 8.81
N SER E 168 -34.41 -27.53 9.52
CA SER E 168 -34.59 -27.46 10.96
C SER E 168 -36.00 -27.05 11.32
N ALA E 169 -36.64 -26.25 10.46
CA ALA E 169 -38.00 -25.82 10.72
C ALA E 169 -39.03 -26.91 10.46
N MET E 170 -38.70 -27.92 9.65
CA MET E 170 -39.67 -28.96 9.35
C MET E 170 -39.53 -30.20 10.23
N GLU E 171 -38.40 -30.39 10.90
CA GLU E 171 -38.36 -31.41 11.95
C GLU E 171 -39.27 -31.01 13.11
N ARG E 172 -39.54 -29.71 13.27
CA ARG E 172 -40.43 -29.24 14.31
C ARG E 172 -41.88 -29.52 13.94
N ASP E 173 -42.61 -30.14 14.87
CA ASP E 173 -44.00 -30.53 14.65
C ASP E 173 -44.91 -29.44 15.23
N ARG E 174 -45.09 -28.38 14.47
CA ARG E 174 -45.87 -27.24 14.92
C ARG E 174 -46.39 -26.47 13.72
N TYR E 175 -47.39 -25.62 13.97
CA TYR E 175 -47.94 -24.72 12.97
C TYR E 175 -47.45 -23.30 13.22
N MET E 176 -47.49 -22.48 12.18
CA MET E 176 -47.13 -21.07 12.26
C MET E 176 -48.36 -20.20 12.21
N SER E 177 -48.31 -19.08 12.92
CA SER E 177 -49.30 -18.04 12.70
C SER E 177 -49.07 -17.38 11.34
N PRO E 178 -50.10 -16.81 10.73
CA PRO E 178 -49.88 -16.13 9.44
C PRO E 178 -48.83 -15.05 9.51
N MET E 179 -48.78 -14.30 10.61
N MET E 179 -48.76 -14.31 10.62
CA MET E 179 -47.74 -13.28 10.76
CA MET E 179 -47.74 -13.28 10.75
C MET E 179 -46.36 -13.92 10.88
C MET E 179 -46.35 -13.89 10.90
N GLU E 180 -46.23 -14.99 11.66
CA GLU E 180 -44.95 -15.67 11.79
C GLU E 180 -44.49 -16.24 10.46
N ALA E 181 -45.42 -16.80 9.68
CA ALA E 181 -45.07 -17.34 8.37
C ALA E 181 -44.65 -16.24 7.39
N GLN E 182 -45.05 -15.00 7.64
CA GLN E 182 -44.65 -13.91 6.74
C GLN E 182 -43.17 -13.58 6.89
N GLU E 183 -42.68 -13.55 8.14
CA GLU E 183 -41.25 -13.29 8.35
C GLU E 183 -40.40 -14.53 8.09
N PHE E 184 -41.01 -15.71 8.02
CA PHE E 184 -40.29 -16.88 7.53
C PHE E 184 -40.13 -16.85 6.02
N GLY E 185 -41.04 -16.19 5.31
CA GLY E 185 -40.97 -16.08 3.87
C GLY E 185 -41.97 -16.91 3.09
N ILE E 186 -42.92 -17.56 3.76
CA ILE E 186 -43.89 -18.41 3.06
C ILE E 186 -45.00 -17.60 2.42
N LEU E 187 -45.27 -16.39 2.91
CA LEU E 187 -46.28 -15.53 2.32
C LEU E 187 -45.83 -14.08 2.44
N ASP E 188 -46.56 -13.19 1.78
CA ASP E 188 -46.18 -11.79 1.67
C ASP E 188 -47.10 -10.85 2.43
N LYS E 189 -48.40 -11.11 2.46
CA LYS E 189 -49.35 -10.20 3.08
C LYS E 189 -50.31 -10.96 3.98
N VAL E 190 -50.40 -10.52 5.24
CA VAL E 190 -51.47 -10.91 6.14
C VAL E 190 -52.47 -9.76 6.15
N LEU E 191 -53.66 -10.00 5.59
CA LEU E 191 -54.67 -8.96 5.45
C LEU E 191 -55.98 -9.41 6.09
N VAL E 192 -56.68 -8.45 6.68
CA VAL E 192 -57.97 -8.71 7.31
C VAL E 192 -59.10 -8.50 6.32
N HIS E 193 -59.09 -7.37 5.63
CA HIS E 193 -60.05 -7.01 4.58
C HIS E 193 -59.28 -6.25 3.51
N PRO E 194 -59.90 -5.91 2.35
CA PRO E 194 -59.10 -5.25 1.30
C PRO E 194 -58.49 -3.91 1.71
N LEU F 4 10.27 8.06 -14.09
CA LEU F 4 11.39 8.92 -13.71
C LEU F 4 11.04 10.39 -13.91
N ILE F 5 12.07 11.24 -13.92
CA ILE F 5 11.91 12.67 -14.14
C ILE F 5 11.81 12.92 -15.64
N PRO F 6 10.71 13.51 -16.13
CA PRO F 6 10.54 13.65 -17.58
C PRO F 6 11.43 14.73 -18.16
N ILE F 7 11.78 14.53 -19.44
CA ILE F 7 12.72 15.38 -20.15
C ILE F 7 11.97 16.19 -21.20
N VAL F 8 12.28 17.48 -21.29
CA VAL F 8 11.74 18.35 -22.32
C VAL F 8 12.86 18.75 -23.28
N VAL F 9 12.51 18.88 -24.55
CA VAL F 9 13.43 19.30 -25.61
C VAL F 9 12.92 20.59 -26.23
N GLU F 10 13.86 21.49 -26.53
CA GLU F 10 13.57 22.75 -27.21
C GLU F 10 14.70 23.04 -28.18
N GLN F 11 14.40 23.90 -29.14
CA GLN F 11 15.35 24.24 -30.20
C GLN F 11 16.04 25.57 -29.93
N GLU F 16 16.75 20.78 -29.87
CA GLU F 16 18.15 21.02 -29.53
C GLU F 16 18.48 20.50 -28.14
N ARG F 17 18.88 21.39 -27.25
CA ARG F 17 19.23 20.99 -25.90
C ARG F 17 18.08 20.34 -25.22
N ALA F 18 18.41 19.37 -24.38
CA ALA F 18 17.37 18.69 -23.64
C ALA F 18 17.52 19.01 -22.18
N TYR F 19 16.39 19.25 -21.52
CA TYR F 19 16.35 19.69 -20.13
C TYR F 19 15.50 18.73 -19.33
N ASP F 20 15.91 18.49 -18.07
CA ASP F 20 14.95 17.94 -17.13
C ASP F 20 14.03 19.06 -16.63
N ILE F 21 12.85 18.67 -16.15
CA ILE F 21 11.79 19.66 -15.96
C ILE F 21 12.15 20.67 -14.88
N TYR F 22 12.93 20.26 -13.87
CA TYR F 22 13.27 21.20 -12.80
C TYR F 22 14.40 22.13 -13.20
N SER F 23 15.30 21.67 -14.07
CA SER F 23 16.31 22.57 -14.63
C SER F 23 15.67 23.57 -15.57
N ARG F 24 14.60 23.19 -16.26
CA ARG F 24 13.91 24.12 -17.16
C ARG F 24 13.23 25.23 -16.38
N LEU F 25 12.61 24.90 -15.25
CA LEU F 25 11.99 25.93 -14.42
C LEU F 25 13.03 26.92 -13.91
N LEU F 26 14.19 26.42 -13.48
CA LEU F 26 15.26 27.30 -13.02
C LEU F 26 15.69 28.27 -14.11
N ARG F 27 15.71 27.81 -15.37
CA ARG F 27 16.03 28.69 -16.48
C ARG F 27 15.03 29.83 -16.58
N GLU F 28 13.77 29.58 -16.21
CA GLU F 28 12.73 30.60 -16.16
C GLU F 28 12.78 31.42 -14.88
N ARG F 29 13.82 31.25 -14.07
CA ARG F 29 14.01 31.98 -12.80
C ARG F 29 12.97 31.53 -11.77
N ILE F 30 12.80 30.22 -11.64
CA ILE F 30 11.84 29.64 -10.72
C ILE F 30 12.54 28.61 -9.84
N VAL F 31 12.39 28.76 -8.52
CA VAL F 31 13.01 27.90 -7.53
C VAL F 31 11.86 27.34 -6.68
N CYS F 32 11.61 26.04 -6.77
CA CYS F 32 10.42 25.46 -6.15
C CYS F 32 10.79 24.73 -4.85
N VAL F 33 10.40 25.32 -3.73
CA VAL F 33 10.68 24.71 -2.41
C VAL F 33 9.50 23.80 -2.12
N MET F 34 9.50 22.64 -2.78
CA MET F 34 8.37 21.70 -2.71
C MET F 34 8.73 20.38 -2.06
N GLY F 35 9.23 20.43 -0.84
CA GLY F 35 9.46 19.25 -0.03
C GLY F 35 9.74 19.62 1.41
N PRO F 36 10.08 18.63 2.24
CA PRO F 36 10.55 18.94 3.59
C PRO F 36 11.87 19.69 3.54
N ILE F 37 11.96 20.68 4.42
CA ILE F 37 13.10 21.57 4.48
C ILE F 37 14.14 21.01 5.41
N ASP F 38 15.28 20.80 4.95
CA ASP F 38 16.38 20.31 5.72
C ASP F 38 17.67 20.94 5.17
N ASP F 39 18.82 20.62 5.68
CA ASP F 39 20.11 21.23 5.35
C ASP F 39 20.45 21.07 3.87
N SER F 40 20.12 19.92 3.28
CA SER F 40 20.43 19.70 1.88
C SER F 40 19.50 20.47 0.96
N VAL F 41 18.23 20.67 1.36
CA VAL F 41 17.33 21.50 0.56
C VAL F 41 17.76 22.96 0.63
N ALA F 42 18.14 23.42 1.84
CA ALA F 42 18.64 24.77 1.97
C ALA F 42 19.88 24.99 1.10
N SER F 43 20.82 24.06 1.13
CA SER F 43 22.00 24.14 0.27
C SER F 43 21.60 24.30 -1.19
N LEU F 44 20.58 23.55 -1.63
CA LEU F 44 20.25 23.51 -3.05
C LEU F 44 19.40 24.72 -3.46
N VAL F 45 18.61 25.27 -2.55
CA VAL F 45 17.94 26.54 -2.82
C VAL F 45 18.94 27.70 -2.87
N ILE F 46 19.75 27.85 -1.81
CA ILE F 46 20.66 29.00 -1.74
C ILE F 46 21.56 29.06 -2.97
N ALA F 47 22.01 27.90 -3.45
CA ALA F 47 22.82 27.86 -4.67
C ALA F 47 22.06 28.44 -5.85
N GLN F 48 20.78 28.08 -5.98
CA GLN F 48 20.00 28.55 -7.13
C GLN F 48 19.68 30.03 -7.02
N LEU F 49 19.32 30.49 -5.81
CA LEU F 49 19.07 31.92 -5.61
C LEU F 49 20.30 32.75 -5.94
N LEU F 50 21.45 32.35 -5.42
CA LEU F 50 22.69 33.07 -5.71
C LEU F 50 23.00 33.05 -7.20
N PHE F 51 22.89 31.86 -7.82
CA PHE F 51 23.06 31.78 -9.27
C PHE F 51 22.11 32.74 -9.98
N LEU F 52 20.89 32.86 -9.48
CA LEU F 52 19.88 33.63 -10.21
C LEU F 52 20.11 35.14 -10.10
N GLN F 53 20.67 35.66 -9.00
CA GLN F 53 20.98 37.08 -9.09
C GLN F 53 22.26 37.31 -9.86
N SER F 54 23.17 36.32 -9.86
CA SER F 54 24.37 36.43 -10.68
C SER F 54 23.99 36.68 -12.13
N GLU F 55 22.89 36.07 -12.58
CA GLU F 55 22.33 36.41 -13.88
C GLU F 55 21.92 37.87 -13.94
N SER F 56 21.26 38.36 -12.88
CA SER F 56 20.77 39.73 -12.82
C SER F 56 20.30 40.07 -11.41
N ASN F 57 20.82 41.16 -10.84
CA ASN F 57 20.43 41.54 -9.48
C ASN F 57 19.07 42.22 -9.41
N LYS F 58 18.44 42.49 -10.55
CA LYS F 58 17.18 43.19 -10.57
C LYS F 58 16.03 42.36 -11.14
N LYS F 59 16.31 41.36 -11.95
CA LYS F 59 15.22 40.64 -12.59
C LYS F 59 14.59 39.72 -11.54
N PRO F 60 13.26 39.69 -11.42
CA PRO F 60 12.64 38.98 -10.30
C PRO F 60 12.89 37.47 -10.34
N ILE F 61 12.76 36.86 -9.16
CA ILE F 61 12.99 35.44 -8.94
C ILE F 61 11.74 34.85 -8.28
N HIS F 62 11.34 33.64 -8.71
CA HIS F 62 10.08 33.05 -8.28
C HIS F 62 10.31 31.80 -7.45
N MET F 63 9.64 31.74 -6.30
CA MET F 63 9.69 30.58 -5.42
C MET F 63 8.32 29.94 -5.28
N TYR F 64 8.29 28.63 -5.42
CA TYR F 64 7.10 27.79 -5.28
C TYR F 64 7.22 27.04 -3.96
N ILE F 65 6.25 27.22 -3.07
CA ILE F 65 6.33 26.76 -1.70
C ILE F 65 5.19 25.76 -1.47
N ASN F 66 5.53 24.47 -1.45
CA ASN F 66 4.64 23.41 -1.00
C ASN F 66 5.44 22.58 0.00
N SER F 67 5.43 23.02 1.25
CA SER F 67 6.27 22.42 2.29
C SER F 67 5.51 22.34 3.59
N PRO F 68 5.74 21.28 4.37
CA PRO F 68 5.21 21.20 5.74
C PRO F 68 6.10 21.78 6.81
N GLY F 69 7.24 22.35 6.45
CA GLY F 69 8.21 22.88 7.39
C GLY F 69 9.51 22.11 7.38
N GLY F 70 10.21 22.18 8.49
CA GLY F 70 11.43 21.39 8.62
C GLY F 70 12.39 21.97 9.64
N VAL F 71 13.68 21.78 9.36
CA VAL F 71 14.73 22.14 10.31
C VAL F 71 14.85 23.66 10.35
N VAL F 72 14.84 24.22 11.56
CA VAL F 72 14.70 25.68 11.70
C VAL F 72 15.92 26.40 11.14
N THR F 73 17.13 25.92 11.44
CA THR F 73 18.32 26.58 10.91
C THR F 73 18.38 26.51 9.39
N ALA F 74 17.83 25.44 8.80
CA ALA F 74 17.82 25.33 7.35
C ALA F 74 16.88 26.33 6.72
N GLY F 75 15.71 26.53 7.32
CA GLY F 75 14.80 27.56 6.83
C GLY F 75 15.36 28.96 7.01
N LEU F 76 16.11 29.18 8.10
CA LEU F 76 16.73 30.47 8.33
C LEU F 76 17.88 30.71 7.36
N ALA F 77 18.63 29.66 7.03
CA ALA F 77 19.66 29.78 6.00
C ALA F 77 19.05 30.26 4.68
N ILE F 78 17.90 29.70 4.32
CA ILE F 78 17.18 30.18 3.13
C ILE F 78 16.72 31.61 3.34
N TYR F 79 16.16 31.92 4.52
CA TYR F 79 15.61 33.24 4.76
C TYR F 79 16.69 34.32 4.63
N ASP F 80 17.84 34.11 5.29
CA ASP F 80 18.94 35.06 5.20
C ASP F 80 19.34 35.31 3.74
N THR F 81 19.41 34.23 2.95
CA THR F 81 19.81 34.36 1.55
C THR F 81 18.81 35.22 0.77
N MET F 82 17.51 34.95 0.95
CA MET F 82 16.48 35.74 0.28
C MET F 82 16.63 37.22 0.57
N GLN F 83 16.90 37.57 1.83
CA GLN F 83 17.04 38.98 2.19
C GLN F 83 18.34 39.56 1.68
N TYR F 84 19.41 38.76 1.65
CA TYR F 84 20.70 39.27 1.17
C TYR F 84 20.63 39.65 -0.30
N ILE F 85 20.08 38.76 -1.14
CA ILE F 85 20.09 38.99 -2.57
C ILE F 85 19.16 40.14 -2.94
N LEU F 86 19.53 40.87 -3.99
CA LEU F 86 18.88 42.14 -4.31
C LEU F 86 17.57 41.97 -5.07
N ASN F 87 17.33 40.81 -5.68
CA ASN F 87 16.17 40.67 -6.54
C ASN F 87 14.88 40.71 -5.74
N PRO F 88 13.82 41.27 -6.31
CA PRO F 88 12.48 41.05 -5.74
C PRO F 88 12.07 39.60 -5.92
N ILE F 89 11.55 39.00 -4.85
CA ILE F 89 11.23 37.58 -4.83
C ILE F 89 9.73 37.43 -4.70
N CYS F 90 9.12 36.70 -5.64
CA CYS F 90 7.71 36.36 -5.58
C CYS F 90 7.56 34.98 -4.94
N THR F 91 6.85 34.94 -3.81
CA THR F 91 6.56 33.67 -3.16
C THR F 91 5.19 33.17 -3.62
N TRP F 92 5.12 31.90 -3.98
CA TRP F 92 3.90 31.28 -4.48
C TRP F 92 3.59 30.03 -3.68
N CYS F 93 2.48 30.06 -2.95
CA CYS F 93 2.04 28.94 -2.13
C CYS F 93 0.99 28.14 -2.89
N VAL F 94 1.33 26.94 -3.31
CA VAL F 94 0.43 26.07 -4.06
C VAL F 94 -0.08 24.91 -3.20
N GLY F 95 0.81 24.26 -2.46
CA GLY F 95 0.42 23.29 -1.47
C GLY F 95 0.25 23.93 -0.11
N GLN F 96 0.34 23.11 0.92
CA GLN F 96 0.36 23.66 2.28
C GLN F 96 1.60 24.52 2.47
N ALA F 97 1.48 25.53 3.32
CA ALA F 97 2.59 26.38 3.73
C ALA F 97 2.65 26.33 5.25
N ALA F 98 3.54 25.51 5.80
CA ALA F 98 3.51 25.18 7.21
C ALA F 98 4.89 25.33 7.84
N SER F 99 4.90 25.67 9.13
N SER F 99 4.90 25.71 9.12
CA SER F 99 6.11 25.82 9.92
CA SER F 99 6.10 25.80 9.95
C SER F 99 7.10 26.77 9.25
C SER F 99 7.09 26.74 9.27
N MET F 100 8.26 26.27 8.85
CA MET F 100 9.23 27.15 8.19
C MET F 100 8.80 27.50 6.77
N GLY F 101 8.01 26.62 6.13
CA GLY F 101 7.52 26.94 4.80
C GLY F 101 6.69 28.21 4.78
N SER F 102 5.88 28.42 5.82
CA SER F 102 5.12 29.66 5.91
C SER F 102 6.04 30.86 6.15
N LEU F 103 7.16 30.66 6.84
CA LEU F 103 8.09 31.76 7.05
C LEU F 103 8.72 32.21 5.73
N LEU F 104 9.05 31.26 4.86
CA LEU F 104 9.57 31.63 3.55
C LEU F 104 8.51 32.34 2.71
N LEU F 105 7.25 31.94 2.87
CA LEU F 105 6.16 32.57 2.12
C LEU F 105 5.99 34.03 2.53
N ALA F 106 5.96 34.28 3.84
CA ALA F 106 5.74 35.64 4.32
C ALA F 106 6.95 36.54 4.09
N ALA F 107 8.13 35.97 3.88
CA ALA F 107 9.34 36.75 3.69
C ALA F 107 9.49 37.27 2.26
N GLY F 108 8.53 37.00 1.38
CA GLY F 108 8.62 37.50 0.03
C GLY F 108 8.58 39.01 -0.04
N THR F 109 9.01 39.53 -1.18
CA THR F 109 9.02 40.97 -1.39
C THR F 109 7.61 41.52 -1.21
N PRO F 110 7.43 42.58 -0.41
CA PRO F 110 6.07 43.01 -0.06
C PRO F 110 5.23 43.35 -1.29
N GLY F 111 3.97 42.91 -1.25
CA GLY F 111 3.06 43.04 -2.37
C GLY F 111 3.15 41.93 -3.39
N MET F 112 4.10 41.02 -3.24
CA MET F 112 4.43 40.03 -4.26
C MET F 112 4.28 38.60 -3.75
N ARG F 113 3.58 38.40 -2.64
CA ARG F 113 3.45 37.11 -2.00
C ARG F 113 2.04 36.56 -2.29
N HIS F 114 1.98 35.46 -3.03
CA HIS F 114 0.72 34.94 -3.55
C HIS F 114 0.36 33.61 -2.91
N SER F 115 -0.82 33.12 -3.26
CA SER F 115 -1.28 31.79 -2.86
C SER F 115 -2.44 31.39 -3.77
N LEU F 116 -2.48 30.11 -4.12
CA LEU F 116 -3.58 29.57 -4.89
C LEU F 116 -4.76 29.27 -3.98
N PRO F 117 -5.98 29.24 -4.53
CA PRO F 117 -7.17 29.39 -3.66
C PRO F 117 -7.33 28.32 -2.57
N ASN F 118 -6.86 27.10 -2.80
CA ASN F 118 -7.14 26.00 -1.87
C ASN F 118 -5.95 25.62 -1.00
N SER F 119 -4.91 26.44 -0.95
CA SER F 119 -3.81 26.20 -0.03
C SER F 119 -4.27 26.36 1.42
N ARG F 120 -3.50 25.81 2.35
CA ARG F 120 -3.67 26.07 3.77
C ARG F 120 -2.32 26.47 4.35
N ILE F 121 -2.29 27.57 5.10
CA ILE F 121 -1.06 28.13 5.66
C ILE F 121 -1.13 27.97 7.18
N MET F 122 -0.02 27.53 7.78
CA MET F 122 0.08 27.36 9.23
C MET F 122 1.41 27.92 9.70
N ILE F 123 1.36 28.88 10.63
CA ILE F 123 2.58 29.42 11.24
C ILE F 123 2.98 28.64 12.47
N HIS F 124 2.07 27.87 13.06
CA HIS F 124 2.38 27.07 14.24
C HIS F 124 3.52 26.11 13.96
N GLN F 125 4.49 26.06 14.87
CA GLN F 125 5.61 25.15 14.67
C GLN F 125 5.32 23.82 15.36
N PRO F 126 5.62 22.69 14.72
CA PRO F 126 5.31 21.39 15.30
C PRO F 126 6.14 21.12 16.55
N SER F 127 5.71 20.11 17.30
CA SER F 127 6.42 19.71 18.51
C SER F 127 7.42 18.61 18.19
N ALA F 138 20.03 18.10 18.92
CA ALA F 138 19.37 18.14 20.21
C ALA F 138 19.85 19.35 20.90
N ILE F 139 18.98 20.05 21.59
CA ILE F 139 19.44 21.28 22.15
C ILE F 139 18.83 21.64 23.47
N GLN F 140 19.36 22.69 24.07
CA GLN F 140 18.88 23.08 25.37
C GLN F 140 17.64 23.84 25.27
N ALA F 141 16.98 23.98 26.40
CA ALA F 141 15.76 24.77 26.41
C ALA F 141 16.05 26.21 26.04
N GLU F 142 17.14 26.78 26.57
CA GLU F 142 17.48 28.16 26.26
C GLU F 142 17.70 28.35 24.76
N GLU F 143 18.28 27.35 24.09
CA GLU F 143 18.58 27.49 22.67
C GLU F 143 17.34 27.30 21.80
N ILE F 144 16.54 26.27 22.08
CA ILE F 144 15.23 26.16 21.44
C ILE F 144 14.47 27.48 21.55
N MET F 145 14.45 28.06 22.75
CA MET F 145 13.69 29.27 23.01
C MET F 145 14.33 30.51 22.41
N LYS F 146 15.65 30.51 22.21
CA LYS F 146 16.29 31.60 21.48
C LYS F 146 15.88 31.58 20.01
N LEU F 147 15.74 30.39 19.43
CA LEU F 147 15.36 30.30 18.02
C LEU F 147 13.88 30.65 17.82
N LYS F 148 13.02 30.27 18.76
CA LYS F 148 11.60 30.57 18.60
C LYS F 148 11.35 32.06 18.48
N LYS F 149 12.12 32.87 19.19
CA LYS F 149 11.92 34.31 19.15
C LYS F 149 12.53 34.94 17.92
N GLN F 150 13.52 34.29 17.30
CA GLN F 150 14.00 34.73 16.00
C GLN F 150 12.90 34.62 14.96
N LEU F 151 12.06 33.57 15.06
CA LEU F 151 10.91 33.46 14.19
C LEU F 151 9.88 34.57 14.50
N TYR F 152 9.57 34.76 15.76
CA TYR F 152 8.64 35.78 16.15
C TYR F 152 8.96 37.07 15.47
N ASN F 153 10.18 37.51 15.64
CA ASN F 153 10.57 38.75 15.08
C ASN F 153 10.62 38.67 13.58
N ILE F 154 11.08 37.58 13.02
CA ILE F 154 11.01 37.49 11.56
C ILE F 154 9.56 37.59 11.09
N TYR F 155 8.66 36.91 11.79
CA TYR F 155 7.24 36.97 11.42
C TYR F 155 6.68 38.38 11.63
N ALA F 156 6.94 38.98 12.80
CA ALA F 156 6.48 40.34 13.06
C ALA F 156 7.05 41.31 12.03
N LYS F 157 8.29 41.10 11.60
CA LYS F 157 8.84 41.91 10.51
C LYS F 157 7.99 41.81 9.26
N HIS F 158 7.65 40.59 8.85
CA HIS F 158 6.97 40.38 7.57
C HIS F 158 5.45 40.37 7.70
N THR F 159 4.91 39.48 8.54
CA THR F 159 3.44 39.37 8.64
C THR F 159 2.83 40.70 9.00
N LYS F 160 3.63 41.59 9.60
CA LYS F 160 3.18 42.92 9.97
C LYS F 160 2.14 42.81 11.10
N GLN F 161 2.33 41.81 11.94
CA GLN F 161 1.51 41.63 13.13
C GLN F 161 2.38 41.83 14.36
N SER F 162 1.82 42.46 15.38
CA SER F 162 2.61 42.74 16.56
C SER F 162 3.05 41.43 17.21
N LEU F 163 4.20 41.50 17.90
CA LEU F 163 4.93 40.30 18.29
C LEU F 163 4.03 39.37 19.08
N GLN F 164 3.21 39.97 19.92
CA GLN F 164 2.34 39.27 20.85
C GLN F 164 1.28 38.48 20.10
N VAL F 165 0.72 39.06 19.03
CA VAL F 165 -0.36 38.37 18.34
C VAL F 165 0.22 37.24 17.51
N ILE F 166 1.44 37.44 16.99
CA ILE F 166 2.22 36.36 16.39
C ILE F 166 2.27 35.17 17.34
N GLU F 167 2.74 35.44 18.58
CA GLU F 167 2.82 34.42 19.60
C GLU F 167 1.48 33.72 19.82
N SER F 168 0.42 34.51 19.99
CA SER F 168 -0.91 33.93 20.19
C SER F 168 -1.31 33.08 18.99
N ALA F 169 -1.09 33.58 17.78
CA ALA F 169 -1.47 32.82 16.59
C ALA F 169 -0.67 31.52 16.45
N MET F 170 0.60 31.51 16.87
CA MET F 170 1.43 30.31 16.73
C MET F 170 1.07 29.23 17.74
N GLU F 171 0.76 29.62 18.98
CA GLU F 171 0.36 28.63 19.95
C GLU F 171 -0.95 27.96 19.59
N ARG F 172 -1.67 28.51 18.62
CA ARG F 172 -2.91 27.93 18.12
C ARG F 172 -2.58 26.92 17.03
N ASP F 173 -2.83 25.64 17.31
CA ASP F 173 -2.58 24.55 16.37
C ASP F 173 -3.71 24.52 15.35
N ARG F 174 -3.66 25.44 14.39
CA ARG F 174 -4.70 25.54 13.39
C ARG F 174 -4.09 26.07 12.09
N TYR F 175 -4.82 25.85 11.00
CA TYR F 175 -4.42 26.34 9.69
C TYR F 175 -5.19 27.60 9.31
N MET F 176 -4.64 28.32 8.35
CA MET F 176 -5.26 29.52 7.80
C MET F 176 -5.68 29.29 6.36
N SER F 177 -6.71 30.00 5.94
CA SER F 177 -7.05 30.04 4.52
C SER F 177 -6.25 31.14 3.84
N PRO F 178 -6.12 31.08 2.50
CA PRO F 178 -5.44 32.18 1.80
C PRO F 178 -6.02 33.55 2.11
N MET F 179 -7.34 33.65 2.27
CA MET F 179 -7.95 34.91 2.66
C MET F 179 -7.54 35.29 4.09
N GLU F 180 -7.59 34.33 5.01
CA GLU F 180 -7.14 34.58 6.38
C GLU F 180 -5.69 35.06 6.39
N ALA F 181 -4.80 34.34 5.70
CA ALA F 181 -3.39 34.71 5.67
C ALA F 181 -3.19 36.10 5.08
N GLN F 182 -4.05 36.51 4.14
CA GLN F 182 -3.96 37.85 3.58
C GLN F 182 -4.32 38.89 4.62
N GLU F 183 -5.42 38.67 5.36
CA GLU F 183 -5.79 39.57 6.44
C GLU F 183 -4.70 39.61 7.50
N PHE F 184 -4.06 38.47 7.76
CA PHE F 184 -3.01 38.40 8.77
C PHE F 184 -1.70 39.04 8.28
N GLY F 185 -1.53 39.20 6.98
CA GLY F 185 -0.31 39.80 6.45
C GLY F 185 0.76 38.81 6.05
N ILE F 186 0.44 37.52 5.97
CA ILE F 186 1.42 36.53 5.52
C ILE F 186 1.64 36.63 4.02
N LEU F 187 0.58 36.95 3.27
CA LEU F 187 0.65 37.00 1.82
C LEU F 187 -0.19 38.17 1.32
N ASP F 188 -0.04 38.50 0.04
CA ASP F 188 -0.57 39.75 -0.49
C ASP F 188 -1.72 39.58 -1.47
N LYS F 189 -1.72 38.51 -2.27
CA LYS F 189 -2.77 38.32 -3.28
C LYS F 189 -3.19 36.86 -3.30
N VAL F 190 -4.50 36.65 -3.39
CA VAL F 190 -5.10 35.33 -3.53
C VAL F 190 -5.77 35.30 -4.89
N LEU F 191 -5.11 34.70 -5.88
CA LEU F 191 -5.70 34.62 -7.21
C LEU F 191 -6.32 33.26 -7.45
N VAL F 192 -7.26 33.25 -8.40
CA VAL F 192 -7.81 32.04 -8.98
C VAL F 192 -7.32 31.84 -10.41
N HIS F 193 -7.33 32.89 -11.22
CA HIS F 193 -6.89 32.86 -12.60
C HIS F 193 -5.90 33.99 -12.83
N PRO F 194 -5.11 33.91 -13.91
CA PRO F 194 -4.25 35.04 -14.28
C PRO F 194 -5.01 36.34 -14.49
N LEU G 4 32.06 -3.17 -11.48
CA LEU G 4 30.98 -3.04 -12.46
C LEU G 4 31.26 -3.86 -13.71
N ILE G 5 30.65 -3.47 -14.81
CA ILE G 5 30.76 -4.18 -16.08
C ILE G 5 31.86 -3.50 -16.91
N PRO G 6 32.90 -4.22 -17.31
CA PRO G 6 33.91 -3.60 -18.19
C PRO G 6 33.33 -3.30 -19.57
N ILE G 7 34.04 -2.44 -20.30
CA ILE G 7 33.67 -2.03 -21.65
C ILE G 7 34.73 -2.51 -22.63
N VAL G 8 34.30 -2.90 -23.84
CA VAL G 8 35.22 -3.19 -24.92
C VAL G 8 34.95 -2.20 -26.04
N VAL G 9 35.95 -1.99 -26.89
CA VAL G 9 35.85 -1.04 -27.99
C VAL G 9 36.17 -1.77 -29.28
N GLU G 10 35.46 -1.42 -30.36
CA GLU G 10 35.67 -2.08 -31.65
C GLU G 10 35.58 -1.09 -32.81
N ARG G 17 33.30 2.36 -31.64
CA ARG G 17 32.13 2.05 -30.83
C ARG G 17 32.52 1.23 -29.61
N ALA G 18 31.87 1.51 -28.49
CA ALA G 18 32.16 0.87 -27.22
C ALA G 18 30.97 0.03 -26.76
N TYR G 19 31.26 -1.16 -26.24
CA TYR G 19 30.23 -2.07 -25.75
C TYR G 19 30.60 -2.56 -24.36
N ASP G 20 29.61 -2.65 -23.48
CA ASP G 20 29.77 -3.49 -22.32
C ASP G 20 30.05 -4.92 -22.79
N ILE G 21 30.84 -5.65 -22.01
CA ILE G 21 31.30 -6.97 -22.46
C ILE G 21 30.11 -7.84 -22.84
N TYR G 22 29.02 -7.78 -22.06
CA TYR G 22 27.90 -8.68 -22.29
C TYR G 22 27.20 -8.40 -23.61
N SER G 23 27.01 -7.13 -23.96
CA SER G 23 26.45 -6.79 -25.26
C SER G 23 27.42 -7.12 -26.38
N ARG G 24 28.71 -7.22 -26.09
CA ARG G 24 29.67 -7.66 -27.10
C ARG G 24 29.48 -9.14 -27.42
N LEU G 25 29.25 -9.97 -26.40
CA LEU G 25 29.02 -11.39 -26.65
C LEU G 25 27.75 -11.60 -27.48
N LEU G 26 26.82 -10.63 -27.46
CA LEU G 26 25.56 -10.78 -28.18
C LEU G 26 25.72 -10.58 -29.69
N ARG G 27 26.55 -9.61 -30.10
CA ARG G 27 26.82 -9.48 -31.53
C ARG G 27 27.55 -10.69 -32.09
N GLU G 28 28.22 -11.46 -31.23
CA GLU G 28 28.81 -12.74 -31.61
C GLU G 28 27.78 -13.86 -31.65
N ARG G 29 26.50 -13.54 -31.36
CA ARG G 29 25.42 -14.51 -31.30
C ARG G 29 25.57 -15.46 -30.11
N ILE G 30 26.10 -14.97 -29.00
CA ILE G 30 26.23 -15.73 -27.76
C ILE G 30 25.26 -15.15 -26.74
N VAL G 31 24.43 -16.02 -26.16
CA VAL G 31 23.49 -15.63 -25.11
C VAL G 31 23.87 -16.36 -23.84
N CYS G 32 23.84 -15.65 -22.71
CA CYS G 32 24.31 -16.16 -21.44
C CYS G 32 23.13 -16.44 -20.53
N VAL G 33 22.84 -17.72 -20.30
CA VAL G 33 21.87 -18.11 -19.29
C VAL G 33 22.62 -18.54 -18.04
N MET G 34 23.01 -17.56 -17.22
CA MET G 34 23.77 -17.83 -16.01
C MET G 34 23.06 -17.21 -14.82
N GLY G 35 23.02 -17.96 -13.72
CA GLY G 35 22.31 -17.55 -12.54
C GLY G 35 20.99 -18.27 -12.43
N PRO G 36 20.20 -17.92 -11.42
CA PRO G 36 18.88 -18.54 -11.26
C PRO G 36 17.93 -18.08 -12.36
N ILE G 37 17.08 -19.00 -12.81
CA ILE G 37 16.15 -18.74 -13.90
C ILE G 37 14.84 -18.22 -13.31
N ASP G 38 14.50 -16.98 -13.64
CA ASP G 38 13.21 -16.43 -13.24
C ASP G 38 12.49 -15.87 -14.46
N ASP G 39 11.39 -15.14 -14.23
CA ASP G 39 10.67 -14.58 -15.37
C ASP G 39 11.46 -13.46 -16.05
N SER G 40 12.25 -12.71 -15.28
CA SER G 40 13.08 -11.67 -15.88
C SER G 40 14.16 -12.27 -16.78
N VAL G 41 14.88 -13.27 -16.28
CA VAL G 41 15.91 -13.92 -17.09
C VAL G 41 15.27 -14.55 -18.32
N ALA G 42 14.14 -15.23 -18.15
CA ALA G 42 13.46 -15.85 -19.29
C ALA G 42 13.04 -14.81 -20.32
N SER G 43 12.76 -13.58 -19.89
CA SER G 43 12.31 -12.56 -20.83
C SER G 43 13.46 -12.05 -21.69
N LEU G 44 14.63 -11.79 -21.09
CA LEU G 44 15.79 -11.39 -21.87
C LEU G 44 16.20 -12.49 -22.85
N VAL G 45 16.31 -13.73 -22.35
CA VAL G 45 16.74 -14.83 -23.19
C VAL G 45 15.84 -14.99 -24.41
N ILE G 46 14.53 -14.92 -24.19
CA ILE G 46 13.58 -15.03 -25.31
C ILE G 46 13.78 -13.88 -26.29
N ALA G 47 14.04 -12.67 -25.77
CA ALA G 47 14.21 -11.50 -26.63
C ALA G 47 15.47 -11.61 -27.47
N GLN G 48 16.60 -11.94 -26.85
CA GLN G 48 17.84 -12.10 -27.59
C GLN G 48 17.72 -13.20 -28.64
N LEU G 49 16.99 -14.27 -28.31
CA LEU G 49 16.84 -15.38 -29.25
C LEU G 49 16.02 -14.98 -30.47
N LEU G 50 14.86 -14.34 -30.23
CA LEU G 50 14.06 -13.86 -31.35
C LEU G 50 14.81 -12.80 -32.15
N PHE G 51 15.61 -11.97 -31.48
CA PHE G 51 16.40 -10.97 -32.19
C PHE G 51 17.47 -11.63 -33.06
N LEU G 52 18.18 -12.61 -32.51
CA LEU G 52 19.22 -13.29 -33.27
C LEU G 52 18.64 -14.02 -34.47
N GLN G 53 17.40 -14.51 -34.36
CA GLN G 53 16.76 -15.14 -35.51
C GLN G 53 16.49 -14.12 -36.62
N SER G 54 16.28 -12.85 -36.27
CA SER G 54 15.98 -11.83 -37.27
C SER G 54 17.23 -11.41 -38.04
N GLU G 55 18.39 -11.36 -37.38
CA GLU G 55 19.62 -11.03 -38.08
C GLU G 55 20.01 -12.13 -39.06
N SER G 56 19.73 -13.38 -38.71
CA SER G 56 19.91 -14.53 -39.60
C SER G 56 19.28 -15.76 -38.97
N ASN G 57 18.30 -16.37 -39.63
CA ASN G 57 17.69 -17.59 -39.10
C ASN G 57 18.48 -18.84 -39.46
N LYS G 58 19.62 -18.71 -40.13
CA LYS G 58 20.45 -19.86 -40.48
C LYS G 58 21.71 -19.97 -39.65
N LYS G 59 22.14 -18.89 -39.00
CA LYS G 59 23.47 -18.98 -38.42
C LYS G 59 23.38 -19.32 -36.94
N PRO G 60 24.23 -20.24 -36.46
CA PRO G 60 24.02 -20.80 -35.12
C PRO G 60 24.08 -19.77 -34.00
N ILE G 61 23.28 -20.02 -32.97
CA ILE G 61 23.30 -19.24 -31.74
C ILE G 61 23.98 -20.08 -30.67
N HIS G 62 24.79 -19.45 -29.83
CA HIS G 62 25.53 -20.15 -28.79
C HIS G 62 24.95 -19.80 -27.43
N MET G 63 24.58 -20.81 -26.65
CA MET G 63 24.13 -20.61 -25.28
C MET G 63 25.11 -21.15 -24.27
N TYR G 64 25.30 -20.35 -23.23
CA TYR G 64 26.20 -20.61 -22.14
C TYR G 64 25.35 -20.78 -20.89
N ILE G 65 25.45 -21.95 -20.26
CA ILE G 65 24.60 -22.30 -19.13
C ILE G 65 25.48 -22.54 -17.92
N ASN G 66 25.30 -21.72 -16.89
CA ASN G 66 25.89 -21.91 -15.57
C ASN G 66 24.81 -21.62 -14.54
N SER G 67 23.75 -22.42 -14.56
CA SER G 67 22.58 -22.12 -13.78
C SER G 67 22.29 -23.21 -12.75
N PRO G 68 21.85 -22.83 -11.55
CA PRO G 68 21.43 -23.83 -10.55
C PRO G 68 19.96 -24.18 -10.57
N GLY G 69 19.22 -23.80 -11.63
CA GLY G 69 17.80 -24.07 -11.70
C GLY G 69 16.99 -22.80 -11.84
N GLY G 70 15.72 -22.85 -11.45
CA GLY G 70 14.88 -21.68 -11.48
C GLY G 70 13.42 -22.06 -11.64
N VAL G 71 12.59 -21.03 -11.85
CA VAL G 71 11.15 -21.22 -11.98
C VAL G 71 10.87 -22.12 -13.18
N VAL G 72 10.02 -23.13 -12.97
CA VAL G 72 9.78 -24.14 -14.01
C VAL G 72 9.18 -23.51 -15.24
N THR G 73 8.13 -22.69 -15.06
CA THR G 73 7.47 -22.08 -16.21
C THR G 73 8.40 -21.11 -16.94
N ALA G 74 9.33 -20.48 -16.22
CA ALA G 74 10.31 -19.63 -16.87
C ALA G 74 11.25 -20.45 -17.74
N GLY G 75 11.70 -21.60 -17.24
CA GLY G 75 12.54 -22.46 -18.06
C GLY G 75 11.82 -23.02 -19.26
N LEU G 76 10.54 -23.38 -19.08
CA LEU G 76 9.74 -23.88 -20.20
C LEU G 76 9.57 -22.80 -21.27
N ALA G 77 9.41 -21.54 -20.85
CA ALA G 77 9.28 -20.45 -21.81
C ALA G 77 10.53 -20.32 -22.67
N ILE G 78 11.70 -20.47 -22.05
CA ILE G 78 12.95 -20.45 -22.83
C ILE G 78 13.03 -21.66 -23.74
N TYR G 79 12.69 -22.84 -23.20
CA TYR G 79 12.76 -24.06 -23.99
C TYR G 79 11.88 -23.98 -25.24
N ASP G 80 10.64 -23.53 -25.06
CA ASP G 80 9.73 -23.40 -26.20
C ASP G 80 10.29 -22.44 -27.25
N THR G 81 10.90 -21.34 -26.80
CA THR G 81 11.53 -20.41 -27.73
C THR G 81 12.69 -21.07 -28.46
N MET G 82 13.43 -21.95 -27.78
CA MET G 82 14.53 -22.65 -28.42
C MET G 82 14.04 -23.52 -29.56
N GLN G 83 12.91 -24.22 -29.37
CA GLN G 83 12.40 -25.10 -30.42
C GLN G 83 11.77 -24.30 -31.54
N TYR G 84 11.08 -23.20 -31.21
CA TYR G 84 10.37 -22.42 -32.22
C TYR G 84 11.30 -21.93 -33.32
N ILE G 85 12.34 -21.19 -32.93
CA ILE G 85 13.22 -20.57 -33.90
C ILE G 85 13.92 -21.63 -34.75
N LEU G 86 14.28 -21.26 -35.97
CA LEU G 86 14.87 -22.20 -36.91
C LEU G 86 16.38 -22.35 -36.76
N ASN G 87 17.03 -21.47 -36.00
CA ASN G 87 18.48 -21.55 -35.86
C ASN G 87 18.87 -22.81 -35.08
N PRO G 88 19.96 -23.46 -35.45
CA PRO G 88 20.56 -24.45 -34.55
C PRO G 88 21.13 -23.75 -33.33
N ILE G 89 21.06 -24.43 -32.19
CA ILE G 89 21.43 -23.85 -30.91
C ILE G 89 22.54 -24.70 -30.30
N CYS G 90 23.70 -24.10 -30.11
CA CYS G 90 24.81 -24.74 -29.43
C CYS G 90 24.73 -24.39 -27.95
N THR G 91 24.43 -25.39 -27.11
CA THR G 91 24.34 -25.20 -25.68
C THR G 91 25.66 -25.60 -25.03
N TRP G 92 26.14 -24.77 -24.10
CA TRP G 92 27.41 -24.99 -23.44
C TRP G 92 27.18 -24.93 -21.94
N CYS G 93 27.53 -26.01 -21.25
CA CYS G 93 27.43 -26.06 -19.79
C CYS G 93 28.81 -25.84 -19.20
N VAL G 94 28.96 -24.76 -18.46
CA VAL G 94 30.16 -24.48 -17.68
C VAL G 94 29.72 -24.24 -16.24
N GLY G 95 30.53 -24.71 -15.30
CA GLY G 95 30.16 -24.62 -13.90
C GLY G 95 29.14 -25.67 -13.51
N GLN G 96 27.86 -25.41 -13.80
CA GLN G 96 26.82 -26.38 -13.48
C GLN G 96 25.56 -26.06 -14.26
N ALA G 97 24.74 -27.10 -14.46
CA ALA G 97 23.41 -26.97 -15.03
C ALA G 97 22.51 -27.91 -14.25
N ALA G 98 21.59 -27.35 -13.46
CA ALA G 98 20.75 -28.13 -12.57
C ALA G 98 19.28 -27.87 -12.87
N SER G 99 18.48 -28.94 -12.78
CA SER G 99 17.04 -28.87 -13.02
C SER G 99 16.75 -28.17 -14.34
N MET G 100 15.97 -27.08 -14.30
CA MET G 100 15.65 -26.35 -15.52
C MET G 100 16.90 -25.93 -16.29
N GLY G 101 18.00 -25.71 -15.58
CA GLY G 101 19.25 -25.42 -16.27
C GLY G 101 19.73 -26.58 -17.13
N SER G 102 19.76 -27.78 -16.56
CA SER G 102 20.18 -28.94 -17.31
C SER G 102 19.18 -29.33 -18.39
N LEU G 103 17.91 -28.94 -18.25
CA LEU G 103 16.94 -29.18 -19.31
C LEU G 103 17.28 -28.36 -20.55
N LEU G 104 17.57 -27.07 -20.38
CA LEU G 104 17.94 -26.24 -21.52
C LEU G 104 19.19 -26.79 -22.21
N LEU G 105 20.15 -27.28 -21.43
CA LEU G 105 21.37 -27.85 -22.01
C LEU G 105 21.05 -29.04 -22.90
N ALA G 106 20.20 -29.96 -22.41
CA ALA G 106 19.81 -31.12 -23.19
C ALA G 106 18.89 -30.79 -24.35
N ALA G 107 18.33 -29.58 -24.38
CA ALA G 107 17.39 -29.17 -25.42
C ALA G 107 18.07 -28.45 -26.57
N GLY G 108 19.39 -28.41 -26.60
CA GLY G 108 20.11 -27.87 -27.73
C GLY G 108 19.94 -28.75 -28.95
N THR G 109 20.48 -28.26 -30.06
CA THR G 109 20.38 -28.99 -31.32
C THR G 109 21.15 -30.30 -31.23
N PRO G 110 20.57 -31.42 -31.66
CA PRO G 110 21.25 -32.71 -31.52
C PRO G 110 22.64 -32.72 -32.13
N GLY G 111 23.63 -33.12 -31.33
CA GLY G 111 25.01 -33.07 -31.73
C GLY G 111 25.74 -31.82 -31.33
N MET G 112 25.05 -30.83 -30.77
CA MET G 112 25.63 -29.54 -30.42
C MET G 112 25.36 -29.20 -28.96
N ARG G 113 25.45 -30.20 -28.08
CA ARG G 113 25.28 -30.02 -26.64
C ARG G 113 26.61 -30.32 -25.97
N HIS G 114 27.31 -29.27 -25.56
CA HIS G 114 28.68 -29.37 -25.06
C HIS G 114 28.74 -29.15 -23.55
N SER G 115 29.86 -29.55 -22.97
CA SER G 115 30.14 -29.31 -21.56
C SER G 115 31.63 -29.27 -21.34
N LEU G 116 32.05 -28.38 -20.45
CA LEU G 116 33.45 -28.28 -20.07
C LEU G 116 33.80 -29.41 -19.10
N PRO G 117 35.09 -29.74 -18.96
CA PRO G 117 35.46 -30.99 -18.25
C PRO G 117 34.96 -31.09 -16.81
N ASN G 118 34.92 -30.00 -16.05
CA ASN G 118 34.59 -30.08 -14.64
C ASN G 118 33.16 -29.65 -14.32
N SER G 119 32.31 -29.48 -15.33
CA SER G 119 30.94 -29.07 -15.10
C SER G 119 30.16 -30.18 -14.39
N ARG G 120 28.99 -29.80 -13.90
CA ARG G 120 28.14 -30.75 -13.18
C ARG G 120 26.73 -30.64 -13.70
N ILE G 121 26.02 -31.76 -13.75
CA ILE G 121 24.66 -31.80 -14.27
C ILE G 121 23.75 -32.47 -13.25
N MET G 122 22.56 -31.90 -13.07
CA MET G 122 21.57 -32.47 -12.17
C MET G 122 20.18 -32.32 -12.78
N ILE G 123 19.51 -33.43 -13.05
CA ILE G 123 18.12 -33.39 -13.48
C ILE G 123 17.15 -33.48 -12.32
N HIS G 124 17.63 -33.76 -11.12
CA HIS G 124 16.78 -33.76 -9.94
C HIS G 124 16.17 -32.38 -9.71
N GLN G 125 14.89 -32.36 -9.40
CA GLN G 125 14.30 -31.05 -9.14
C GLN G 125 14.43 -30.69 -7.66
N PRO G 126 14.61 -29.41 -7.36
CA PRO G 126 14.65 -29.01 -5.94
C PRO G 126 13.28 -29.19 -5.30
N SER G 127 13.28 -29.20 -3.99
CA SER G 127 12.07 -29.49 -3.24
C SER G 127 11.43 -28.23 -2.69
N ILE G 137 3.96 -18.08 -7.40
CA ILE G 137 2.61 -18.50 -7.03
C ILE G 137 2.63 -20.00 -6.71
N ALA G 138 2.09 -20.36 -5.55
CA ALA G 138 2.04 -21.75 -5.14
C ALA G 138 0.89 -22.46 -5.85
N ILE G 139 1.02 -23.79 -5.97
CA ILE G 139 0.17 -24.56 -6.86
C ILE G 139 -0.39 -25.77 -6.13
N GLN G 140 -1.45 -26.35 -6.71
CA GLN G 140 -2.08 -27.54 -6.17
C GLN G 140 -1.21 -28.76 -6.41
N ALA G 141 -1.51 -29.83 -5.65
CA ALA G 141 -0.80 -31.09 -5.84
C ALA G 141 -0.93 -31.60 -7.27
N GLU G 142 -2.14 -31.57 -7.81
CA GLU G 142 -2.36 -32.06 -9.17
C GLU G 142 -1.60 -31.25 -10.20
N GLU G 143 -1.32 -29.98 -9.90
CA GLU G 143 -0.67 -29.11 -10.87
C GLU G 143 0.86 -29.20 -10.84
N ILE G 144 1.45 -29.48 -9.69
CA ILE G 144 2.89 -29.72 -9.67
C ILE G 144 3.20 -31.07 -10.32
N MET G 145 2.25 -32.00 -10.25
CA MET G 145 2.47 -33.30 -10.89
C MET G 145 2.36 -33.20 -12.41
N LYS G 146 1.52 -32.30 -12.91
CA LYS G 146 1.40 -32.14 -14.36
C LYS G 146 2.69 -31.59 -14.96
N LEU G 147 3.26 -30.55 -14.33
CA LEU G 147 4.53 -30.02 -14.81
C LEU G 147 5.66 -31.05 -14.66
N LYS G 148 5.68 -31.76 -13.53
CA LYS G 148 6.65 -32.82 -13.35
C LYS G 148 6.59 -33.83 -14.50
N LYS G 149 5.39 -34.08 -15.02
CA LYS G 149 5.24 -35.02 -16.13
C LYS G 149 5.64 -34.41 -17.46
N GLN G 150 5.46 -33.10 -17.64
CA GLN G 150 5.94 -32.46 -18.85
C GLN G 150 7.46 -32.53 -18.93
N LEU G 151 8.15 -32.28 -17.82
CA LEU G 151 9.60 -32.39 -17.80
C LEU G 151 10.04 -33.81 -18.17
N TYR G 152 9.32 -34.82 -17.71
CA TYR G 152 9.60 -36.20 -18.10
C TYR G 152 9.58 -36.35 -19.61
N ASN G 153 8.48 -35.94 -20.25
CA ASN G 153 8.35 -36.11 -21.69
C ASN G 153 9.38 -35.27 -22.44
N ILE G 154 9.63 -34.04 -21.98
CA ILE G 154 10.65 -33.21 -22.60
C ILE G 154 12.02 -33.87 -22.48
N TYR G 155 12.36 -34.33 -21.26
CA TYR G 155 13.62 -35.03 -21.07
C TYR G 155 13.66 -36.30 -21.92
N ALA G 156 12.58 -37.08 -21.91
CA ALA G 156 12.54 -38.32 -22.67
C ALA G 156 12.76 -38.07 -24.16
N LYS G 157 12.32 -36.92 -24.67
CA LYS G 157 12.48 -36.62 -26.09
C LYS G 157 13.94 -36.38 -26.44
N HIS G 158 14.57 -35.41 -25.78
CA HIS G 158 15.91 -34.97 -26.17
C HIS G 158 17.02 -35.88 -25.65
N THR G 159 16.74 -36.72 -24.66
CA THR G 159 17.72 -37.68 -24.16
C THR G 159 17.53 -39.11 -24.69
N LYS G 160 16.40 -39.40 -25.34
CA LYS G 160 16.13 -40.70 -25.97
C LYS G 160 15.99 -41.84 -24.98
N GLN G 161 15.67 -41.55 -23.72
CA GLN G 161 15.45 -42.58 -22.72
C GLN G 161 13.96 -42.83 -22.54
N SER G 162 13.66 -43.99 -21.95
CA SER G 162 12.28 -44.24 -21.56
C SER G 162 11.88 -43.29 -20.43
N LEU G 163 10.62 -42.85 -20.49
CA LEU G 163 9.99 -42.19 -19.35
C LEU G 163 10.36 -42.86 -18.03
N GLN G 164 10.20 -44.18 -17.98
CA GLN G 164 10.55 -44.96 -16.79
C GLN G 164 11.99 -44.74 -16.37
N VAL G 165 12.90 -44.55 -17.33
CA VAL G 165 14.28 -44.20 -17.00
C VAL G 165 14.35 -42.80 -16.41
N ILE G 166 13.63 -41.85 -17.03
CA ILE G 166 13.71 -40.45 -16.62
C ILE G 166 13.12 -40.27 -15.22
N GLU G 167 11.94 -40.83 -14.97
CA GLU G 167 11.29 -40.65 -13.68
C GLU G 167 12.16 -41.12 -12.53
N SER G 168 12.83 -42.26 -12.70
CA SER G 168 13.67 -42.79 -11.62
C SER G 168 14.96 -41.98 -11.47
N ALA G 169 15.53 -41.53 -12.59
CA ALA G 169 16.79 -40.78 -12.52
C ALA G 169 16.60 -39.46 -11.79
N MET G 170 15.51 -38.74 -12.05
CA MET G 170 15.22 -37.52 -11.31
C MET G 170 14.82 -37.79 -9.86
N GLU G 171 14.51 -39.02 -9.50
CA GLU G 171 14.17 -39.32 -8.11
C GLU G 171 15.39 -39.29 -7.21
N ARG G 172 16.59 -39.39 -7.77
CA ARG G 172 17.83 -39.36 -7.01
C ARG G 172 18.39 -37.95 -6.96
N ASP G 173 18.84 -37.54 -5.77
CA ASP G 173 19.34 -36.20 -5.50
C ASP G 173 20.85 -36.22 -5.64
N ARG G 174 21.32 -36.24 -6.89
CA ARG G 174 22.74 -36.31 -7.15
C ARG G 174 23.06 -35.60 -8.45
N TYR G 175 24.34 -35.25 -8.62
CA TYR G 175 24.86 -34.68 -9.84
C TYR G 175 25.61 -35.74 -10.62
N MET G 176 25.73 -35.51 -11.93
CA MET G 176 26.45 -36.41 -12.82
C MET G 176 27.69 -35.73 -13.37
N SER G 177 28.62 -36.55 -13.86
CA SER G 177 29.79 -36.06 -14.56
C SER G 177 29.40 -35.70 -16.00
N PRO G 178 30.24 -34.95 -16.70
CA PRO G 178 29.96 -34.71 -18.12
C PRO G 178 29.81 -35.98 -18.94
N MET G 179 30.68 -36.97 -18.74
CA MET G 179 30.56 -38.21 -19.50
C MET G 179 29.31 -38.97 -19.11
N GLU G 180 28.98 -39.03 -17.82
CA GLU G 180 27.75 -39.69 -17.41
C GLU G 180 26.53 -38.97 -17.98
N ALA G 181 26.59 -37.64 -18.07
CA ALA G 181 25.56 -36.91 -18.79
C ALA G 181 25.59 -37.22 -20.28
N GLN G 182 26.76 -37.57 -20.82
CA GLN G 182 26.86 -37.97 -22.21
C GLN G 182 26.20 -39.32 -22.43
N GLU G 183 26.54 -40.31 -21.60
CA GLU G 183 25.94 -41.63 -21.73
C GLU G 183 24.43 -41.58 -21.48
N PHE G 184 23.97 -40.63 -20.68
CA PHE G 184 22.55 -40.51 -20.36
C PHE G 184 21.75 -39.85 -21.47
N GLY G 185 22.39 -39.07 -22.33
CA GLY G 185 21.71 -38.41 -23.44
C GLY G 185 21.49 -36.93 -23.30
N ILE G 186 22.07 -36.30 -22.28
CA ILE G 186 21.83 -34.87 -22.05
C ILE G 186 22.75 -34.02 -22.89
N LEU G 187 23.98 -34.47 -23.12
CA LEU G 187 24.94 -33.74 -23.92
C LEU G 187 25.67 -34.69 -24.85
N ASP G 188 26.31 -34.11 -25.86
CA ASP G 188 27.00 -34.89 -26.88
C ASP G 188 28.52 -34.87 -26.77
N LYS G 189 29.11 -33.80 -26.26
CA LYS G 189 30.56 -33.63 -26.31
C LYS G 189 31.06 -33.08 -24.98
N VAL G 190 32.17 -33.63 -24.49
CA VAL G 190 32.91 -33.08 -23.36
C VAL G 190 34.25 -32.60 -23.90
N LEU G 191 34.43 -31.29 -23.97
CA LEU G 191 35.57 -30.69 -24.65
C LEU G 191 36.49 -30.01 -23.64
N VAL G 192 37.79 -30.28 -23.77
CA VAL G 192 38.81 -29.58 -23.01
C VAL G 192 39.43 -28.44 -23.81
N HIS G 193 39.70 -28.69 -25.09
CA HIS G 193 40.34 -27.73 -25.98
C HIS G 193 39.59 -27.73 -27.31
N PRO G 194 39.77 -26.69 -28.12
CA PRO G 194 39.16 -26.68 -29.46
C PRO G 194 39.86 -27.63 -30.42
N LEU H 4 11.65 -7.20 39.67
CA LEU H 4 10.56 -6.50 39.00
C LEU H 4 9.80 -5.61 39.97
N ILE H 5 8.61 -6.05 40.37
CA ILE H 5 7.74 -5.30 41.28
C ILE H 5 7.99 -5.79 42.70
N PRO H 6 8.29 -4.90 43.65
CA PRO H 6 8.57 -5.33 45.02
C PRO H 6 7.31 -5.87 45.70
N ILE H 7 7.56 -6.63 46.77
CA ILE H 7 6.50 -7.28 47.53
C ILE H 7 6.53 -6.76 48.96
N VAL H 8 5.35 -6.44 49.50
CA VAL H 8 5.22 -5.99 50.88
C VAL H 8 4.39 -7.01 51.65
N VAL H 9 4.58 -7.01 52.96
CA VAL H 9 3.91 -7.95 53.85
C VAL H 9 2.82 -7.22 54.62
N GLU H 10 1.79 -7.96 55.01
CA GLU H 10 0.69 -7.39 55.77
C GLU H 10 0.16 -8.36 56.83
N ARG H 17 0.74 -13.06 55.01
CA ARG H 17 0.35 -12.92 53.61
C ARG H 17 1.13 -11.80 52.94
N ALA H 18 1.42 -11.96 51.66
CA ALA H 18 2.17 -10.99 50.88
C ALA H 18 1.36 -10.56 49.67
N TYR H 19 1.69 -9.39 49.14
CA TYR H 19 0.99 -8.83 47.99
C TYR H 19 1.93 -7.88 47.27
N ASP H 20 1.89 -7.90 45.93
CA ASP H 20 2.66 -6.94 45.17
C ASP H 20 2.17 -5.53 45.46
N ILE H 21 3.02 -4.55 45.17
CA ILE H 21 2.83 -3.25 45.81
C ILE H 21 1.66 -2.49 45.18
N TYR H 22 1.26 -2.87 43.97
CA TYR H 22 0.09 -2.28 43.34
C TYR H 22 -1.19 -2.91 43.86
N SER H 23 -1.22 -4.23 44.02
CA SER H 23 -2.37 -4.87 44.66
C SER H 23 -2.60 -4.32 46.06
N ARG H 24 -1.52 -3.90 46.74
CA ARG H 24 -1.69 -3.30 48.05
C ARG H 24 -2.40 -1.96 47.96
N LEU H 25 -2.10 -1.17 46.93
CA LEU H 25 -2.80 0.09 46.74
C LEU H 25 -4.28 -0.15 46.47
N LEU H 26 -4.60 -1.24 45.76
CA LEU H 26 -6.00 -1.59 45.54
C LEU H 26 -6.69 -1.98 46.84
N ARG H 27 -5.93 -2.50 47.82
CA ARG H 27 -6.50 -2.76 49.13
C ARG H 27 -6.83 -1.47 49.86
N GLU H 28 -6.04 -0.42 49.65
CA GLU H 28 -6.29 0.89 50.23
C GLU H 28 -7.25 1.73 49.39
N ARG H 29 -7.95 1.10 48.44
CA ARG H 29 -8.92 1.77 47.57
C ARG H 29 -8.24 2.81 46.67
N ILE H 30 -7.00 2.54 46.26
CA ILE H 30 -6.23 3.44 45.42
C ILE H 30 -6.04 2.78 44.06
N VAL H 31 -6.54 3.44 43.01
CA VAL H 31 -6.43 2.96 41.64
C VAL H 31 -5.41 3.82 40.91
N CYS H 32 -4.54 3.17 40.15
CA CYS H 32 -3.41 3.83 39.50
C CYS H 32 -3.67 3.94 38.00
N VAL H 33 -3.66 5.16 37.49
CA VAL H 33 -3.63 5.39 36.04
C VAL H 33 -2.29 6.03 35.71
N MET H 34 -1.26 5.21 35.52
CA MET H 34 0.07 5.69 35.13
C MET H 34 0.34 5.37 33.68
N GLY H 35 0.77 6.37 32.92
CA GLY H 35 1.21 6.15 31.57
C GLY H 35 0.08 6.26 30.56
N PRO H 36 0.34 5.80 29.34
CA PRO H 36 -0.63 6.01 28.26
C PRO H 36 -1.88 5.16 28.44
N ILE H 37 -3.00 5.72 28.02
CA ILE H 37 -4.30 5.07 28.12
C ILE H 37 -4.60 4.32 26.82
N ASP H 38 -5.08 3.09 26.94
CA ASP H 38 -5.55 2.32 25.80
C ASP H 38 -6.70 1.43 26.28
N ASP H 39 -7.07 0.46 25.44
CA ASP H 39 -8.21 -0.39 25.77
C ASP H 39 -7.89 -1.36 26.91
N SER H 40 -6.64 -1.84 26.98
CA SER H 40 -6.27 -2.75 28.06
C SER H 40 -6.25 -2.02 29.40
N VAL H 41 -5.65 -0.84 29.45
CA VAL H 41 -5.67 -0.04 30.67
C VAL H 41 -7.10 0.28 31.07
N ALA H 42 -7.95 0.59 30.09
CA ALA H 42 -9.34 0.88 30.38
C ALA H 42 -10.03 -0.31 31.06
N SER H 43 -9.76 -1.53 30.57
CA SER H 43 -10.38 -2.70 31.17
C SER H 43 -9.87 -2.95 32.59
N LEU H 44 -8.56 -2.73 32.81
CA LEU H 44 -8.00 -2.81 34.15
C LEU H 44 -8.61 -1.77 35.08
N VAL H 45 -8.68 -0.51 34.64
CA VAL H 45 -9.19 0.56 35.50
C VAL H 45 -10.67 0.35 35.80
N ILE H 46 -11.46 -0.01 34.79
CA ILE H 46 -12.90 -0.19 34.98
C ILE H 46 -13.16 -1.34 35.95
N ALA H 47 -12.44 -2.45 35.80
CA ALA H 47 -12.66 -3.60 36.65
C ALA H 47 -12.41 -3.27 38.13
N GLN H 48 -11.31 -2.56 38.41
CA GLN H 48 -11.02 -2.17 39.79
C GLN H 48 -12.07 -1.23 40.33
N LEU H 49 -12.56 -0.31 39.49
CA LEU H 49 -13.56 0.65 39.95
C LEU H 49 -14.87 -0.05 40.31
N LEU H 50 -15.30 -1.01 39.50
CA LEU H 50 -16.50 -1.77 39.83
C LEU H 50 -16.25 -2.71 41.00
N PHE H 51 -15.05 -3.29 41.08
CA PHE H 51 -14.70 -4.14 42.21
C PHE H 51 -14.74 -3.35 43.52
N LEU H 52 -14.10 -2.17 43.53
CA LEU H 52 -14.06 -1.37 44.74
C LEU H 52 -15.46 -0.88 45.13
N GLN H 53 -16.35 -0.68 44.17
CA GLN H 53 -17.72 -0.34 44.51
C GLN H 53 -18.43 -1.52 45.16
N SER H 54 -18.10 -2.74 44.75
CA SER H 54 -18.68 -3.92 45.37
C SER H 54 -18.35 -3.99 46.85
N GLU H 55 -17.08 -3.77 47.20
CA GLU H 55 -16.67 -3.76 48.60
C GLU H 55 -17.48 -2.75 49.40
N SER H 56 -17.66 -1.55 48.84
CA SER H 56 -18.52 -0.53 49.44
C SER H 56 -18.82 0.56 48.43
N ASN H 57 -20.10 0.80 48.15
CA ASN H 57 -20.47 1.90 47.26
C ASN H 57 -20.46 3.25 47.96
N LYS H 58 -20.02 3.31 49.22
CA LYS H 58 -19.97 4.56 49.97
C LYS H 58 -18.55 5.03 50.25
N LYS H 59 -17.57 4.13 50.32
CA LYS H 59 -16.33 4.78 50.70
C LYS H 59 -15.54 5.21 49.47
N PRO H 60 -14.83 6.33 49.56
CA PRO H 60 -14.25 6.96 48.38
C PRO H 60 -13.18 6.08 47.72
N ILE H 61 -12.95 6.36 46.44
CA ILE H 61 -11.93 5.70 45.64
C ILE H 61 -10.94 6.76 45.18
N HIS H 62 -9.66 6.55 45.46
CA HIS H 62 -8.61 7.50 45.11
C HIS H 62 -7.92 7.05 43.83
N MET H 63 -7.88 7.94 42.84
CA MET H 63 -7.38 7.62 41.51
C MET H 63 -6.19 8.53 41.19
N TYR H 64 -5.01 7.94 41.11
CA TYR H 64 -3.79 8.67 40.78
C TYR H 64 -3.61 8.73 39.27
N ILE H 65 -3.20 9.89 38.77
CA ILE H 65 -3.08 10.13 37.33
C ILE H 65 -1.73 10.75 37.04
N ASN H 66 -0.90 10.05 36.27
CA ASN H 66 0.35 10.56 35.70
C ASN H 66 0.38 10.05 34.25
N SER H 67 -0.32 10.76 33.38
CA SER H 67 -0.60 10.24 32.04
C SER H 67 -0.55 11.32 30.98
N PRO H 68 -0.01 11.00 29.80
CA PRO H 68 -0.05 11.93 28.66
C PRO H 68 -1.30 11.80 27.79
N GLY H 69 -2.31 11.07 28.25
CA GLY H 69 -3.47 10.81 27.44
C GLY H 69 -3.37 9.51 26.66
N GLY H 70 -4.27 9.37 25.70
CA GLY H 70 -4.31 8.15 24.90
C GLY H 70 -5.61 8.06 24.12
N VAL H 71 -5.95 6.82 23.76
CA VAL H 71 -7.15 6.57 22.96
C VAL H 71 -8.35 7.21 23.61
N VAL H 72 -9.09 8.02 22.84
CA VAL H 72 -10.12 8.86 23.44
C VAL H 72 -11.34 8.02 23.80
N THR H 73 -11.67 7.03 22.97
CA THR H 73 -12.79 6.15 23.27
C THR H 73 -12.48 5.28 24.49
N ALA H 74 -11.21 4.91 24.66
CA ALA H 74 -10.81 4.18 25.87
C ALA H 74 -10.93 5.07 27.10
N GLY H 75 -10.50 6.33 26.98
CA GLY H 75 -10.65 7.25 28.10
C GLY H 75 -12.10 7.50 28.46
N LEU H 76 -12.96 7.65 27.45
CA LEU H 76 -14.38 7.79 27.70
C LEU H 76 -14.96 6.58 28.43
N ALA H 77 -14.44 5.39 28.12
CA ALA H 77 -14.88 4.20 28.83
C ALA H 77 -14.58 4.29 30.32
N ILE H 78 -13.50 4.98 30.68
CA ILE H 78 -13.18 5.20 32.09
C ILE H 78 -14.05 6.30 32.67
N TYR H 79 -14.30 7.36 31.88
CA TYR H 79 -15.08 8.49 32.39
C TYR H 79 -16.51 8.09 32.71
N ASP H 80 -17.15 7.34 31.82
CA ASP H 80 -18.52 6.88 32.08
C ASP H 80 -18.58 6.03 33.33
N THR H 81 -17.49 5.31 33.63
CA THR H 81 -17.54 4.37 34.73
C THR H 81 -17.39 5.10 36.06
N MET H 82 -16.57 6.15 36.08
CA MET H 82 -16.47 7.04 37.23
C MET H 82 -17.83 7.67 37.54
N GLN H 83 -18.48 8.24 36.52
CA GLN H 83 -19.78 8.85 36.72
C GLN H 83 -20.83 7.82 37.13
N TYR H 84 -20.74 6.62 36.57
CA TYR H 84 -21.74 5.59 36.85
C TYR H 84 -21.74 5.21 38.32
N ILE H 85 -20.57 4.84 38.85
CA ILE H 85 -20.51 4.33 40.21
C ILE H 85 -20.88 5.41 41.21
N LEU H 86 -21.45 4.98 42.34
CA LEU H 86 -21.92 5.93 43.35
C LEU H 86 -20.78 6.47 44.20
N ASN H 87 -19.68 5.74 44.30
CA ASN H 87 -18.57 6.15 45.15
C ASN H 87 -18.06 7.52 44.73
N PRO H 88 -17.78 8.42 45.68
CA PRO H 88 -17.05 9.64 45.35
C PRO H 88 -15.60 9.28 45.00
N ILE H 89 -15.05 9.99 44.03
CA ILE H 89 -13.74 9.66 43.49
C ILE H 89 -12.83 10.88 43.63
N CYS H 90 -11.78 10.75 44.44
CA CYS H 90 -10.71 11.74 44.48
C CYS H 90 -9.75 11.51 43.33
N THR H 91 -9.49 12.53 42.54
CA THR H 91 -8.45 12.48 41.52
C THR H 91 -7.23 13.24 42.00
N TRP H 92 -6.05 12.67 41.75
CA TRP H 92 -4.79 13.25 42.18
C TRP H 92 -3.83 13.24 41.01
N CYS H 93 -3.44 14.42 40.53
CA CYS H 93 -2.53 14.55 39.42
C CYS H 93 -1.10 14.69 39.93
N VAL H 94 -0.23 13.76 39.54
CA VAL H 94 1.16 13.84 39.95
C VAL H 94 2.06 13.81 38.73
N GLY H 95 3.10 14.63 38.73
CA GLY H 95 3.98 14.70 37.59
C GLY H 95 3.41 15.59 36.51
N GLN H 96 2.48 15.06 35.73
CA GLN H 96 1.86 15.85 34.66
C GLN H 96 0.58 15.20 34.15
N ALA H 97 -0.25 15.99 33.46
CA ALA H 97 -1.47 15.46 32.88
C ALA H 97 -1.63 15.99 31.46
N ALA H 98 -2.06 15.12 30.54
CA ALA H 98 -2.22 15.53 29.15
C ALA H 98 -3.35 14.79 28.45
N SER H 99 -3.92 15.40 27.42
CA SER H 99 -5.00 14.77 26.68
C SER H 99 -6.06 14.17 27.61
N MET H 100 -6.42 12.91 27.36
CA MET H 100 -7.44 12.27 28.18
C MET H 100 -7.10 12.32 29.67
N GLY H 101 -5.83 12.53 30.01
CA GLY H 101 -5.46 12.62 31.41
C GLY H 101 -6.17 13.75 32.13
N SER H 102 -6.19 14.94 31.52
CA SER H 102 -6.86 16.07 32.15
C SER H 102 -8.36 15.85 32.24
N LEU H 103 -8.95 15.10 31.30
CA LEU H 103 -10.38 14.83 31.37
C LEU H 103 -10.73 14.02 32.61
N LEU H 104 -10.00 12.92 32.85
CA LEU H 104 -10.26 12.11 34.03
C LEU H 104 -9.97 12.88 35.31
N LEU H 105 -8.93 13.73 35.31
CA LEU H 105 -8.62 14.55 36.46
C LEU H 105 -9.79 15.47 36.80
N ALA H 106 -10.27 16.23 35.81
CA ALA H 106 -11.38 17.14 36.04
C ALA H 106 -12.70 16.41 36.27
N ALA H 107 -12.79 15.14 35.89
CA ALA H 107 -14.02 14.37 36.02
C ALA H 107 -14.25 13.86 37.44
N GLY H 108 -13.29 14.05 38.35
CA GLY H 108 -13.47 13.61 39.72
C GLY H 108 -14.61 14.31 40.40
N THR H 109 -15.02 13.75 41.53
CA THR H 109 -16.11 14.29 42.31
C THR H 109 -15.80 15.74 42.70
N PRO H 110 -16.78 16.65 42.60
CA PRO H 110 -16.51 18.07 42.91
C PRO H 110 -15.93 18.25 44.31
N GLY H 111 -14.87 19.05 44.39
CA GLY H 111 -14.19 19.30 45.64
C GLY H 111 -13.08 18.33 45.97
N MET H 112 -12.98 17.22 45.25
CA MET H 112 -12.01 16.17 45.53
C MET H 112 -11.05 15.99 44.36
N ARG H 113 -10.84 17.06 43.59
CA ARG H 113 -9.89 17.07 42.47
C ARG H 113 -8.63 17.78 42.94
N HIS H 114 -7.50 17.07 42.90
CA HIS H 114 -6.27 17.51 43.53
C HIS H 114 -5.12 17.51 42.53
N SER H 115 -4.02 18.14 42.93
CA SER H 115 -2.80 18.15 42.15
C SER H 115 -1.64 18.59 43.03
N LEU H 116 -0.48 18.04 42.76
CA LEU H 116 0.74 18.37 43.49
C LEU H 116 1.40 19.59 42.86
N PRO H 117 2.33 20.24 43.58
CA PRO H 117 2.85 21.54 43.09
C PRO H 117 3.41 21.54 41.67
N ASN H 118 4.29 20.59 41.34
CA ASN H 118 4.98 20.62 40.06
C ASN H 118 4.27 19.82 38.97
N SER H 119 2.97 19.57 39.13
CA SER H 119 2.19 18.90 38.09
C SER H 119 2.11 19.79 36.85
N ARG H 120 1.49 19.30 35.78
CA ARG H 120 1.73 19.92 34.48
C ARG H 120 0.58 19.43 33.58
N ILE H 121 -0.50 20.22 33.54
CA ILE H 121 -1.80 19.77 33.05
C ILE H 121 -2.06 20.35 31.66
N MET H 122 -2.79 19.60 30.83
CA MET H 122 -3.06 20.01 29.46
C MET H 122 -4.41 19.48 29.03
N ILE H 123 -5.26 20.35 28.48
CA ILE H 123 -6.51 19.89 27.88
C ILE H 123 -6.44 19.85 26.36
N HIS H 124 -5.41 20.43 25.76
CA HIS H 124 -5.23 20.32 24.31
C HIS H 124 -5.01 18.86 23.93
N GLN H 125 -5.54 18.47 22.77
CA GLN H 125 -5.43 17.08 22.35
C GLN H 125 -4.33 16.93 21.31
N PRO H 126 -3.44 15.95 21.45
CA PRO H 126 -2.39 15.76 20.46
C PRO H 126 -2.96 15.36 19.12
N SER H 127 -2.24 15.70 18.06
CA SER H 127 -2.66 15.39 16.70
C SER H 127 -2.42 13.92 16.40
N ALA H 138 -8.04 4.97 12.59
CA ALA H 138 -8.38 5.32 11.22
C ALA H 138 -9.89 5.43 11.05
N ILE H 139 -10.41 6.66 11.14
CA ILE H 139 -11.85 6.92 11.08
C ILE H 139 -12.07 8.18 10.24
N GLN H 140 -13.29 8.34 9.76
CA GLN H 140 -13.65 9.42 8.86
C GLN H 140 -13.50 10.79 9.54
N ALA H 141 -13.67 11.84 8.74
CA ALA H 141 -13.47 13.20 9.22
C ALA H 141 -14.58 13.63 10.19
N GLU H 142 -15.81 13.18 9.94
CA GLU H 142 -16.94 13.67 10.73
C GLU H 142 -16.94 13.08 12.13
N GLU H 143 -16.53 11.81 12.27
CA GLU H 143 -16.57 11.14 13.56
C GLU H 143 -15.42 11.58 14.48
N ILE H 144 -14.34 12.11 13.92
CA ILE H 144 -13.33 12.76 14.77
C ILE H 144 -13.88 14.07 15.31
N MET H 145 -14.77 14.72 14.55
CA MET H 145 -15.41 15.95 15.01
C MET H 145 -16.34 15.69 16.18
N LYS H 146 -17.27 14.74 16.01
CA LYS H 146 -18.23 14.45 17.07
C LYS H 146 -17.52 13.96 18.33
N LEU H 147 -16.43 13.20 18.16
CA LEU H 147 -15.66 12.75 19.30
C LEU H 147 -15.09 13.93 20.08
N LYS H 148 -14.44 14.87 19.38
CA LYS H 148 -13.85 16.01 20.04
C LYS H 148 -14.92 16.90 20.65
N LYS H 149 -16.09 16.95 20.03
CA LYS H 149 -17.20 17.76 20.53
C LYS H 149 -17.88 17.11 21.74
N GLN H 150 -17.79 15.79 21.86
CA GLN H 150 -18.18 15.14 23.11
C GLN H 150 -17.27 15.59 24.25
N LEU H 151 -15.98 15.77 23.97
CA LEU H 151 -15.05 16.20 25.00
C LEU H 151 -15.30 17.64 25.41
N TYR H 152 -15.68 18.50 24.45
CA TYR H 152 -16.07 19.87 24.77
C TYR H 152 -17.14 19.90 25.86
N ASN H 153 -18.15 19.03 25.72
CA ASN H 153 -19.26 19.04 26.66
C ASN H 153 -18.86 18.43 28.00
N ILE H 154 -18.06 17.36 27.98
CA ILE H 154 -17.58 16.78 29.23
C ILE H 154 -16.73 17.78 29.98
N TYR H 155 -15.84 18.48 29.27
CA TYR H 155 -14.99 19.48 29.90
C TYR H 155 -15.83 20.62 30.47
N ALA H 156 -16.78 21.13 29.69
CA ALA H 156 -17.57 22.28 30.12
C ALA H 156 -18.38 21.96 31.38
N LYS H 157 -18.93 20.75 31.46
CA LYS H 157 -19.76 20.39 32.59
C LYS H 157 -18.96 20.41 33.90
N HIS H 158 -17.70 20.01 33.85
CA HIS H 158 -16.89 19.89 35.05
C HIS H 158 -16.08 21.15 35.35
N THR H 159 -15.59 21.86 34.32
CA THR H 159 -14.82 23.08 34.55
C THR H 159 -15.69 24.30 34.77
N LYS H 160 -17.00 24.19 34.50
CA LYS H 160 -18.01 25.23 34.64
C LYS H 160 -17.92 26.27 33.53
N GLN H 161 -17.09 26.07 32.53
CA GLN H 161 -16.85 27.07 31.51
C GLN H 161 -17.84 26.92 30.37
N SER H 162 -17.94 27.98 29.56
CA SER H 162 -18.75 27.93 28.37
C SER H 162 -18.08 27.08 27.31
N LEU H 163 -18.90 26.46 26.46
CA LEU H 163 -18.38 25.65 25.36
C LEU H 163 -17.38 26.44 24.53
N GLN H 164 -17.65 27.74 24.35
CA GLN H 164 -16.76 28.62 23.59
C GLN H 164 -15.44 28.84 24.32
N VAL H 165 -15.47 28.89 25.66
CA VAL H 165 -14.23 28.99 26.43
C VAL H 165 -13.46 27.68 26.37
N ILE H 166 -14.17 26.55 26.42
CA ILE H 166 -13.51 25.25 26.32
C ILE H 166 -12.93 25.06 24.92
N GLU H 167 -13.77 25.23 23.90
CA GLU H 167 -13.32 25.02 22.52
C GLU H 167 -12.13 25.91 22.19
N SER H 168 -12.18 27.17 22.61
CA SER H 168 -11.08 28.09 22.32
C SER H 168 -9.82 27.73 23.10
N ALA H 169 -9.99 27.25 24.34
CA ALA H 169 -8.82 26.89 25.14
C ALA H 169 -8.13 25.65 24.60
N MET H 170 -8.90 24.64 24.19
CA MET H 170 -8.34 23.41 23.67
C MET H 170 -7.57 23.60 22.37
N GLU H 171 -7.73 24.75 21.71
CA GLU H 171 -6.95 25.06 20.52
C GLU H 171 -5.50 25.43 20.87
N ARG H 172 -5.25 25.90 22.09
CA ARG H 172 -3.93 26.32 22.51
C ARG H 172 -3.07 25.11 22.86
N ASP H 173 -1.92 25.01 22.21
CA ASP H 173 -0.97 23.91 22.45
C ASP H 173 -0.05 24.32 23.59
N ARG H 174 -0.47 24.04 24.83
CA ARG H 174 0.30 24.46 25.99
C ARG H 174 -0.16 23.68 27.22
N TYR H 175 0.73 23.63 28.21
CA TYR H 175 0.43 23.05 29.51
C TYR H 175 0.03 24.14 30.50
N MET H 176 -0.62 23.72 31.58
CA MET H 176 -1.07 24.63 32.62
C MET H 176 -0.39 24.30 33.94
N SER H 177 -0.25 25.31 34.78
CA SER H 177 0.18 25.11 36.15
C SER H 177 -0.99 24.55 36.97
N PRO H 178 -0.70 23.89 38.09
CA PRO H 178 -1.80 23.45 38.96
C PRO H 178 -2.69 24.59 39.43
N MET H 179 -2.10 25.76 39.72
CA MET H 179 -2.90 26.90 40.16
C MET H 179 -3.80 27.42 39.04
N GLU H 180 -3.26 27.52 37.82
CA GLU H 180 -4.08 27.94 36.69
C GLU H 180 -5.11 26.89 36.33
N ALA H 181 -4.78 25.60 36.52
CA ALA H 181 -5.77 24.55 36.28
C ALA H 181 -6.89 24.60 37.31
N GLN H 182 -6.60 25.07 38.53
CA GLN H 182 -7.68 25.29 39.49
C GLN H 182 -8.50 26.51 39.10
N GLU H 183 -7.84 27.57 38.62
CA GLU H 183 -8.56 28.77 38.21
C GLU H 183 -9.54 28.47 37.09
N PHE H 184 -9.20 27.53 36.21
CA PHE H 184 -10.07 27.16 35.10
C PHE H 184 -11.25 26.29 35.54
N GLY H 185 -11.13 25.58 36.66
CA GLY H 185 -12.14 24.65 37.09
C GLY H 185 -11.82 23.19 36.82
N ILE H 186 -10.59 22.88 36.45
CA ILE H 186 -10.20 21.48 36.22
C ILE H 186 -10.09 20.75 37.55
N LEU H 187 -9.39 21.34 38.51
CA LEU H 187 -9.14 20.76 39.81
C LEU H 187 -9.48 21.77 40.90
N ASP H 188 -9.49 21.30 42.14
CA ASP H 188 -10.01 22.08 43.26
C ASP H 188 -8.95 22.49 44.27
N LYS H 189 -7.96 21.65 44.55
CA LYS H 189 -6.95 21.95 45.56
C LYS H 189 -5.55 21.62 45.04
N VAL H 190 -4.60 22.51 45.35
CA VAL H 190 -3.20 22.31 45.04
C VAL H 190 -2.50 22.07 46.37
N LEU H 191 -2.20 20.82 46.68
CA LEU H 191 -1.69 20.42 47.98
C LEU H 191 -0.19 20.18 47.93
N VAL H 192 0.53 20.77 48.88
CA VAL H 192 1.94 20.46 49.10
C VAL H 192 2.10 19.32 50.10
N HIS H 193 1.28 19.34 51.14
CA HIS H 193 1.18 18.30 52.14
C HIS H 193 -0.13 18.48 52.90
N PRO H 194 -0.68 17.42 53.50
CA PRO H 194 -2.05 17.55 54.01
C PRO H 194 -2.17 18.39 55.27
N LEU I 4 17.40 15.39 -9.65
CA LEU I 4 17.61 15.71 -8.25
C LEU I 4 18.38 17.02 -8.10
N ILE I 5 19.49 17.14 -8.80
CA ILE I 5 20.35 18.32 -8.77
C ILE I 5 20.23 19.02 -10.12
N PRO I 6 19.88 20.31 -10.14
CA PRO I 6 19.64 20.99 -11.43
C PRO I 6 20.92 21.26 -12.18
N ILE I 7 20.74 21.65 -13.44
CA ILE I 7 21.83 21.93 -14.38
C ILE I 7 21.67 23.36 -14.87
N VAL I 8 22.80 24.03 -15.11
CA VAL I 8 22.78 25.38 -15.64
C VAL I 8 23.41 25.35 -17.03
N VAL I 9 23.09 26.37 -17.82
CA VAL I 9 23.61 26.54 -19.17
C VAL I 9 25.12 26.21 -19.31
N ASP I 20 25.54 21.26 -13.82
CA ASP I 20 25.51 20.97 -12.39
C ASP I 20 25.78 22.24 -11.60
N ILE I 21 24.88 22.56 -10.67
CA ILE I 21 24.94 23.85 -10.01
C ILE I 21 26.07 23.91 -8.97
N TYR I 22 26.45 22.77 -8.39
CA TYR I 22 27.56 22.78 -7.45
C TYR I 22 28.88 22.96 -8.17
N SER I 23 29.06 22.26 -9.30
CA SER I 23 30.21 22.51 -10.16
C SER I 23 30.27 23.97 -10.59
N ARG I 24 29.11 24.55 -10.90
CA ARG I 24 29.06 25.95 -11.30
C ARG I 24 29.45 26.87 -10.16
N LEU I 25 28.97 26.58 -8.95
CA LEU I 25 29.46 27.32 -7.78
C LEU I 25 30.96 27.15 -7.63
N LEU I 26 31.48 25.96 -7.93
CA LEU I 26 32.91 25.74 -7.80
C LEU I 26 33.65 26.59 -8.83
N ARG I 27 33.12 26.64 -10.05
CA ARG I 27 33.71 27.45 -11.12
C ARG I 27 33.83 28.92 -10.74
N GLU I 28 33.06 29.36 -9.76
CA GLU I 28 33.21 30.70 -9.20
C GLU I 28 34.04 30.70 -7.92
N ARG I 29 34.81 29.63 -7.69
CA ARG I 29 35.68 29.52 -6.51
C ARG I 29 34.88 29.53 -5.22
N ILE I 30 33.76 28.81 -5.20
CA ILE I 30 32.91 28.69 -4.03
C ILE I 30 32.87 27.21 -3.62
N VAL I 31 33.33 26.93 -2.41
CA VAL I 31 33.39 25.57 -1.87
C VAL I 31 32.41 25.48 -0.71
N CYS I 32 31.49 24.53 -0.79
CA CYS I 32 30.45 24.39 0.22
C CYS I 32 30.84 23.39 1.28
N VAL I 33 30.68 23.77 2.54
CA VAL I 33 30.68 22.81 3.64
C VAL I 33 29.31 22.92 4.29
N MET I 34 28.34 22.20 3.74
CA MET I 34 26.94 22.26 4.18
C MET I 34 26.51 20.82 4.48
N GLY I 35 26.52 20.46 5.76
CA GLY I 35 26.19 19.11 6.18
C GLY I 35 27.23 18.55 7.11
N PRO I 36 26.97 17.35 7.64
CA PRO I 36 27.91 16.74 8.59
C PRO I 36 29.27 16.51 7.96
N ILE I 37 30.32 16.70 8.76
CA ILE I 37 31.70 16.61 8.30
C ILE I 37 32.20 15.21 8.61
N ASP I 38 32.23 14.35 7.61
CA ASP I 38 32.94 13.08 7.74
C ASP I 38 34.13 13.07 6.79
N ASP I 39 34.75 11.90 6.65
CA ASP I 39 35.95 11.78 5.84
C ASP I 39 35.64 11.91 4.34
N SER I 40 34.46 11.49 3.90
CA SER I 40 34.08 11.68 2.51
C SER I 40 33.96 13.17 2.18
N VAL I 41 33.29 13.92 3.05
CA VAL I 41 33.19 15.37 2.86
C VAL I 41 34.57 16.02 2.87
N ALA I 42 35.44 15.57 3.79
CA ALA I 42 36.78 16.13 3.86
C ALA I 42 37.53 15.97 2.55
N SER I 43 37.51 14.75 1.98
CA SER I 43 38.22 14.52 0.73
C SER I 43 37.68 15.39 -0.39
N LEU I 44 36.36 15.57 -0.44
CA LEU I 44 35.77 16.48 -1.42
C LEU I 44 36.30 17.90 -1.25
N VAL I 45 36.17 18.45 -0.05
CA VAL I 45 36.58 19.83 0.19
C VAL I 45 38.07 20.01 -0.08
N ILE I 46 38.90 19.07 0.39
CA ILE I 46 40.34 19.25 0.25
C ILE I 46 40.76 19.17 -1.22
N ALA I 47 40.14 18.29 -2.00
CA ALA I 47 40.43 18.23 -3.43
C ALA I 47 40.02 19.51 -4.14
N GLN I 48 38.86 20.08 -3.77
CA GLN I 48 38.41 21.31 -4.39
C GLN I 48 39.37 22.46 -4.10
N LEU I 49 39.76 22.60 -2.83
CA LEU I 49 40.67 23.69 -2.45
C LEU I 49 41.99 23.59 -3.20
N LEU I 50 42.54 22.39 -3.33
CA LEU I 50 43.83 22.24 -3.98
C LEU I 50 43.74 22.50 -5.47
N PHE I 51 42.62 22.14 -6.10
CA PHE I 51 42.43 22.46 -7.51
C PHE I 51 42.24 23.94 -7.73
N LEU I 52 41.59 24.63 -6.78
CA LEU I 52 41.35 26.05 -6.93
C LEU I 52 42.63 26.86 -6.77
N GLN I 53 43.51 26.45 -5.85
CA GLN I 53 44.83 27.05 -5.82
C GLN I 53 45.58 26.78 -7.13
N SER I 54 45.45 25.56 -7.65
CA SER I 54 46.14 25.20 -8.88
C SER I 54 45.66 26.08 -10.04
N GLU I 55 44.36 26.35 -10.11
CA GLU I 55 43.87 27.32 -11.08
C GLU I 55 44.41 28.71 -10.77
N SER I 56 44.28 29.15 -9.52
CA SER I 56 44.80 30.46 -9.11
C SER I 56 45.16 30.39 -7.63
N ASN I 57 46.46 30.47 -7.35
CA ASN I 57 46.93 30.56 -5.97
C ASN I 57 46.76 31.95 -5.37
N LYS I 58 46.27 32.92 -6.14
CA LYS I 58 46.15 34.30 -5.67
C LYS I 58 44.71 34.65 -5.31
N LYS I 59 43.86 34.76 -6.34
CA LYS I 59 42.41 34.98 -6.19
C LYS I 59 41.82 34.26 -4.99
N PRO I 60 41.01 34.94 -4.18
CA PRO I 60 40.47 34.29 -2.97
C PRO I 60 39.47 33.18 -3.28
N ILE I 61 39.30 32.30 -2.30
CA ILE I 61 38.33 31.21 -2.38
C ILE I 61 37.27 31.44 -1.31
N HIS I 62 36.02 31.16 -1.66
CA HIS I 62 34.89 31.38 -0.76
C HIS I 62 34.37 30.05 -0.24
N MET I 63 34.27 29.92 1.08
CA MET I 63 33.64 28.77 1.72
C MET I 63 32.34 29.16 2.39
N TYR I 64 31.29 28.40 2.09
CA TYR I 64 30.01 28.57 2.76
C TYR I 64 29.90 27.44 3.78
N ILE I 65 29.51 27.78 5.00
CA ILE I 65 29.52 26.86 6.13
C ILE I 65 28.12 26.79 6.69
N ASN I 66 27.48 25.61 6.58
CA ASN I 66 26.20 25.32 7.17
C ASN I 66 26.28 23.88 7.69
N SER I 67 27.07 23.69 8.75
CA SER I 67 27.39 22.37 9.25
C SER I 67 27.22 22.28 10.75
N PRO I 68 26.71 21.16 11.26
CA PRO I 68 26.69 20.93 12.71
C PRO I 68 27.94 20.26 13.26
N GLY I 69 29.00 20.14 12.48
CA GLY I 69 30.23 19.52 12.95
C GLY I 69 30.49 18.16 12.36
N GLY I 70 31.02 17.24 13.17
CA GLY I 70 31.28 15.89 12.72
C GLY I 70 32.59 15.30 13.20
N VAL I 71 33.20 14.45 12.37
CA VAL I 71 34.46 13.82 12.74
C VAL I 71 35.54 14.89 12.89
N VAL I 72 36.35 14.75 13.94
CA VAL I 72 37.35 15.76 14.25
C VAL I 72 38.52 15.67 13.28
N THR I 73 39.01 14.46 13.02
CA THR I 73 40.15 14.30 12.12
C THR I 73 39.83 14.80 10.72
N ALA I 74 38.60 14.62 10.28
CA ALA I 74 38.18 15.18 8.99
C ALA I 74 38.14 16.70 9.05
N GLY I 75 37.65 17.26 10.16
CA GLY I 75 37.66 18.71 10.30
C GLY I 75 39.06 19.28 10.34
N LEU I 76 39.94 18.67 11.14
CA LEU I 76 41.33 19.12 11.19
C LEU I 76 41.99 19.00 9.81
N ALA I 77 41.69 17.92 9.08
CA ALA I 77 42.27 17.74 7.75
C ALA I 77 41.92 18.91 6.84
N ILE I 78 40.65 19.33 6.84
CA ILE I 78 40.26 20.50 6.07
C ILE I 78 40.98 21.74 6.58
N TYR I 79 41.06 21.90 7.90
CA TYR I 79 41.74 23.05 8.48
C TYR I 79 43.18 23.15 7.99
N ASP I 80 43.95 22.09 8.18
CA ASP I 80 45.34 22.07 7.73
C ASP I 80 45.45 22.45 6.27
N THR I 81 44.46 22.07 5.45
CA THR I 81 44.52 22.36 4.03
C THR I 81 44.16 23.82 3.74
N MET I 82 43.26 24.41 4.54
CA MET I 82 42.98 25.83 4.38
C MET I 82 44.21 26.67 4.65
N GLN I 83 45.01 26.28 5.65
CA GLN I 83 46.23 27.01 5.97
C GLN I 83 47.35 26.72 4.99
N TYR I 84 47.38 25.51 4.42
CA TYR I 84 48.42 25.18 3.45
C TYR I 84 48.31 26.06 2.21
N ILE I 85 47.10 26.19 1.67
CA ILE I 85 46.94 26.86 0.38
C ILE I 85 47.23 28.35 0.52
N LEU I 86 47.93 28.90 -0.47
CA LEU I 86 48.33 30.30 -0.42
C LEU I 86 47.12 31.23 -0.47
N ASN I 87 46.03 30.79 -1.08
CA ASN I 87 44.90 31.68 -1.32
C ASN I 87 44.31 32.16 0.01
N PRO I 88 43.94 33.44 0.10
CA PRO I 88 43.05 33.84 1.19
C PRO I 88 41.70 33.14 1.02
N ILE I 89 41.07 32.80 2.14
CA ILE I 89 39.79 32.11 2.10
C ILE I 89 38.76 32.94 2.86
N CYS I 90 37.69 33.33 2.16
CA CYS I 90 36.55 34.00 2.74
C CYS I 90 35.57 32.94 3.24
N THR I 91 35.28 32.95 4.53
CA THR I 91 34.37 31.99 5.14
C THR I 91 33.04 32.65 5.45
N TRP I 92 31.95 32.01 5.02
CA TRP I 92 30.60 32.51 5.22
C TRP I 92 29.81 31.46 5.98
N CYS I 93 29.24 31.85 7.11
CA CYS I 93 28.34 30.98 7.87
C CYS I 93 26.91 31.38 7.59
N VAL I 94 26.08 30.40 7.21
CA VAL I 94 24.66 30.63 7.02
C VAL I 94 23.94 29.45 7.64
N GLY I 95 22.80 29.71 8.27
CA GLY I 95 22.11 28.66 8.99
C GLY I 95 22.68 28.41 10.36
N GLN I 96 23.74 27.60 10.44
CA GLN I 96 24.45 27.39 11.70
C GLN I 96 25.89 26.97 11.40
N ALA I 97 26.69 26.95 12.47
CA ALA I 97 28.07 26.48 12.38
C ALA I 97 28.46 26.04 13.80
N ALA I 98 28.39 24.74 14.07
CA ALA I 98 28.59 24.20 15.40
C ALA I 98 29.80 23.28 15.44
N SER I 99 30.47 23.28 16.59
CA SER I 99 31.61 22.39 16.85
C SER I 99 32.72 22.56 15.81
N MET I 100 32.98 21.51 15.02
CA MET I 100 34.06 21.59 14.05
C MET I 100 33.74 22.57 12.93
N GLY I 101 32.47 22.81 12.66
CA GLY I 101 32.12 23.81 11.67
C GLY I 101 32.52 25.21 12.09
N SER I 102 32.19 25.58 13.33
CA SER I 102 32.58 26.88 13.86
C SER I 102 34.09 27.05 13.95
N LEU I 103 34.86 25.97 13.84
CA LEU I 103 36.31 26.09 13.79
C LEU I 103 36.77 26.49 12.38
N LEU I 104 36.20 25.87 11.35
CA LEU I 104 36.56 26.21 9.98
C LEU I 104 36.15 27.63 9.63
N LEU I 105 35.04 28.11 10.19
CA LEU I 105 34.62 29.49 9.95
C LEU I 105 35.63 30.47 10.52
N ALA I 106 36.08 30.23 11.75
CA ALA I 106 37.06 31.10 12.37
C ALA I 106 38.41 31.02 11.67
N ALA I 107 38.68 29.94 10.94
CA ALA I 107 39.98 29.75 10.31
C ALA I 107 40.14 30.52 9.01
N GLY I 108 39.11 31.24 8.57
CA GLY I 108 39.24 32.04 7.36
C GLY I 108 40.23 33.16 7.53
N THR I 109 40.66 33.70 6.39
CA THR I 109 41.62 34.80 6.38
C THR I 109 41.08 35.96 7.19
N PRO I 110 41.86 36.51 8.13
CA PRO I 110 41.34 37.58 8.99
C PRO I 110 40.83 38.76 8.17
N GLY I 111 39.72 39.33 8.62
CA GLY I 111 39.01 40.34 7.87
C GLY I 111 38.08 39.79 6.82
N MET I 112 38.09 38.48 6.57
CA MET I 112 37.26 37.83 5.57
C MET I 112 36.44 36.71 6.18
N ARG I 113 35.97 36.90 7.40
CA ARG I 113 35.12 35.94 8.09
C ARG I 113 33.76 36.57 8.34
N HIS I 114 32.76 36.14 7.59
CA HIS I 114 31.44 36.74 7.63
C HIS I 114 30.39 35.72 8.05
N SER I 115 29.25 36.25 8.52
CA SER I 115 28.11 35.44 8.91
C SER I 115 26.84 36.22 8.63
N LEU I 116 25.80 35.51 8.19
CA LEU I 116 24.51 36.11 7.94
C LEU I 116 23.79 36.39 9.27
N PRO I 117 22.79 37.26 9.28
CA PRO I 117 22.26 37.75 10.57
C PRO I 117 21.64 36.68 11.46
N ASN I 118 21.05 35.62 10.90
CA ASN I 118 20.31 34.66 11.69
C ASN I 118 21.10 33.39 12.01
N SER I 119 22.35 33.30 11.59
CA SER I 119 23.14 32.11 11.83
C SER I 119 23.39 31.92 13.33
N ARG I 120 23.75 30.69 13.69
CA ARG I 120 24.06 30.32 15.07
C ARG I 120 25.43 29.66 15.10
N ILE I 121 26.30 30.14 15.99
CA ILE I 121 27.65 29.64 16.11
C ILE I 121 27.84 28.99 17.48
N MET I 122 28.57 27.88 17.50
CA MET I 122 28.79 27.10 18.72
C MET I 122 30.18 26.51 18.67
N ILE I 123 31.02 26.89 19.64
CA ILE I 123 32.38 26.36 19.74
C ILE I 123 32.49 25.22 20.75
N HIS I 124 31.47 25.01 21.58
CA HIS I 124 31.46 23.85 22.47
C HIS I 124 31.35 22.56 21.66
N GLN I 125 32.17 21.57 22.02
CA GLN I 125 32.13 20.29 21.31
C GLN I 125 31.00 19.42 21.87
N PRO I 126 30.32 18.66 21.02
CA PRO I 126 29.20 17.85 21.51
C PRO I 126 29.70 16.56 22.15
N SER I 127 29.00 16.14 23.20
CA SER I 127 29.37 14.92 23.93
C SER I 127 29.19 13.68 23.05
N ILE I 139 38.52 4.72 20.75
CA ILE I 139 39.49 5.79 20.93
C ILE I 139 39.91 5.87 22.41
N GLN I 140 41.22 5.82 22.63
CA GLN I 140 41.75 5.77 23.99
C GLN I 140 41.57 7.13 24.68
N ALA I 141 41.48 7.08 26.01
CA ALA I 141 41.10 8.25 26.79
C ALA I 141 42.01 9.45 26.50
N GLU I 142 43.32 9.29 26.71
CA GLU I 142 44.23 10.43 26.62
C GLU I 142 44.18 11.10 25.25
N GLU I 143 43.77 10.37 24.22
CA GLU I 143 43.73 10.96 22.88
C GLU I 143 42.53 11.87 22.71
N ILE I 144 41.41 11.57 23.35
CA ILE I 144 40.27 12.46 23.22
C ILE I 144 40.54 13.75 23.98
N MET I 145 41.49 13.72 24.91
CA MET I 145 41.98 14.91 25.60
C MET I 145 43.11 15.59 24.83
N LYS I 146 44.00 14.80 24.20
CA LYS I 146 45.04 15.37 23.36
C LYS I 146 44.46 16.10 22.17
N LEU I 147 43.31 15.63 21.66
CA LEU I 147 42.64 16.33 20.57
C LEU I 147 41.94 17.59 21.07
N LYS I 148 41.23 17.50 22.19
CA LYS I 148 40.53 18.65 22.74
C LYS I 148 41.48 19.83 22.94
N LYS I 149 42.78 19.59 23.12
CA LYS I 149 43.74 20.66 23.30
C LYS I 149 44.27 21.23 21.99
N GLN I 150 44.27 20.45 20.90
CA GLN I 150 44.50 21.06 19.59
C GLN I 150 43.41 22.07 19.26
N LEU I 151 42.16 21.73 19.56
CA LEU I 151 41.06 22.66 19.32
C LEU I 151 41.23 23.92 20.15
N TYR I 152 41.57 23.77 21.43
CA TYR I 152 41.90 24.93 22.25
C TYR I 152 42.95 25.79 21.57
N ASN I 153 44.04 25.16 21.11
CA ASN I 153 45.16 25.90 20.57
C ASN I 153 44.93 26.44 19.16
N ILE I 154 43.99 25.87 18.40
CA ILE I 154 43.68 26.52 17.13
C ILE I 154 42.57 27.57 17.32
N TYR I 155 41.65 27.35 18.25
CA TYR I 155 40.73 28.43 18.61
C TYR I 155 41.50 29.59 19.23
N ALA I 156 42.51 29.29 20.05
CA ALA I 156 43.30 30.36 20.66
C ALA I 156 44.06 31.15 19.61
N LYS I 157 44.56 30.46 18.58
CA LYS I 157 45.35 31.12 17.54
C LYS I 157 44.52 32.15 16.78
N HIS I 158 43.29 31.80 16.42
CA HIS I 158 42.52 32.58 15.46
C HIS I 158 41.55 33.57 16.11
N THR I 159 40.89 33.19 17.20
CA THR I 159 40.17 34.19 17.98
C THR I 159 41.10 35.13 18.74
N LYS I 160 42.40 34.86 18.77
CA LYS I 160 43.37 35.70 19.48
C LYS I 160 43.03 35.81 20.96
N GLN I 161 42.37 34.78 21.50
CA GLN I 161 42.01 34.69 22.90
C GLN I 161 43.12 33.98 23.66
N SER I 162 42.93 33.83 24.97
CA SER I 162 43.82 32.99 25.77
C SER I 162 43.45 31.52 25.56
N LEU I 163 44.09 30.64 26.32
CA LEU I 163 43.59 29.28 26.38
C LEU I 163 42.53 29.05 27.45
N GLN I 164 42.50 29.80 28.55
CA GLN I 164 41.45 29.44 29.49
C GLN I 164 40.15 30.17 29.19
N VAL I 165 40.19 31.36 28.58
CA VAL I 165 38.94 31.96 28.14
C VAL I 165 38.26 31.07 27.12
N ILE I 166 39.05 30.30 26.35
CA ILE I 166 38.48 29.40 25.37
C ILE I 166 38.13 28.06 25.99
N GLU I 167 38.98 27.53 26.87
CA GLU I 167 38.62 26.28 27.54
C GLU I 167 37.33 26.49 28.33
N SER I 168 37.27 27.59 29.09
CA SER I 168 36.11 27.91 29.90
C SER I 168 34.88 28.15 29.04
N ALA I 169 35.06 28.73 27.85
CA ALA I 169 33.92 28.97 26.97
C ALA I 169 33.43 27.66 26.34
N MET I 170 34.35 26.82 25.86
CA MET I 170 33.96 25.58 25.21
C MET I 170 33.27 24.61 26.16
N GLU I 171 33.33 24.85 27.47
CA GLU I 171 32.60 24.02 28.41
C GLU I 171 31.13 24.40 28.52
N ARG I 172 30.75 25.59 28.05
CA ARG I 172 29.37 26.05 28.13
C ARG I 172 28.59 25.58 26.90
N ASP I 173 27.49 24.87 27.15
CA ASP I 173 26.71 24.23 26.09
C ASP I 173 25.64 25.20 25.59
N ARG I 174 26.10 26.19 24.82
CA ARG I 174 25.20 27.22 24.31
C ARG I 174 25.72 27.76 22.99
N TYR I 175 24.79 28.26 22.18
CA TYR I 175 25.11 28.94 20.93
C TYR I 175 25.30 30.43 21.16
N MET I 176 25.87 31.10 20.16
CA MET I 176 26.12 32.53 20.21
C MET I 176 25.40 33.22 19.05
N SER I 177 25.11 34.50 19.24
CA SER I 177 24.61 35.31 18.15
C SER I 177 25.75 35.61 17.18
N PRO I 178 25.44 36.05 15.97
CA PRO I 178 26.52 36.41 15.03
C PRO I 178 27.42 37.54 15.52
N MET I 179 26.89 38.50 16.28
CA MET I 179 27.72 39.56 16.82
C MET I 179 28.40 39.19 18.14
N GLU I 180 27.87 38.21 18.89
CA GLU I 180 28.64 37.69 20.01
C GLU I 180 29.93 37.05 19.51
N ALA I 181 29.85 36.32 18.39
CA ALA I 181 31.05 35.76 17.77
C ALA I 181 32.02 36.84 17.33
N GLN I 182 31.53 38.06 17.09
CA GLN I 182 32.38 39.14 16.62
C GLN I 182 33.04 39.90 17.76
N GLU I 183 32.43 39.96 18.95
CA GLU I 183 33.20 40.33 20.12
C GLU I 183 34.20 39.25 20.49
N PHE I 184 33.83 37.98 20.28
CA PHE I 184 34.68 36.88 20.69
C PHE I 184 35.87 36.68 19.77
N GLY I 185 35.73 37.06 18.50
CA GLY I 185 36.81 36.96 17.54
C GLY I 185 36.76 35.79 16.59
N ILE I 186 35.59 35.15 16.43
CA ILE I 186 35.47 34.04 15.50
C ILE I 186 35.26 34.53 14.08
N LEU I 187 34.59 35.66 13.91
CA LEU I 187 34.25 36.16 12.59
C LEU I 187 34.26 37.68 12.62
N ASP I 188 34.48 38.27 11.46
CA ASP I 188 34.85 39.68 11.37
C ASP I 188 33.70 40.59 10.99
N LYS I 189 32.56 40.06 10.56
CA LYS I 189 31.56 40.85 9.86
C LYS I 189 30.20 40.16 9.91
N VAL I 190 29.16 40.95 10.21
CA VAL I 190 27.77 40.49 10.17
C VAL I 190 27.04 41.36 9.16
N LEU I 191 26.60 40.76 8.07
CA LEU I 191 26.04 41.49 6.94
C LEU I 191 24.61 41.07 6.66
N VAL I 192 23.73 42.07 6.48
CA VAL I 192 22.38 41.80 6.00
C VAL I 192 22.32 41.81 4.48
N HIS I 193 23.16 42.61 3.83
CA HIS I 193 23.24 42.64 2.36
C HIS I 193 24.56 43.27 1.91
N ILE J 5 -61.35 1.91 -36.65
CA ILE J 5 -60.57 1.15 -35.67
C ILE J 5 -61.51 0.36 -34.77
N PRO J 6 -61.33 -0.96 -34.74
CA PRO J 6 -62.24 -1.81 -33.96
C PRO J 6 -61.89 -1.84 -32.48
N ILE J 7 -62.89 -2.21 -31.69
CA ILE J 7 -62.76 -2.35 -30.24
C ILE J 7 -62.89 -3.83 -29.90
N VAL J 8 -62.13 -4.27 -28.90
CA VAL J 8 -62.17 -5.67 -28.46
C VAL J 8 -62.62 -5.71 -27.00
N VAL J 9 -63.42 -6.73 -26.67
CA VAL J 9 -64.00 -7.00 -25.34
C VAL J 9 -63.65 -6.01 -24.23
N ARG J 17 -63.30 -1.29 -19.61
CA ARG J 17 -62.48 -2.45 -19.95
C ARG J 17 -62.59 -2.80 -21.44
N ALA J 18 -62.55 -1.77 -22.30
CA ALA J 18 -62.64 -1.94 -23.73
C ALA J 18 -61.49 -1.19 -24.38
N TYR J 19 -60.80 -1.83 -25.33
CA TYR J 19 -59.53 -1.32 -25.83
C TYR J 19 -59.64 -1.23 -27.34
N ASP J 20 -59.16 -0.14 -27.93
CA ASP J 20 -58.95 -0.18 -29.38
C ASP J 20 -57.81 -1.16 -29.65
N ILE J 21 -57.89 -1.82 -30.81
CA ILE J 21 -57.03 -2.99 -31.02
C ILE J 21 -55.55 -2.63 -30.95
N TYR J 22 -55.20 -1.38 -31.26
CA TYR J 22 -53.81 -0.99 -31.14
C TYR J 22 -53.39 -0.88 -29.67
N SER J 23 -54.31 -0.46 -28.80
CA SER J 23 -54.05 -0.55 -27.37
C SER J 23 -53.94 -2.00 -26.93
N ARG J 24 -54.76 -2.88 -27.53
CA ARG J 24 -54.72 -4.30 -27.19
C ARG J 24 -53.36 -4.90 -27.49
N LEU J 25 -52.80 -4.58 -28.66
CA LEU J 25 -51.46 -5.06 -28.99
C LEU J 25 -50.42 -4.55 -28.01
N LEU J 26 -50.61 -3.35 -27.47
CA LEU J 26 -49.63 -2.78 -26.55
C LEU J 26 -49.56 -3.54 -25.24
N ARG J 27 -50.64 -4.22 -24.86
CA ARG J 27 -50.62 -4.98 -23.62
C ARG J 27 -49.83 -6.27 -23.77
N GLU J 28 -49.82 -6.85 -24.97
CA GLU J 28 -48.93 -7.96 -25.28
C GLU J 28 -47.49 -7.52 -25.48
N ARG J 29 -47.19 -6.24 -25.23
CA ARG J 29 -45.85 -5.66 -25.37
C ARG J 29 -45.43 -5.61 -26.84
N ILE J 30 -46.34 -5.12 -27.69
CA ILE J 30 -46.10 -5.00 -29.12
C ILE J 30 -46.12 -3.53 -29.51
N VAL J 31 -45.13 -3.11 -30.29
CA VAL J 31 -45.03 -1.75 -30.78
C VAL J 31 -45.23 -1.77 -32.29
N CYS J 32 -45.84 -0.72 -32.82
CA CYS J 32 -46.18 -0.62 -34.23
C CYS J 32 -45.23 0.36 -34.92
N VAL J 33 -44.44 -0.14 -35.86
CA VAL J 33 -43.54 0.68 -36.67
C VAL J 33 -44.00 0.69 -38.13
N MET J 34 -45.27 0.38 -38.36
CA MET J 34 -45.81 0.35 -39.71
C MET J 34 -46.09 1.77 -40.19
N GLY J 35 -46.08 1.94 -41.51
CA GLY J 35 -46.29 3.24 -42.11
C GLY J 35 -45.03 4.09 -42.10
N PRO J 36 -45.09 5.24 -42.76
CA PRO J 36 -43.89 6.09 -42.86
C PRO J 36 -43.48 6.64 -41.51
N ILE J 37 -42.17 6.84 -41.35
CA ILE J 37 -41.57 7.29 -40.10
C ILE J 37 -41.39 8.79 -40.16
N ASP J 38 -42.02 9.51 -39.24
CA ASP J 38 -41.87 10.96 -39.13
C ASP J 38 -41.70 11.33 -37.66
N ASP J 39 -41.57 12.63 -37.41
CA ASP J 39 -41.36 13.09 -36.03
C ASP J 39 -42.55 12.75 -35.14
N SER J 40 -43.76 12.73 -35.68
CA SER J 40 -44.94 12.50 -34.86
C SER J 40 -45.10 11.03 -34.47
N VAL J 41 -44.68 10.10 -35.33
CA VAL J 41 -44.79 8.69 -34.99
C VAL J 41 -43.57 8.22 -34.19
N ALA J 42 -42.40 8.85 -34.40
CA ALA J 42 -41.27 8.56 -33.52
C ALA J 42 -41.59 8.92 -32.08
N SER J 43 -42.48 9.89 -31.87
CA SER J 43 -42.88 10.26 -30.52
C SER J 43 -43.72 9.18 -29.87
N LEU J 44 -44.72 8.64 -30.59
CA LEU J 44 -45.50 7.52 -30.06
C LEU J 44 -44.64 6.28 -29.86
N VAL J 45 -43.84 5.89 -30.85
CA VAL J 45 -43.02 4.70 -30.69
C VAL J 45 -42.13 4.82 -29.45
N ILE J 46 -41.57 6.00 -29.22
CA ILE J 46 -40.70 6.21 -28.06
C ILE J 46 -41.50 6.15 -26.77
N ALA J 47 -42.66 6.82 -26.75
CA ALA J 47 -43.49 6.81 -25.54
C ALA J 47 -43.90 5.39 -25.17
N GLN J 48 -44.23 4.57 -26.16
CA GLN J 48 -44.61 3.19 -25.89
C GLN J 48 -43.43 2.40 -25.32
N LEU J 49 -42.26 2.52 -25.96
CA LEU J 49 -41.08 1.79 -25.51
C LEU J 49 -40.73 2.13 -24.07
N LEU J 50 -40.70 3.42 -23.75
CA LEU J 50 -40.38 3.83 -22.38
C LEU J 50 -41.44 3.33 -21.41
N PHE J 51 -42.72 3.32 -21.83
CA PHE J 51 -43.77 2.82 -20.96
C PHE J 51 -43.67 1.31 -20.78
N LEU J 52 -43.27 0.59 -21.83
CA LEU J 52 -43.16 -0.86 -21.71
C LEU J 52 -42.03 -1.25 -20.76
N GLN J 53 -40.92 -0.51 -20.79
CA GLN J 53 -39.88 -0.73 -19.80
C GLN J 53 -40.34 -0.30 -18.40
N SER J 54 -41.26 0.66 -18.34
CA SER J 54 -41.85 1.03 -17.05
C SER J 54 -42.58 -0.15 -16.43
N GLU J 55 -43.30 -0.93 -17.26
CA GLU J 55 -43.99 -2.10 -16.74
C GLU J 55 -43.02 -3.21 -16.39
N SER J 56 -41.90 -3.31 -17.11
CA SER J 56 -40.93 -4.39 -16.92
C SER J 56 -39.70 -4.14 -17.79
N ASN J 57 -38.53 -3.99 -17.17
CA ASN J 57 -37.30 -3.84 -17.93
C ASN J 57 -36.73 -5.18 -18.41
N LYS J 58 -37.35 -6.30 -18.04
CA LYS J 58 -36.88 -7.62 -18.42
C LYS J 58 -37.74 -8.27 -19.50
N LYS J 59 -39.06 -8.30 -19.31
CA LYS J 59 -39.96 -8.93 -20.26
C LYS J 59 -39.71 -8.37 -21.66
N PRO J 60 -39.50 -9.22 -22.67
CA PRO J 60 -39.13 -8.74 -24.00
C PRO J 60 -40.18 -7.82 -24.59
N ILE J 61 -39.75 -7.00 -25.54
CA ILE J 61 -40.59 -6.05 -26.25
C ILE J 61 -40.56 -6.41 -27.72
N HIS J 62 -41.73 -6.49 -28.34
CA HIS J 62 -41.86 -6.79 -29.76
C HIS J 62 -42.29 -5.54 -30.50
N MET J 63 -41.65 -5.25 -31.63
CA MET J 63 -42.05 -4.15 -32.48
C MET J 63 -42.25 -4.65 -33.90
N TYR J 64 -43.42 -4.37 -34.45
CA TYR J 64 -43.80 -4.83 -35.78
C TYR J 64 -43.44 -3.75 -36.80
N ILE J 65 -42.69 -4.15 -37.84
CA ILE J 65 -42.11 -3.21 -38.78
C ILE J 65 -42.67 -3.51 -40.17
N ASN J 66 -43.28 -2.50 -40.78
CA ASN J 66 -43.79 -2.52 -42.16
C ASN J 66 -43.74 -1.07 -42.66
N SER J 67 -42.53 -0.52 -42.76
CA SER J 67 -42.38 0.88 -43.09
C SER J 67 -41.48 1.06 -44.30
N PRO J 68 -41.81 1.99 -45.19
CA PRO J 68 -40.93 2.28 -46.34
C PRO J 68 -39.77 3.21 -46.00
N GLY J 69 -39.72 3.75 -44.79
CA GLY J 69 -38.66 4.67 -44.41
C GLY J 69 -39.21 5.93 -43.77
N GLY J 70 -38.50 7.04 -43.93
CA GLY J 70 -38.96 8.32 -43.42
C GLY J 70 -37.80 9.20 -42.99
N VAL J 71 -38.11 10.12 -42.10
CA VAL J 71 -37.11 11.07 -41.62
C VAL J 71 -36.00 10.34 -40.91
N VAL J 72 -34.75 10.60 -41.33
CA VAL J 72 -33.60 10.00 -40.67
C VAL J 72 -33.54 10.42 -39.21
N THR J 73 -33.82 11.70 -38.93
CA THR J 73 -33.90 12.18 -37.56
C THR J 73 -34.89 11.36 -36.75
N ALA J 74 -36.09 11.14 -37.32
CA ALA J 74 -37.10 10.36 -36.62
C ALA J 74 -36.65 8.93 -36.38
N GLY J 75 -36.05 8.31 -37.41
CA GLY J 75 -35.58 6.94 -37.25
C GLY J 75 -34.47 6.82 -36.22
N LEU J 76 -33.46 7.69 -36.31
CA LEU J 76 -32.40 7.69 -35.33
C LEU J 76 -32.92 7.95 -33.92
N ALA J 77 -33.97 8.78 -33.81
CA ALA J 77 -34.61 8.97 -32.52
C ALA J 77 -35.19 7.67 -31.99
N ILE J 78 -35.75 6.85 -32.88
CA ILE J 78 -36.27 5.54 -32.46
C ILE J 78 -35.11 4.58 -32.19
N TYR J 79 -34.05 4.66 -32.99
CA TYR J 79 -32.95 3.71 -32.85
C TYR J 79 -32.28 3.84 -31.50
N ASP J 80 -31.99 5.07 -31.06
CA ASP J 80 -31.35 5.27 -29.77
C ASP J 80 -32.25 4.87 -28.61
N THR J 81 -33.55 4.80 -28.84
CA THR J 81 -34.47 4.53 -27.75
C THR J 81 -34.49 3.04 -27.45
N MET J 82 -34.39 2.22 -28.49
CA MET J 82 -34.19 0.79 -28.34
C MET J 82 -32.88 0.48 -27.63
N GLN J 83 -31.81 1.18 -28.01
CA GLN J 83 -30.50 0.93 -27.40
C GLN J 83 -30.45 1.43 -25.96
N TYR J 84 -31.18 2.50 -25.65
CA TYR J 84 -31.24 2.96 -24.26
C TYR J 84 -31.95 1.94 -23.38
N ILE J 85 -33.17 1.54 -23.76
CA ILE J 85 -33.95 0.64 -22.91
C ILE J 85 -33.26 -0.71 -22.82
N LEU J 86 -33.38 -1.33 -21.66
CA LEU J 86 -32.62 -2.53 -21.33
C LEU J 86 -33.28 -3.81 -21.81
N ASN J 87 -34.58 -3.78 -22.10
CA ASN J 87 -35.30 -4.97 -22.53
C ASN J 87 -34.67 -5.54 -23.80
N PRO J 88 -34.77 -6.86 -24.00
CA PRO J 88 -34.44 -7.42 -25.31
C PRO J 88 -35.55 -7.10 -26.30
N ILE J 89 -35.14 -6.73 -27.52
CA ILE J 89 -36.07 -6.28 -28.55
C ILE J 89 -36.18 -7.34 -29.63
N CYS J 90 -37.41 -7.75 -29.92
CA CYS J 90 -37.68 -8.65 -31.04
C CYS J 90 -38.31 -7.82 -32.16
N THR J 91 -37.61 -7.74 -33.29
CA THR J 91 -38.10 -7.05 -34.47
C THR J 91 -38.71 -8.05 -35.44
N TRP J 92 -39.92 -7.77 -35.90
CA TRP J 92 -40.64 -8.62 -36.83
C TRP J 92 -40.96 -7.81 -38.07
N CYS J 93 -40.47 -8.26 -39.22
CA CYS J 93 -40.68 -7.60 -40.50
C CYS J 93 -41.80 -8.29 -41.25
N VAL J 94 -42.85 -7.55 -41.58
CA VAL J 94 -43.94 -8.06 -42.40
C VAL J 94 -44.20 -7.04 -43.51
N GLY J 95 -44.51 -7.54 -44.71
CA GLY J 95 -44.69 -6.66 -45.84
C GLY J 95 -43.39 -6.24 -46.50
N GLN J 96 -42.80 -5.16 -46.02
CA GLN J 96 -41.54 -4.66 -46.57
C GLN J 96 -40.89 -3.70 -45.58
N ALA J 97 -39.56 -3.56 -45.71
CA ALA J 97 -38.75 -2.78 -44.77
C ALA J 97 -37.64 -2.06 -45.53
N ALA J 98 -38.02 -1.09 -46.35
CA ALA J 98 -37.05 -0.33 -47.14
C ALA J 98 -36.46 0.81 -46.30
N SER J 99 -35.20 1.14 -46.59
CA SER J 99 -34.47 2.21 -45.91
C SER J 99 -34.52 2.06 -44.40
N MET J 100 -35.15 3.00 -43.67
CA MET J 100 -35.30 2.88 -42.22
C MET J 100 -35.81 1.49 -41.81
N GLY J 101 -36.71 0.91 -42.61
CA GLY J 101 -37.19 -0.43 -42.29
C GLY J 101 -36.05 -1.38 -42.01
N SER J 102 -35.04 -1.37 -42.88
CA SER J 102 -33.88 -2.24 -42.72
C SER J 102 -32.98 -1.82 -41.55
N LEU J 103 -33.14 -0.61 -41.02
CA LEU J 103 -32.33 -0.19 -39.88
C LEU J 103 -32.93 -0.73 -38.58
N LEU J 104 -34.10 -0.22 -38.20
CA LEU J 104 -34.76 -0.64 -36.97
C LEU J 104 -34.89 -2.16 -36.90
N LEU J 105 -35.19 -2.79 -38.03
CA LEU J 105 -35.24 -4.25 -38.08
C LEU J 105 -33.87 -4.85 -37.75
N ALA J 106 -32.81 -4.31 -38.36
CA ALA J 106 -31.46 -4.80 -38.06
C ALA J 106 -31.03 -4.47 -36.64
N ALA J 107 -31.62 -3.45 -36.02
CA ALA J 107 -31.21 -3.00 -34.70
C ALA J 107 -31.83 -3.81 -33.57
N GLY J 108 -32.53 -4.90 -33.87
CA GLY J 108 -33.09 -5.73 -32.83
C GLY J 108 -32.02 -6.46 -32.05
N THR J 109 -32.42 -6.91 -30.86
CA THR J 109 -31.53 -7.70 -30.02
C THR J 109 -31.01 -8.90 -30.81
N PRO J 110 -29.70 -9.14 -30.84
CA PRO J 110 -29.15 -10.21 -31.69
C PRO J 110 -29.82 -11.54 -31.39
N GLY J 111 -30.13 -12.28 -32.47
CA GLY J 111 -30.85 -13.52 -32.36
C GLY J 111 -32.36 -13.40 -32.38
N MET J 112 -32.89 -12.17 -32.33
CA MET J 112 -34.33 -11.96 -32.20
C MET J 112 -34.86 -11.05 -33.30
N ARG J 113 -34.19 -11.01 -34.45
CA ARG J 113 -34.65 -10.24 -35.61
C ARG J 113 -35.21 -11.22 -36.64
N HIS J 114 -36.52 -11.15 -36.86
CA HIS J 114 -37.22 -12.11 -37.71
C HIS J 114 -37.83 -11.42 -38.92
N SER J 115 -38.35 -12.25 -39.83
CA SER J 115 -39.06 -11.79 -41.01
C SER J 115 -39.93 -12.92 -41.55
N LEU J 116 -41.08 -12.54 -42.09
CA LEU J 116 -42.01 -13.47 -42.71
C LEU J 116 -41.51 -13.82 -44.11
N PRO J 117 -42.04 -14.87 -44.74
CA PRO J 117 -41.40 -15.38 -45.98
C PRO J 117 -41.38 -14.41 -47.14
N ASN J 118 -42.45 -13.64 -47.36
CA ASN J 118 -42.57 -12.84 -48.56
C ASN J 118 -42.24 -11.36 -48.36
N SER J 119 -41.60 -11.01 -47.24
CA SER J 119 -41.24 -9.63 -46.99
C SER J 119 -40.10 -9.19 -47.92
N ARG J 120 -39.93 -7.87 -48.04
CA ARG J 120 -38.87 -7.28 -48.83
C ARG J 120 -38.09 -6.31 -47.96
N ILE J 121 -36.77 -6.32 -48.09
CA ILE J 121 -35.89 -5.52 -47.24
C ILE J 121 -34.93 -4.74 -48.10
N MET J 122 -34.71 -3.47 -47.74
CA MET J 122 -33.87 -2.57 -48.52
C MET J 122 -33.11 -1.64 -47.59
N ILE J 123 -31.78 -1.59 -47.76
CA ILE J 123 -30.94 -0.66 -47.03
C ILE J 123 -30.65 0.61 -47.82
N HIS J 124 -30.79 0.56 -49.15
CA HIS J 124 -30.55 1.72 -50.00
C HIS J 124 -31.37 2.92 -49.53
N GLN J 125 -30.72 4.08 -49.49
CA GLN J 125 -31.40 5.31 -49.11
C GLN J 125 -31.99 5.99 -50.36
N PRO J 126 -33.23 6.50 -50.27
CA PRO J 126 -33.96 7.04 -51.41
C PRO J 126 -33.22 8.16 -52.15
N GLN J 140 -26.67 21.26 -46.28
CA GLN J 140 -27.37 20.06 -46.29
C GLN J 140 -26.34 19.05 -46.70
N ALA J 141 -25.37 19.42 -47.53
CA ALA J 141 -24.46 18.39 -48.03
C ALA J 141 -23.74 17.66 -46.94
N GLU J 142 -23.02 18.42 -46.18
CA GLU J 142 -22.30 17.80 -45.10
C GLU J 142 -23.23 17.08 -44.16
N GLU J 143 -24.33 17.69 -43.80
CA GLU J 143 -25.13 17.01 -42.81
C GLU J 143 -25.58 15.67 -43.32
N ILE J 144 -25.92 15.60 -44.58
CA ILE J 144 -26.39 14.38 -45.17
C ILE J 144 -25.33 13.34 -45.21
N MET J 145 -24.14 13.69 -45.68
CA MET J 145 -23.12 12.65 -45.62
C MET J 145 -22.90 12.20 -44.18
N LYS J 146 -23.03 13.09 -43.23
CA LYS J 146 -22.83 12.74 -41.83
C LYS J 146 -23.83 11.75 -41.33
N LEU J 147 -25.08 11.99 -41.66
CA LEU J 147 -26.11 11.08 -41.25
C LEU J 147 -25.94 9.76 -41.95
N LYS J 148 -25.47 9.80 -43.17
CA LYS J 148 -25.28 8.59 -43.93
C LYS J 148 -24.24 7.75 -43.29
N LYS J 149 -23.23 8.39 -42.77
CA LYS J 149 -22.16 7.66 -42.16
C LYS J 149 -22.59 7.14 -40.81
N GLN J 150 -23.43 7.87 -40.12
CA GLN J 150 -23.94 7.33 -38.90
C GLN J 150 -24.68 6.07 -39.24
N LEU J 151 -25.39 6.11 -40.35
CA LEU J 151 -26.20 4.97 -40.70
C LEU J 151 -25.30 3.82 -41.00
N TYR J 152 -24.24 4.07 -41.71
CA TYR J 152 -23.33 3.03 -42.04
C TYR J 152 -22.83 2.41 -40.78
N ASN J 153 -22.41 3.22 -39.84
CA ASN J 153 -21.83 2.69 -38.64
C ASN J 153 -22.80 1.83 -37.88
N ILE J 154 -24.04 2.29 -37.75
CA ILE J 154 -25.02 1.52 -36.99
C ILE J 154 -25.26 0.19 -37.67
N TYR J 155 -25.39 0.26 -38.97
CA TYR J 155 -25.65 -0.94 -39.71
C TYR J 155 -24.53 -1.90 -39.54
N ALA J 156 -23.30 -1.44 -39.52
CA ALA J 156 -22.14 -2.31 -39.35
C ALA J 156 -22.03 -2.94 -38.01
N LYS J 157 -22.26 -2.15 -37.00
CA LYS J 157 -22.27 -2.72 -35.71
C LYS J 157 -23.23 -3.86 -35.75
N HIS J 158 -24.42 -3.66 -36.30
CA HIS J 158 -25.39 -4.76 -36.20
C HIS J 158 -25.33 -5.88 -37.26
N THR J 159 -24.51 -5.70 -38.27
CA THR J 159 -24.41 -6.69 -39.30
C THR J 159 -23.10 -7.39 -39.15
N LYS J 160 -22.20 -6.74 -38.43
CA LYS J 160 -20.87 -7.32 -38.28
C LYS J 160 -20.10 -7.38 -39.59
N GLN J 161 -20.59 -6.71 -40.63
CA GLN J 161 -19.88 -6.53 -41.89
C GLN J 161 -18.87 -5.39 -41.75
N SER J 162 -18.06 -5.22 -42.79
CA SER J 162 -17.11 -4.11 -42.84
C SER J 162 -17.80 -2.82 -43.24
N LEU J 163 -17.12 -1.70 -42.97
CA LEU J 163 -17.66 -0.39 -43.36
C LEU J 163 -17.73 -0.25 -44.88
N GLN J 164 -16.84 -0.94 -45.60
CA GLN J 164 -16.80 -0.88 -47.06
C GLN J 164 -18.01 -1.58 -47.67
N VAL J 165 -18.29 -2.81 -47.24
CA VAL J 165 -19.31 -3.62 -47.92
C VAL J 165 -20.68 -2.99 -47.75
N ILE J 166 -20.94 -2.32 -46.64
CA ILE J 166 -22.21 -1.64 -46.46
C ILE J 166 -22.34 -0.49 -47.45
N GLU J 167 -21.30 0.35 -47.54
CA GLU J 167 -21.29 1.41 -48.53
C GLU J 167 -21.48 0.84 -49.93
N SER J 168 -20.78 -0.25 -50.25
CA SER J 168 -20.91 -0.88 -51.55
C SER J 168 -22.34 -1.40 -51.77
N ALA J 169 -22.87 -2.13 -50.78
CA ALA J 169 -24.21 -2.67 -50.90
C ALA J 169 -25.27 -1.58 -50.91
N MET J 170 -25.03 -0.46 -50.23
CA MET J 170 -26.07 0.56 -50.16
C MET J 170 -26.08 1.51 -51.34
N GLU J 171 -25.21 1.33 -52.33
CA GLU J 171 -25.36 2.06 -53.58
C GLU J 171 -26.20 1.29 -54.60
N ARG J 172 -26.53 0.03 -54.30
CA ARG J 172 -27.36 -0.77 -55.18
C ARG J 172 -28.83 -0.48 -54.92
N ASP J 173 -29.58 -0.19 -55.98
CA ASP J 173 -30.99 0.14 -55.89
C ASP J 173 -31.83 -1.13 -56.05
N ARG J 174 -31.82 -1.94 -54.99
CA ARG J 174 -32.51 -3.23 -55.04
C ARG J 174 -32.92 -3.65 -53.63
N TYR J 175 -34.04 -4.37 -53.55
CA TYR J 175 -34.46 -5.06 -52.35
C TYR J 175 -33.74 -6.42 -52.30
N MET J 176 -34.09 -7.25 -51.33
CA MET J 176 -33.54 -8.60 -51.30
C MET J 176 -34.38 -9.49 -50.39
N SER J 177 -34.13 -10.80 -50.53
CA SER J 177 -34.82 -11.89 -49.87
C SER J 177 -34.78 -11.76 -48.35
N PRO J 178 -35.73 -12.36 -47.63
CA PRO J 178 -35.50 -12.60 -46.20
C PRO J 178 -34.32 -13.52 -45.96
N MET J 179 -34.07 -14.46 -46.87
CA MET J 179 -32.82 -15.24 -46.83
C MET J 179 -31.61 -14.34 -47.01
N GLU J 180 -31.59 -13.60 -48.13
CA GLU J 180 -30.45 -12.75 -48.45
C GLU J 180 -30.14 -11.77 -47.33
N ALA J 181 -31.18 -11.26 -46.67
CA ALA J 181 -30.97 -10.41 -45.51
C ALA J 181 -30.28 -11.16 -44.38
N GLN J 182 -30.65 -12.43 -44.19
CA GLN J 182 -30.02 -13.25 -43.15
C GLN J 182 -28.56 -13.54 -43.50
N GLU J 183 -28.27 -13.75 -44.78
CA GLU J 183 -26.87 -13.91 -45.20
C GLU J 183 -26.08 -12.62 -44.95
N PHE J 184 -26.73 -11.47 -45.15
CA PHE J 184 -26.07 -10.19 -44.93
C PHE J 184 -25.83 -9.94 -43.45
N GLY J 185 -26.87 -10.12 -42.62
CA GLY J 185 -26.74 -9.90 -41.20
C GLY J 185 -27.76 -8.92 -40.66
N ILE J 186 -28.86 -8.73 -41.39
CA ILE J 186 -29.91 -7.81 -40.97
C ILE J 186 -30.95 -8.50 -40.09
N LEU J 187 -31.17 -9.79 -40.28
CA LEU J 187 -32.12 -10.54 -39.47
C LEU J 187 -31.55 -11.92 -39.18
N ASP J 188 -32.14 -12.58 -38.17
CA ASP J 188 -31.62 -13.83 -37.64
C ASP J 188 -32.43 -15.05 -38.06
N LYS J 189 -33.76 -14.96 -38.08
CA LYS J 189 -34.61 -16.11 -38.35
C LYS J 189 -35.71 -15.73 -39.32
N VAL J 190 -35.73 -16.39 -40.47
CA VAL J 190 -36.88 -16.41 -41.37
C VAL J 190 -37.70 -17.65 -41.06
N LEU J 191 -39.01 -17.46 -40.87
CA LEU J 191 -39.89 -18.47 -40.31
C LEU J 191 -41.06 -18.76 -41.24
N VAL J 192 -41.77 -19.86 -40.93
CA VAL J 192 -42.94 -20.22 -41.68
C VAL J 192 -44.02 -20.61 -40.68
N LEU K 4 34.38 6.95 -6.13
CA LEU K 4 33.89 5.97 -7.09
C LEU K 4 35.01 5.53 -8.04
N ILE K 5 34.63 5.12 -9.24
CA ILE K 5 35.58 4.57 -10.21
C ILE K 5 36.24 5.70 -10.98
N PRO K 6 37.57 5.72 -11.08
CA PRO K 6 38.25 6.78 -11.84
C PRO K 6 38.14 6.57 -13.35
N ILE K 7 38.49 7.63 -14.07
CA ILE K 7 38.51 7.63 -15.54
C ILE K 7 39.91 7.99 -15.99
N VAL K 8 40.35 7.39 -17.10
CA VAL K 8 41.63 7.72 -17.71
C VAL K 8 41.40 7.93 -19.21
N VAL K 9 42.25 8.77 -19.82
CA VAL K 9 42.09 9.11 -21.23
C VAL K 9 42.97 8.25 -22.13
N ALA K 18 39.05 8.00 -23.69
CA ALA K 18 38.56 8.03 -22.32
C ALA K 18 37.92 6.70 -21.96
N TYR K 19 38.36 6.11 -20.85
CA TYR K 19 37.88 4.79 -20.45
C TYR K 19 37.93 4.65 -18.93
N ASP K 20 37.02 3.83 -18.40
CA ASP K 20 37.09 3.44 -17.00
C ASP K 20 38.37 2.65 -16.76
N ILE K 21 38.92 2.81 -15.55
CA ILE K 21 40.26 2.27 -15.28
C ILE K 21 40.27 0.75 -15.38
N TYR K 22 39.19 0.10 -14.95
CA TYR K 22 39.13 -1.36 -15.11
C TYR K 22 38.98 -1.73 -16.58
N SER K 23 38.21 -0.96 -17.34
CA SER K 23 38.12 -1.16 -18.77
C SER K 23 39.45 -0.92 -19.47
N ARG K 24 40.38 -0.24 -18.80
CA ARG K 24 41.74 -0.04 -19.33
C ARG K 24 42.56 -1.31 -19.21
N LEU K 25 42.71 -1.83 -17.99
CA LEU K 25 43.57 -2.97 -17.73
C LEU K 25 43.25 -4.14 -18.65
N LEU K 26 41.97 -4.32 -18.98
CA LEU K 26 41.59 -5.39 -19.91
C LEU K 26 42.16 -5.15 -21.30
N ARG K 27 42.25 -3.89 -21.72
CA ARG K 27 42.87 -3.60 -23.01
C ARG K 27 44.36 -3.91 -22.98
N GLU K 28 45.00 -3.77 -21.82
CA GLU K 28 46.35 -4.28 -21.61
C GLU K 28 46.37 -5.78 -21.35
N ARG K 29 45.24 -6.45 -21.59
CA ARG K 29 45.12 -7.91 -21.46
C ARG K 29 45.31 -8.36 -20.01
N ILE K 30 44.69 -7.64 -19.08
CA ILE K 30 44.74 -7.96 -17.66
C ILE K 30 43.33 -8.17 -17.15
N VAL K 31 43.15 -9.17 -16.29
CA VAL K 31 41.86 -9.50 -15.69
C VAL K 31 42.03 -9.56 -14.18
N CYS K 32 41.14 -8.89 -13.46
CA CYS K 32 41.19 -8.82 -12.01
C CYS K 32 40.20 -9.82 -11.42
N VAL K 33 40.72 -10.90 -10.83
CA VAL K 33 39.91 -11.79 -10.01
C VAL K 33 40.11 -11.37 -8.57
N MET K 34 39.44 -10.30 -8.15
CA MET K 34 39.77 -9.66 -6.87
C MET K 34 38.53 -9.47 -6.01
N GLY K 35 38.15 -10.54 -5.35
CA GLY K 35 37.00 -10.56 -4.48
C GLY K 35 36.52 -11.98 -4.37
N PRO K 36 35.46 -12.20 -3.58
CA PRO K 36 34.86 -13.53 -3.52
C PRO K 36 34.36 -13.96 -4.88
N ILE K 37 34.62 -15.21 -5.23
CA ILE K 37 34.26 -15.75 -6.53
C ILE K 37 32.88 -16.38 -6.44
N ASP K 38 31.95 -15.91 -7.26
CA ASP K 38 30.62 -16.49 -7.38
C ASP K 38 30.28 -16.58 -8.86
N ASP K 39 29.02 -16.89 -9.15
CA ASP K 39 28.62 -17.06 -10.55
C ASP K 39 28.76 -15.76 -11.33
N SER K 40 28.36 -14.63 -10.72
CA SER K 40 28.46 -13.34 -11.41
C SER K 40 29.90 -12.97 -11.70
N VAL K 41 30.81 -13.23 -10.75
CA VAL K 41 32.23 -13.00 -11.00
C VAL K 41 32.73 -13.94 -12.08
N ALA K 42 32.33 -15.20 -12.02
CA ALA K 42 32.74 -16.18 -13.02
C ALA K 42 32.43 -15.69 -14.44
N SER K 43 31.14 -15.47 -14.72
CA SER K 43 30.71 -15.03 -16.04
C SER K 43 31.51 -13.82 -16.52
N LEU K 44 31.50 -12.74 -15.73
CA LEU K 44 32.28 -11.55 -16.04
C LEU K 44 33.71 -11.90 -16.38
N VAL K 45 34.38 -12.60 -15.47
CA VAL K 45 35.74 -13.09 -15.71
C VAL K 45 35.79 -13.90 -17.00
N ILE K 46 34.97 -14.93 -17.10
CA ILE K 46 35.07 -15.87 -18.23
C ILE K 46 34.78 -15.16 -19.54
N ALA K 47 33.85 -14.19 -19.53
CA ALA K 47 33.60 -13.39 -20.73
C ALA K 47 34.83 -12.56 -21.09
N GLN K 48 35.54 -12.05 -20.09
CA GLN K 48 36.77 -11.32 -20.35
C GLN K 48 37.82 -12.22 -20.99
N LEU K 49 38.01 -13.43 -20.44
CA LEU K 49 39.00 -14.35 -20.98
C LEU K 49 38.70 -14.70 -22.42
N LEU K 50 37.43 -14.99 -22.72
CA LEU K 50 37.05 -15.35 -24.08
C LEU K 50 37.21 -14.19 -25.05
N PHE K 51 37.10 -12.95 -24.56
CA PHE K 51 37.24 -11.80 -25.44
C PHE K 51 38.69 -11.52 -25.76
N LEU K 52 39.59 -11.66 -24.77
CA LEU K 52 41.01 -11.44 -25.01
C LEU K 52 41.59 -12.50 -25.95
N GLN K 53 40.99 -13.68 -26.02
CA GLN K 53 41.41 -14.66 -27.03
C GLN K 53 40.95 -14.25 -28.41
N SER K 54 39.85 -13.48 -28.50
CA SER K 54 39.45 -12.93 -29.80
C SER K 54 40.47 -11.92 -30.30
N GLU K 55 41.18 -11.26 -29.40
CA GLU K 55 42.24 -10.35 -29.81
C GLU K 55 43.42 -11.13 -30.39
N SER K 56 43.93 -12.10 -29.63
CA SER K 56 44.97 -12.98 -30.15
C SER K 56 45.01 -14.24 -29.30
N ASN K 57 45.14 -15.39 -29.96
CA ASN K 57 45.35 -16.65 -29.28
C ASN K 57 46.79 -16.88 -28.87
N LYS K 58 47.62 -15.84 -28.94
CA LYS K 58 49.06 -15.96 -28.70
C LYS K 58 49.59 -14.94 -27.69
N LYS K 59 49.15 -13.70 -27.76
CA LYS K 59 49.58 -12.72 -26.76
C LYS K 59 49.03 -13.14 -25.40
N PRO K 60 49.88 -13.23 -24.37
CA PRO K 60 49.44 -13.80 -23.10
C PRO K 60 48.35 -12.97 -22.43
N ILE K 61 47.59 -13.64 -21.57
CA ILE K 61 46.58 -13.02 -20.73
C ILE K 61 47.10 -13.03 -19.29
N HIS K 62 47.05 -11.88 -18.63
CA HIS K 62 47.50 -11.76 -17.26
C HIS K 62 46.30 -11.71 -16.32
N MET K 63 46.44 -12.33 -15.17
CA MET K 63 45.28 -12.48 -14.30
C MET K 63 45.70 -12.13 -12.87
N TYR K 64 45.08 -11.09 -12.32
CA TYR K 64 45.41 -10.61 -11.00
C TYR K 64 44.48 -11.26 -9.99
N ILE K 65 45.05 -11.95 -9.00
CA ILE K 65 44.30 -12.78 -8.08
C ILE K 65 44.51 -12.25 -6.66
N ASN K 66 43.44 -11.76 -6.05
CA ASN K 66 43.39 -11.45 -4.61
C ASN K 66 41.97 -11.82 -4.18
N SER K 67 41.78 -13.09 -3.83
CA SER K 67 40.47 -13.64 -3.53
C SER K 67 40.54 -14.55 -2.31
N PRO K 68 39.54 -14.49 -1.43
CA PRO K 68 39.45 -15.43 -0.31
C PRO K 68 38.67 -16.71 -0.61
N GLY K 69 38.35 -16.98 -1.87
CA GLY K 69 37.62 -18.17 -2.25
C GLY K 69 36.22 -17.85 -2.76
N GLY K 70 35.39 -18.89 -2.78
CA GLY K 70 34.01 -18.70 -3.19
C GLY K 70 33.36 -20.00 -3.60
N VAL K 71 32.35 -19.88 -4.47
CA VAL K 71 31.58 -21.03 -4.92
C VAL K 71 32.49 -21.96 -5.70
N VAL K 72 32.48 -23.24 -5.32
CA VAL K 72 33.40 -24.21 -5.92
C VAL K 72 33.14 -24.36 -7.42
N THR K 73 31.86 -24.42 -7.81
CA THR K 73 31.54 -24.55 -9.22
C THR K 73 31.94 -23.31 -10.01
N ALA K 74 31.85 -22.13 -9.40
CA ALA K 74 32.24 -20.91 -10.09
C ALA K 74 33.74 -20.88 -10.39
N GLY K 75 34.56 -21.29 -9.42
CA GLY K 75 35.99 -21.33 -9.67
C GLY K 75 36.38 -22.36 -10.72
N LEU K 76 35.80 -23.56 -10.64
CA LEU K 76 36.04 -24.56 -11.67
C LEU K 76 35.54 -24.09 -13.02
N ALA K 77 34.52 -23.23 -13.04
CA ALA K 77 34.05 -22.66 -14.31
C ALA K 77 35.12 -21.80 -14.96
N ILE K 78 35.74 -20.92 -14.17
CA ILE K 78 36.88 -20.15 -14.67
C ILE K 78 38.03 -21.07 -15.02
N TYR K 79 38.27 -22.08 -14.17
CA TYR K 79 39.40 -22.99 -14.35
C TYR K 79 39.40 -23.63 -15.74
N ASP K 80 38.30 -24.29 -16.10
CA ASP K 80 38.24 -24.97 -17.38
C ASP K 80 38.27 -23.99 -18.55
N THR K 81 37.83 -22.75 -18.33
CA THR K 81 37.96 -21.73 -19.36
C THR K 81 39.43 -21.38 -19.60
N MET K 82 40.21 -21.25 -18.52
CA MET K 82 41.63 -21.02 -18.67
C MET K 82 42.28 -22.15 -19.47
N GLN K 83 41.87 -23.39 -19.23
CA GLN K 83 42.44 -24.52 -19.96
C GLN K 83 41.98 -24.51 -21.41
N TYR K 84 40.74 -24.09 -21.67
CA TYR K 84 40.19 -24.16 -23.02
C TYR K 84 40.89 -23.19 -23.96
N ILE K 85 41.01 -21.92 -23.54
CA ILE K 85 41.62 -20.91 -24.40
C ILE K 85 43.11 -21.23 -24.56
N LEU K 86 43.64 -20.95 -25.73
CA LEU K 86 45.02 -21.33 -26.00
C LEU K 86 46.06 -20.43 -25.44
N ASN K 87 45.76 -19.16 -25.31
CA ASN K 87 46.75 -18.23 -24.90
C ASN K 87 47.39 -18.61 -23.61
N PRO K 88 48.65 -18.25 -23.49
CA PRO K 88 49.24 -18.50 -22.20
C PRO K 88 48.60 -17.59 -21.19
N ILE K 89 48.43 -18.07 -19.98
CA ILE K 89 47.80 -17.30 -18.94
C ILE K 89 48.72 -17.17 -17.76
N CYS K 90 48.98 -15.94 -17.36
CA CYS K 90 49.88 -15.67 -16.27
C CYS K 90 49.07 -15.32 -15.07
N THR K 91 49.27 -16.02 -13.98
CA THR K 91 48.46 -15.79 -12.83
C THR K 91 49.29 -15.06 -11.87
N TRP K 92 48.71 -14.07 -11.21
CA TRP K 92 49.43 -13.30 -10.24
C TRP K 92 48.68 -13.27 -8.94
N CYS K 93 49.30 -13.71 -7.87
CA CYS K 93 48.68 -13.64 -6.58
C CYS K 93 49.18 -12.38 -5.98
N VAL K 94 48.48 -11.29 -6.23
CA VAL K 94 48.91 -10.04 -5.72
C VAL K 94 48.39 -10.11 -4.37
N GLY K 95 47.24 -10.69 -4.31
CA GLY K 95 46.63 -10.69 -2.98
C GLY K 95 46.36 -12.08 -2.49
N GLN K 96 46.12 -12.22 -1.19
CA GLN K 96 45.76 -13.53 -0.68
C GLN K 96 45.06 -14.42 -1.67
N ALA K 97 45.49 -15.67 -1.74
CA ALA K 97 44.83 -16.64 -2.60
C ALA K 97 44.31 -17.79 -1.76
N ALA K 98 43.09 -17.64 -1.24
CA ALA K 98 42.53 -18.68 -0.44
C ALA K 98 41.63 -19.56 -1.24
N SER K 99 41.72 -20.85 -1.03
CA SER K 99 40.85 -21.77 -1.68
C SER K 99 40.89 -21.65 -3.17
N MET K 100 39.78 -21.29 -3.76
CA MET K 100 39.71 -21.26 -5.18
C MET K 100 40.70 -20.33 -5.85
N GLY K 101 41.10 -19.24 -5.20
CA GLY K 101 42.10 -18.36 -5.77
C GLY K 101 43.39 -19.12 -5.87
N SER K 102 43.73 -19.83 -4.80
CA SER K 102 44.93 -20.65 -4.82
C SER K 102 44.80 -21.68 -5.92
N LEU K 103 43.58 -22.14 -6.17
CA LEU K 103 43.38 -23.08 -7.26
C LEU K 103 43.65 -22.49 -8.62
N LEU K 104 43.08 -21.33 -8.89
CA LEU K 104 43.25 -20.69 -10.18
C LEU K 104 44.72 -20.38 -10.36
N LEU K 105 45.44 -20.22 -9.26
CA LEU K 105 46.89 -20.06 -9.35
C LEU K 105 47.60 -21.31 -9.90
N ALA K 106 47.60 -22.48 -9.25
CA ALA K 106 48.33 -23.58 -9.88
C ALA K 106 47.96 -23.69 -11.35
N ALA K 107 46.70 -23.42 -11.67
CA ALA K 107 46.24 -23.55 -13.04
C ALA K 107 47.01 -22.68 -14.02
N GLY K 108 47.82 -21.77 -13.51
CA GLY K 108 48.58 -20.87 -14.36
C GLY K 108 49.54 -21.59 -15.28
N THR K 109 49.74 -21.05 -16.49
CA THR K 109 50.66 -21.66 -17.44
C THR K 109 51.99 -22.02 -16.77
N PRO K 110 52.43 -23.28 -16.93
CA PRO K 110 53.67 -23.69 -16.25
C PRO K 110 54.84 -22.75 -16.54
N GLY K 111 55.38 -22.16 -15.47
CA GLY K 111 56.46 -21.21 -15.58
C GLY K 111 56.05 -19.76 -15.41
N MET K 112 54.75 -19.47 -15.30
CA MET K 112 54.23 -18.11 -15.33
C MET K 112 53.30 -17.83 -14.17
N ARG K 113 53.59 -18.40 -13.00
CA ARG K 113 52.75 -18.25 -11.82
C ARG K 113 53.57 -17.49 -10.77
N HIS K 114 53.27 -16.20 -10.62
CA HIS K 114 54.04 -15.30 -9.76
C HIS K 114 53.24 -14.93 -8.52
N SER K 115 53.93 -14.28 -7.58
CA SER K 115 53.31 -13.70 -6.40
C SER K 115 54.18 -12.56 -5.91
N LEU K 116 53.56 -11.68 -5.13
CA LEU K 116 54.27 -10.60 -4.47
C LEU K 116 54.79 -11.10 -3.12
N PRO K 117 55.71 -10.35 -2.48
CA PRO K 117 56.41 -10.91 -1.32
C PRO K 117 55.52 -11.28 -0.13
N ASN K 118 54.59 -10.40 0.27
CA ASN K 118 53.81 -10.61 1.48
C ASN K 118 52.47 -11.28 1.21
N SER K 119 52.36 -12.05 0.12
CA SER K 119 51.12 -12.71 -0.19
C SER K 119 50.86 -13.86 0.78
N ARG K 120 49.59 -14.24 0.88
CA ARG K 120 49.14 -15.36 1.69
C ARG K 120 48.41 -16.34 0.78
N ILE K 121 48.81 -17.61 0.83
CA ILE K 121 48.24 -18.65 -0.02
C ILE K 121 47.72 -19.78 0.86
N MET K 122 46.52 -20.25 0.56
CA MET K 122 45.94 -21.36 1.32
C MET K 122 45.13 -22.23 0.37
N ILE K 123 45.34 -23.54 0.49
CA ILE K 123 44.59 -24.52 -0.30
C ILE K 123 43.50 -25.19 0.51
N HIS K 124 43.57 -25.12 1.84
CA HIS K 124 42.54 -25.65 2.71
C HIS K 124 41.18 -25.05 2.37
N GLN K 125 40.17 -25.90 2.28
CA GLN K 125 38.81 -25.45 2.01
C GLN K 125 38.12 -25.03 3.30
N PRO K 126 37.28 -24.01 3.27
CA PRO K 126 36.65 -23.53 4.50
C PRO K 126 35.60 -24.52 5.01
N SER K 127 35.38 -24.48 6.31
CA SER K 127 34.40 -25.36 6.95
C SER K 127 32.98 -24.85 6.70
N ALA K 138 22.24 -26.47 -1.97
CA ALA K 138 22.35 -27.54 -0.99
C ALA K 138 22.58 -28.89 -1.66
N ILE K 139 23.54 -29.65 -1.13
CA ILE K 139 24.05 -30.88 -1.70
C ILE K 139 23.82 -32.03 -0.73
N GLN K 140 24.08 -33.23 -1.22
CA GLN K 140 24.17 -34.42 -0.40
C GLN K 140 25.58 -34.59 0.15
N ALA K 141 25.72 -35.51 1.11
CA ALA K 141 27.02 -35.72 1.73
C ALA K 141 28.00 -36.38 0.75
N GLU K 142 27.49 -37.09 -0.21
CA GLU K 142 28.38 -37.70 -1.15
C GLU K 142 28.88 -36.73 -2.19
N GLU K 143 28.07 -35.75 -2.55
CA GLU K 143 28.46 -34.82 -3.61
C GLU K 143 29.59 -33.92 -3.23
N ILE K 144 29.58 -33.44 -2.00
CA ILE K 144 30.62 -32.56 -1.55
C ILE K 144 31.91 -33.30 -1.64
N MET K 145 31.86 -34.60 -1.41
CA MET K 145 33.07 -35.38 -1.40
C MET K 145 33.58 -35.54 -2.81
N LYS K 146 32.68 -35.76 -3.75
CA LYS K 146 33.12 -35.84 -5.14
C LYS K 146 33.69 -34.51 -5.59
N LEU K 147 33.26 -33.39 -5.00
CA LEU K 147 33.82 -32.09 -5.33
C LEU K 147 35.17 -31.88 -4.66
N LYS K 148 35.24 -32.17 -3.36
CA LYS K 148 36.52 -32.13 -2.67
C LYS K 148 37.57 -32.97 -3.40
N LYS K 149 37.14 -33.97 -4.16
CA LYS K 149 38.07 -34.77 -4.93
C LYS K 149 38.28 -34.28 -6.35
N GLN K 150 37.33 -33.54 -6.93
CA GLN K 150 37.65 -32.82 -8.15
C GLN K 150 38.83 -31.88 -7.91
N LEU K 151 38.89 -31.28 -6.72
CA LEU K 151 39.98 -30.35 -6.41
C LEU K 151 41.30 -31.09 -6.18
N TYR K 152 41.24 -32.23 -5.50
CA TYR K 152 42.46 -33.01 -5.25
C TYR K 152 43.20 -33.30 -6.56
N ASN K 153 42.49 -33.83 -7.55
CA ASN K 153 43.12 -34.12 -8.83
C ASN K 153 43.64 -32.85 -9.51
N ILE K 154 43.02 -31.70 -9.26
CA ILE K 154 43.39 -30.50 -9.99
C ILE K 154 44.72 -29.94 -9.48
N TYR K 155 44.89 -29.84 -8.16
CA TYR K 155 46.19 -29.41 -7.66
C TYR K 155 47.27 -30.46 -7.91
N ALA K 156 46.95 -31.73 -7.70
CA ALA K 156 47.94 -32.78 -7.94
C ALA K 156 48.41 -32.78 -9.39
N LYS K 157 47.57 -32.32 -10.30
CA LYS K 157 47.97 -32.22 -11.70
C LYS K 157 48.93 -31.07 -11.92
N HIS K 158 48.64 -29.91 -11.33
CA HIS K 158 49.41 -28.70 -11.62
C HIS K 158 50.59 -28.50 -10.68
N THR K 159 50.49 -28.95 -9.43
CA THR K 159 51.60 -28.89 -8.49
C THR K 159 52.49 -30.13 -8.52
N LYS K 160 52.21 -31.09 -9.40
CA LYS K 160 53.07 -32.24 -9.64
C LYS K 160 53.14 -33.16 -8.43
N GLN K 161 52.39 -32.81 -7.38
CA GLN K 161 52.39 -33.57 -6.15
C GLN K 161 51.49 -34.81 -6.27
N SER K 162 51.69 -35.74 -5.34
CA SER K 162 50.81 -36.90 -5.29
C SER K 162 49.50 -36.54 -4.62
N LEU K 163 48.46 -37.33 -4.90
CA LEU K 163 47.15 -37.07 -4.30
C LEU K 163 47.21 -37.13 -2.78
N GLN K 164 48.06 -37.99 -2.22
CA GLN K 164 48.14 -38.09 -0.76
C GLN K 164 48.65 -36.81 -0.14
N VAL K 165 49.75 -36.27 -0.67
CA VAL K 165 50.32 -35.08 -0.04
C VAL K 165 49.34 -33.92 -0.17
N ILE K 166 48.55 -33.91 -1.24
CA ILE K 166 47.55 -32.86 -1.42
C ILE K 166 46.44 -33.00 -0.40
N GLU K 167 45.96 -34.23 -0.20
CA GLU K 167 44.88 -34.46 0.77
C GLU K 167 45.33 -34.13 2.19
N SER K 168 46.57 -34.51 2.53
CA SER K 168 47.05 -34.27 3.89
C SER K 168 47.31 -32.79 4.14
N ALA K 169 47.77 -32.06 3.12
CA ALA K 169 48.01 -30.63 3.30
C ALA K 169 46.71 -29.84 3.40
N MET K 170 45.66 -30.29 2.72
CA MET K 170 44.38 -29.58 2.75
C MET K 170 43.61 -29.79 4.04
N GLU K 171 44.05 -30.70 4.90
CA GLU K 171 43.48 -30.81 6.24
C GLU K 171 43.99 -29.73 7.18
N ARG K 172 45.11 -29.10 6.84
CA ARG K 172 45.74 -28.10 7.70
C ARG K 172 45.11 -26.74 7.43
N ASP K 173 44.51 -26.15 8.46
CA ASP K 173 43.93 -24.81 8.39
C ASP K 173 45.05 -23.79 8.48
N ARG K 174 45.82 -23.70 7.40
CA ARG K 174 47.14 -23.09 7.45
C ARG K 174 47.46 -22.39 6.13
N TYR K 175 48.11 -21.23 6.23
CA TYR K 175 48.57 -20.47 5.08
C TYR K 175 50.03 -20.79 4.76
N MET K 176 50.39 -20.62 3.48
CA MET K 176 51.78 -20.68 3.05
C MET K 176 52.26 -19.29 2.64
N SER K 177 53.54 -19.03 2.91
CA SER K 177 54.18 -17.84 2.36
C SER K 177 54.73 -18.16 0.97
N PRO K 178 54.83 -17.15 0.09
CA PRO K 178 55.07 -17.43 -1.34
C PRO K 178 56.24 -18.36 -1.63
N MET K 179 57.31 -18.31 -0.83
CA MET K 179 58.42 -19.24 -1.04
C MET K 179 58.00 -20.68 -0.75
N GLU K 180 57.30 -20.87 0.36
CA GLU K 180 56.83 -22.20 0.71
C GLU K 180 56.04 -22.79 -0.45
N ALA K 181 55.11 -22.01 -0.97
CA ALA K 181 54.25 -22.51 -2.03
C ALA K 181 55.00 -22.66 -3.35
N GLN K 182 56.14 -21.98 -3.51
CA GLN K 182 57.03 -22.29 -4.63
C GLN K 182 57.62 -23.69 -4.47
N GLU K 183 58.00 -24.06 -3.25
CA GLU K 183 58.46 -25.42 -3.00
C GLU K 183 57.32 -26.42 -3.20
N PHE K 184 56.14 -26.10 -2.69
CA PHE K 184 54.98 -26.97 -2.88
C PHE K 184 54.64 -27.15 -4.35
N GLY K 185 54.88 -26.11 -5.16
CA GLY K 185 54.53 -26.14 -6.56
C GLY K 185 53.34 -25.30 -6.94
N ILE K 186 52.82 -24.48 -6.02
CA ILE K 186 51.64 -23.67 -6.30
C ILE K 186 51.97 -22.49 -7.20
N LEU K 187 53.21 -22.01 -7.17
CA LEU K 187 53.64 -20.93 -8.05
C LEU K 187 55.11 -21.11 -8.37
N ASP K 188 55.61 -20.25 -9.26
CA ASP K 188 56.93 -20.44 -9.86
C ASP K 188 57.93 -19.37 -9.45
N LYS K 189 57.56 -18.09 -9.53
CA LYS K 189 58.45 -17.00 -9.18
C LYS K 189 57.81 -16.12 -8.12
N VAL K 190 58.65 -15.56 -7.25
CA VAL K 190 58.26 -14.50 -6.33
C VAL K 190 59.05 -13.26 -6.71
N LEU K 191 58.36 -12.11 -6.77
CA LEU K 191 58.96 -10.88 -7.26
C LEU K 191 58.79 -9.75 -6.23
N VAL K 192 59.83 -8.94 -6.08
CA VAL K 192 59.77 -7.68 -5.37
C VAL K 192 59.70 -6.61 -6.45
N HIS K 193 60.36 -6.91 -7.56
CA HIS K 193 60.46 -6.13 -8.79
C HIS K 193 61.24 -6.88 -9.87
N LEU L 4 -55.38 6.93 -32.90
CA LEU L 4 -53.94 7.06 -33.12
C LEU L 4 -53.18 6.99 -31.80
N ILE L 5 -53.72 7.64 -30.77
CA ILE L 5 -53.07 7.73 -29.47
C ILE L 5 -53.51 6.50 -28.64
N PRO L 6 -52.58 5.62 -28.27
CA PRO L 6 -52.97 4.46 -27.47
C PRO L 6 -53.33 4.86 -26.05
N ILE L 7 -54.03 3.96 -25.38
CA ILE L 7 -54.48 4.13 -24.01
C ILE L 7 -53.83 3.05 -23.15
N VAL L 8 -53.31 3.45 -21.99
CA VAL L 8 -52.54 2.57 -21.13
C VAL L 8 -53.20 2.48 -19.76
N VAL L 9 -52.70 1.56 -18.95
CA VAL L 9 -53.24 1.25 -17.63
C VAL L 9 -53.49 2.49 -16.78
N TYR L 19 -55.25 8.10 -19.16
CA TYR L 19 -55.01 6.80 -19.73
C TYR L 19 -54.41 6.90 -21.14
N ASP L 20 -54.43 8.06 -21.77
CA ASP L 20 -53.76 8.22 -23.08
C ASP L 20 -52.29 8.25 -22.78
N ILE L 21 -51.45 7.91 -23.72
CA ILE L 21 -50.03 7.74 -23.41
C ILE L 21 -49.35 9.08 -23.12
N TYR L 22 -49.83 10.17 -23.72
CA TYR L 22 -49.19 11.46 -23.47
C TYR L 22 -49.55 12.00 -22.09
N SER L 23 -50.77 11.73 -21.63
CA SER L 23 -51.11 12.09 -20.26
C SER L 23 -50.37 11.22 -19.26
N ARG L 24 -50.04 9.97 -19.63
CA ARG L 24 -49.30 9.11 -18.72
C ARG L 24 -47.87 9.58 -18.56
N LEU L 25 -47.27 10.10 -19.63
CA LEU L 25 -45.95 10.71 -19.49
C LEU L 25 -46.00 11.95 -18.62
N LEU L 26 -47.08 12.74 -18.72
CA LEU L 26 -47.22 13.91 -17.87
C LEU L 26 -47.35 13.51 -16.40
N ARG L 27 -48.04 12.41 -16.13
CA ARG L 27 -48.14 11.94 -14.75
C ARG L 27 -46.78 11.61 -14.16
N GLU L 28 -45.82 11.21 -14.99
CA GLU L 28 -44.45 11.02 -14.59
C GLU L 28 -43.65 12.32 -14.62
N ARG L 29 -44.32 13.46 -14.79
CA ARG L 29 -43.68 14.78 -14.86
C ARG L 29 -42.78 14.89 -16.10
N ILE L 30 -43.36 14.59 -17.26
CA ILE L 30 -42.63 14.59 -18.52
C ILE L 30 -43.41 15.45 -19.52
N VAL L 31 -42.75 16.51 -20.01
CA VAL L 31 -43.33 17.43 -20.98
C VAL L 31 -42.62 17.23 -22.31
N CYS L 32 -43.39 17.15 -23.39
CA CYS L 32 -42.87 16.83 -24.71
C CYS L 32 -42.83 18.07 -25.59
N VAL L 33 -41.65 18.38 -26.12
CA VAL L 33 -41.50 19.40 -27.15
C VAL L 33 -40.96 18.72 -28.40
N MET L 34 -41.85 18.07 -29.13
CA MET L 34 -41.54 17.26 -30.30
C MET L 34 -42.37 17.78 -31.47
N GLY L 35 -41.69 18.36 -32.46
CA GLY L 35 -42.35 19.04 -33.55
C GLY L 35 -42.02 20.51 -33.54
N PRO L 36 -42.26 21.19 -34.67
CA PRO L 36 -42.05 22.65 -34.74
C PRO L 36 -42.69 23.43 -33.60
N ILE L 37 -42.16 24.61 -33.31
CA ILE L 37 -42.58 25.42 -32.17
C ILE L 37 -43.34 26.63 -32.71
N ASP L 38 -44.65 26.66 -32.50
CA ASP L 38 -45.47 27.83 -32.73
C ASP L 38 -45.97 28.35 -31.38
N ASP L 39 -47.07 29.12 -31.41
CA ASP L 39 -47.54 29.76 -30.19
C ASP L 39 -48.40 28.83 -29.34
N SER L 40 -49.07 27.85 -29.94
CA SER L 40 -49.96 26.97 -29.18
C SER L 40 -49.21 25.83 -28.52
N VAL L 41 -48.19 25.27 -29.18
CA VAL L 41 -47.31 24.32 -28.51
C VAL L 41 -46.70 24.95 -27.28
N ALA L 42 -46.13 26.15 -27.41
CA ALA L 42 -45.66 26.88 -26.26
C ALA L 42 -46.77 27.02 -25.23
N SER L 43 -48.00 27.28 -25.69
CA SER L 43 -49.09 27.48 -24.76
C SER L 43 -49.35 26.25 -23.90
N LEU L 44 -49.10 25.03 -24.39
CA LEU L 44 -49.34 23.92 -23.48
C LEU L 44 -48.10 23.59 -22.64
N VAL L 45 -46.92 23.67 -23.25
CA VAL L 45 -45.68 23.43 -22.51
C VAL L 45 -45.66 24.28 -21.26
N ILE L 46 -46.24 25.47 -21.32
CA ILE L 46 -46.23 26.38 -20.17
C ILE L 46 -47.25 25.91 -19.12
N ALA L 47 -48.50 25.72 -19.55
CA ALA L 47 -49.52 25.18 -18.66
C ALA L 47 -49.08 23.87 -18.03
N GLN L 48 -48.37 23.04 -18.81
CA GLN L 48 -47.81 21.81 -18.26
C GLN L 48 -46.74 22.10 -17.22
N LEU L 49 -45.76 22.94 -17.59
CA LEU L 49 -44.69 23.26 -16.65
C LEU L 49 -45.24 23.86 -15.36
N LEU L 50 -46.21 24.77 -15.47
CA LEU L 50 -46.80 25.36 -14.28
C LEU L 50 -47.56 24.31 -13.47
N PHE L 51 -48.26 23.40 -14.15
CA PHE L 51 -49.03 22.39 -13.44
C PHE L 51 -48.13 21.48 -12.60
N LEU L 52 -46.96 21.12 -13.13
CA LEU L 52 -46.09 20.23 -12.41
C LEU L 52 -45.49 20.90 -11.19
N GLN L 53 -45.19 22.20 -11.28
CA GLN L 53 -44.81 22.95 -10.09
C GLN L 53 -45.93 22.96 -9.06
N SER L 54 -47.19 23.00 -9.53
CA SER L 54 -48.33 23.03 -8.62
C SER L 54 -48.38 21.77 -7.76
N GLU L 55 -48.06 20.62 -8.33
CA GLU L 55 -48.07 19.38 -7.55
C GLU L 55 -46.92 19.35 -6.56
N SER L 56 -45.74 19.82 -6.97
CA SER L 56 -44.58 19.89 -6.10
C SER L 56 -43.49 20.74 -6.74
N ASN L 57 -43.09 21.84 -6.08
CA ASN L 57 -42.09 22.75 -6.61
C ASN L 57 -40.66 22.30 -6.30
N LYS L 58 -40.48 21.05 -5.89
CA LYS L 58 -39.15 20.52 -5.63
C LYS L 58 -38.79 19.33 -6.50
N LYS L 59 -39.75 18.61 -7.01
CA LYS L 59 -39.44 17.39 -7.73
C LYS L 59 -39.04 17.73 -9.17
N PRO L 60 -38.04 17.06 -9.73
CA PRO L 60 -37.56 17.43 -11.07
C PRO L 60 -38.63 17.29 -12.15
N ILE L 61 -38.40 18.00 -13.25
CA ILE L 61 -39.23 17.94 -14.45
C ILE L 61 -38.34 17.59 -15.63
N HIS L 62 -38.86 16.80 -16.56
CA HIS L 62 -38.12 16.36 -17.73
C HIS L 62 -38.80 16.86 -18.99
N MET L 63 -38.03 17.50 -19.87
CA MET L 63 -38.51 18.01 -21.15
C MET L 63 -37.90 17.18 -22.28
N TYR L 64 -38.76 16.62 -23.13
CA TYR L 64 -38.35 15.86 -24.30
C TYR L 64 -38.35 16.79 -25.50
N ILE L 65 -37.21 16.86 -26.21
CA ILE L 65 -37.04 17.83 -27.28
C ILE L 65 -36.58 17.10 -28.54
N ASN L 66 -37.48 17.03 -29.53
CA ASN L 66 -37.15 16.65 -30.92
C ASN L 66 -37.81 17.72 -31.78
N SER L 67 -37.14 18.85 -31.94
CA SER L 67 -37.76 20.00 -32.58
C SER L 67 -36.83 20.65 -33.59
N PRO L 68 -37.35 21.09 -34.73
CA PRO L 68 -36.54 21.76 -35.74
C PRO L 68 -36.46 23.28 -35.59
N GLY L 69 -37.12 23.85 -34.59
CA GLY L 69 -37.12 25.29 -34.41
C GLY L 69 -38.52 25.85 -34.33
N GLY L 70 -38.68 27.12 -34.70
CA GLY L 70 -39.99 27.72 -34.72
C GLY L 70 -39.92 29.20 -34.41
N VAL L 71 -41.02 29.71 -33.86
CA VAL L 71 -41.18 31.15 -33.67
C VAL L 71 -40.35 31.56 -32.45
N VAL L 72 -39.61 32.66 -32.59
CA VAL L 72 -38.64 33.01 -31.56
C VAL L 72 -39.36 33.50 -30.30
N THR L 73 -40.41 34.30 -30.48
CA THR L 73 -41.18 34.80 -29.34
C THR L 73 -41.80 33.65 -28.55
N ALA L 74 -42.21 32.58 -29.23
CA ALA L 74 -42.78 31.43 -28.52
C ALA L 74 -41.72 30.66 -27.76
N GLY L 75 -40.58 30.41 -28.39
CA GLY L 75 -39.49 29.74 -27.69
C GLY L 75 -39.03 30.51 -26.46
N LEU L 76 -38.94 31.83 -26.58
CA LEU L 76 -38.56 32.65 -25.42
C LEU L 76 -39.62 32.59 -24.33
N ALA L 77 -40.89 32.41 -24.71
CA ALA L 77 -41.95 32.31 -23.72
C ALA L 77 -41.81 31.03 -22.89
N ILE L 78 -41.24 29.97 -23.48
CA ILE L 78 -40.99 28.77 -22.69
C ILE L 78 -39.70 28.91 -21.89
N TYR L 79 -38.67 29.54 -22.48
CA TYR L 79 -37.43 29.78 -21.75
C TYR L 79 -37.70 30.54 -20.46
N ASP L 80 -38.65 31.49 -20.51
CA ASP L 80 -38.94 32.28 -19.32
C ASP L 80 -39.59 31.43 -18.22
N THR L 81 -40.45 30.48 -18.60
CA THR L 81 -40.96 29.50 -17.64
C THR L 81 -39.85 28.66 -17.04
N MET L 82 -39.11 27.94 -17.89
CA MET L 82 -38.07 27.02 -17.44
C MET L 82 -37.21 27.64 -16.34
N GLN L 83 -36.93 28.94 -16.49
CA GLN L 83 -36.18 29.67 -15.49
C GLN L 83 -37.06 30.29 -14.41
N TYR L 84 -38.34 30.52 -14.69
CA TYR L 84 -39.23 31.03 -13.65
C TYR L 84 -39.51 29.97 -12.61
N ILE L 85 -39.83 28.76 -13.05
CA ILE L 85 -40.29 27.72 -12.12
C ILE L 85 -39.13 27.25 -11.25
N LEU L 86 -39.43 26.99 -9.97
CA LEU L 86 -38.42 26.56 -9.02
C LEU L 86 -37.88 25.18 -9.35
N ASN L 87 -38.66 24.36 -10.03
CA ASN L 87 -38.30 22.97 -10.26
C ASN L 87 -37.01 22.89 -11.08
N PRO L 88 -36.09 21.99 -10.73
CA PRO L 88 -35.01 21.65 -11.67
C PRO L 88 -35.62 21.06 -12.93
N ILE L 89 -34.98 21.30 -14.08
CA ILE L 89 -35.47 20.75 -15.34
C ILE L 89 -34.34 19.99 -16.03
N CYS L 90 -34.65 18.75 -16.40
CA CYS L 90 -33.76 17.91 -17.20
C CYS L 90 -34.25 17.94 -18.64
N THR L 91 -33.42 18.45 -19.54
CA THR L 91 -33.73 18.52 -20.95
C THR L 91 -33.11 17.32 -21.66
N TRP L 92 -33.93 16.60 -22.43
CA TRP L 92 -33.51 15.41 -23.15
C TRP L 92 -33.70 15.65 -24.64
N CYS L 93 -32.63 15.56 -25.43
CA CYS L 93 -32.75 15.69 -26.90
C CYS L 93 -32.71 14.38 -27.66
N VAL L 94 -33.86 13.95 -28.16
CA VAL L 94 -33.94 12.76 -28.97
C VAL L 94 -34.06 13.20 -30.39
N GLY L 95 -33.32 12.59 -31.29
CA GLY L 95 -33.29 13.04 -32.65
C GLY L 95 -32.61 14.35 -32.62
N GLN L 96 -32.72 15.14 -33.66
CA GLN L 96 -32.16 16.48 -33.63
C GLN L 96 -32.84 17.50 -32.75
N ALA L 97 -32.13 18.58 -32.42
CA ALA L 97 -32.73 19.71 -31.72
C ALA L 97 -32.11 20.89 -32.36
N ALA L 98 -32.91 21.81 -32.92
CA ALA L 98 -32.23 22.87 -33.67
C ALA L 98 -32.81 24.25 -33.46
N SER L 99 -32.02 25.26 -33.78
CA SER L 99 -32.47 26.67 -33.64
C SER L 99 -33.09 26.83 -32.25
N MET L 100 -34.30 27.39 -32.15
CA MET L 100 -34.90 27.64 -30.83
C MET L 100 -34.94 26.37 -29.99
N GLY L 101 -35.27 25.24 -30.61
CA GLY L 101 -35.26 23.98 -29.89
C GLY L 101 -33.94 23.72 -29.17
N SER L 102 -32.82 24.06 -29.82
CA SER L 102 -31.52 23.90 -29.18
C SER L 102 -31.30 24.92 -28.07
N LEU L 103 -32.04 26.02 -28.06
CA LEU L 103 -31.98 26.94 -26.92
C LEU L 103 -32.58 26.30 -25.67
N LEU L 104 -33.77 25.72 -25.80
CA LEU L 104 -34.43 25.12 -24.65
C LEU L 104 -33.68 23.90 -24.14
N LEU L 105 -32.95 23.21 -25.01
CA LEU L 105 -32.09 22.13 -24.55
C LEU L 105 -31.01 22.65 -23.61
N ALA L 106 -30.37 23.76 -24.00
CA ALA L 106 -29.33 24.38 -23.20
C ALA L 106 -29.88 25.20 -22.04
N ALA L 107 -31.18 25.50 -22.04
CA ALA L 107 -31.80 26.23 -20.94
C ALA L 107 -32.08 25.36 -19.74
N GLY L 108 -31.78 24.06 -19.82
CA GLY L 108 -31.99 23.16 -18.72
C GLY L 108 -31.10 23.47 -17.53
N THR L 109 -31.44 22.87 -16.40
CA THR L 109 -30.74 23.14 -15.17
C THR L 109 -29.32 22.59 -15.29
N PRO L 110 -28.30 23.30 -14.79
CA PRO L 110 -26.93 22.83 -14.97
C PRO L 110 -26.73 21.44 -14.39
N GLY L 111 -26.18 20.54 -15.20
CA GLY L 111 -26.00 19.15 -14.83
C GLY L 111 -27.09 18.22 -15.33
N MET L 112 -28.16 18.76 -15.91
CA MET L 112 -29.33 17.96 -16.26
C MET L 112 -29.73 18.15 -17.72
N ARG L 113 -28.77 18.42 -18.59
CA ARG L 113 -29.03 18.58 -20.02
C ARG L 113 -28.43 17.37 -20.73
N HIS L 114 -29.29 16.43 -21.11
CA HIS L 114 -28.87 15.17 -21.71
C HIS L 114 -29.27 15.09 -23.17
N SER L 115 -28.61 14.19 -23.90
CA SER L 115 -29.02 13.84 -25.25
C SER L 115 -28.49 12.45 -25.59
N LEU L 116 -29.24 11.75 -26.41
CA LEU L 116 -28.91 10.40 -26.84
C LEU L 116 -27.78 10.43 -27.87
N PRO L 117 -27.21 9.28 -28.24
CA PRO L 117 -25.96 9.32 -29.02
C PRO L 117 -26.07 9.92 -30.42
N ASN L 118 -27.18 9.70 -31.12
CA ASN L 118 -27.25 10.06 -32.54
C ASN L 118 -28.00 11.35 -32.81
N SER L 119 -28.36 12.10 -31.77
CA SER L 119 -29.04 13.38 -31.98
C SER L 119 -28.15 14.35 -32.74
N ARG L 120 -28.77 15.40 -33.27
CA ARG L 120 -28.07 16.44 -34.01
C ARG L 120 -28.55 17.80 -33.53
N ILE L 121 -27.61 18.66 -33.14
CA ILE L 121 -27.91 19.96 -32.55
C ILE L 121 -27.40 21.04 -33.48
N MET L 122 -28.17 22.13 -33.60
CA MET L 122 -27.77 23.28 -34.39
C MET L 122 -28.21 24.57 -33.70
N ILE L 123 -27.28 25.52 -33.57
CA ILE L 123 -27.57 26.81 -32.92
C ILE L 123 -27.83 27.94 -33.92
N HIS L 124 -27.50 27.75 -35.19
CA HIS L 124 -27.77 28.69 -36.25
C HIS L 124 -29.26 28.86 -36.51
N GLN L 125 -29.78 30.15 -36.52
CA GLN L 125 -31.19 30.26 -36.88
C GLN L 125 -31.38 30.07 -38.40
N PRO L 126 -32.45 29.42 -38.82
CA PRO L 126 -32.66 29.26 -40.26
C PRO L 126 -33.06 30.58 -40.90
N SER L 127 -32.73 30.73 -42.18
CA SER L 127 -33.07 31.94 -42.94
C SER L 127 -34.58 32.08 -43.14
N ILE L 139 -41.70 42.00 -39.20
CA ILE L 139 -41.19 42.96 -38.24
C ILE L 139 -39.94 43.64 -38.80
N GLN L 140 -39.54 44.74 -38.16
CA GLN L 140 -38.53 45.62 -38.74
C GLN L 140 -37.14 44.98 -38.67
N ALA L 141 -36.22 45.58 -39.43
CA ALA L 141 -34.85 45.07 -39.50
C ALA L 141 -34.13 45.23 -38.16
N GLU L 142 -34.36 46.36 -37.48
CA GLU L 142 -33.74 46.55 -36.16
C GLU L 142 -34.27 45.53 -35.15
N GLU L 143 -35.56 45.23 -35.20
CA GLU L 143 -36.14 44.30 -34.24
C GLU L 143 -35.52 42.91 -34.37
N ILE L 144 -35.12 42.53 -35.58
CA ILE L 144 -34.48 41.23 -35.78
C ILE L 144 -33.14 41.17 -35.04
N MET L 145 -32.36 42.25 -35.12
CA MET L 145 -31.11 42.32 -34.35
C MET L 145 -31.38 42.17 -32.86
N LYS L 146 -32.42 42.85 -32.37
CA LYS L 146 -32.69 42.84 -30.94
C LYS L 146 -33.05 41.45 -30.44
N LEU L 147 -33.51 40.55 -31.31
CA LEU L 147 -33.71 39.17 -30.90
C LEU L 147 -32.43 38.35 -31.03
N LYS L 148 -31.73 38.48 -32.15
CA LYS L 148 -30.48 37.76 -32.34
C LYS L 148 -29.48 38.09 -31.24
N LYS L 149 -29.42 39.36 -30.83
CA LYS L 149 -28.64 39.72 -29.66
C LYS L 149 -29.27 39.16 -28.39
N GLN L 150 -30.60 39.15 -28.32
CA GLN L 150 -31.26 38.61 -27.14
C GLN L 150 -31.16 37.08 -27.09
N LEU L 151 -30.97 36.44 -28.24
CA LEU L 151 -30.59 35.03 -28.22
C LEU L 151 -29.11 34.85 -27.92
N TYR L 152 -28.26 35.74 -28.47
CA TYR L 152 -26.83 35.71 -28.16
C TYR L 152 -26.59 35.72 -26.65
N ASN L 153 -27.38 36.53 -25.93
CA ASN L 153 -27.20 36.64 -24.48
C ASN L 153 -27.59 35.35 -23.78
N ILE L 154 -28.81 34.87 -24.04
CA ILE L 154 -29.30 33.66 -23.40
C ILE L 154 -28.35 32.49 -23.65
N TYR L 155 -27.92 32.33 -24.90
CA TYR L 155 -26.94 31.29 -25.21
C TYR L 155 -25.66 31.47 -24.41
N ALA L 156 -25.28 32.73 -24.16
CA ALA L 156 -24.03 32.99 -23.44
C ALA L 156 -24.13 32.58 -21.98
N LYS L 157 -25.30 32.79 -21.36
CA LYS L 157 -25.44 32.46 -19.95
C LYS L 157 -25.27 30.96 -19.71
N HIS L 158 -25.78 30.13 -20.62
CA HIS L 158 -25.85 28.69 -20.40
C HIS L 158 -24.66 27.93 -20.97
N THR L 159 -24.14 28.35 -22.11
CA THR L 159 -22.93 27.73 -22.63
C THR L 159 -21.67 28.21 -21.93
N LYS L 160 -21.76 29.26 -21.11
CA LYS L 160 -20.63 29.89 -20.46
C LYS L 160 -19.58 30.37 -21.45
N GLN L 161 -19.95 30.54 -22.71
CA GLN L 161 -19.05 31.05 -23.72
C GLN L 161 -19.16 32.57 -23.81
N SER L 162 -18.25 33.17 -24.57
CA SER L 162 -18.27 34.60 -24.77
C SER L 162 -19.38 34.98 -25.74
N LEU L 163 -19.63 36.29 -25.85
CA LEU L 163 -20.58 36.77 -26.84
C LEU L 163 -20.07 36.54 -28.25
N GLN L 164 -18.77 36.78 -28.48
CA GLN L 164 -18.25 36.77 -29.84
C GLN L 164 -18.09 35.38 -30.42
N VAL L 165 -17.75 34.39 -29.59
CA VAL L 165 -17.68 33.02 -30.10
C VAL L 165 -19.06 32.53 -30.50
N ILE L 166 -20.08 32.91 -29.73
CA ILE L 166 -21.45 32.50 -30.04
C ILE L 166 -21.92 33.15 -31.34
N GLU L 167 -21.69 34.47 -31.46
CA GLU L 167 -21.90 35.15 -32.73
C GLU L 167 -21.24 34.40 -33.87
N SER L 168 -19.96 34.07 -33.70
CA SER L 168 -19.18 33.46 -34.77
C SER L 168 -19.62 32.03 -35.04
N ALA L 169 -20.02 31.28 -34.01
CA ALA L 169 -20.49 29.92 -34.21
C ALA L 169 -21.88 29.91 -34.84
N MET L 170 -22.77 30.80 -34.40
CA MET L 170 -24.10 30.84 -34.98
C MET L 170 -24.12 31.34 -36.42
N GLU L 171 -23.03 31.92 -36.90
CA GLU L 171 -22.94 32.26 -38.31
C GLU L 171 -22.75 31.02 -39.20
N ARG L 172 -22.31 29.88 -38.66
CA ARG L 172 -22.11 28.68 -39.46
C ARG L 172 -23.41 27.88 -39.56
N ASP L 173 -23.77 27.51 -40.78
CA ASP L 173 -24.94 26.68 -41.09
C ASP L 173 -24.49 25.24 -41.17
N ARG L 174 -24.53 24.55 -40.03
CA ARG L 174 -24.17 23.14 -39.88
C ARG L 174 -24.70 22.64 -38.56
N TYR L 175 -24.58 21.33 -38.36
CA TYR L 175 -25.02 20.64 -37.17
C TYR L 175 -23.83 20.15 -36.38
N MET L 176 -24.04 19.94 -35.09
CA MET L 176 -23.03 19.42 -34.19
C MET L 176 -23.44 18.07 -33.64
N SER L 177 -22.44 17.22 -33.46
CA SER L 177 -22.56 16.00 -32.67
C SER L 177 -23.03 16.35 -31.26
N PRO L 178 -23.72 15.44 -30.58
CA PRO L 178 -24.00 15.66 -29.15
C PRO L 178 -22.75 15.72 -28.30
N MET L 179 -21.63 15.18 -28.77
CA MET L 179 -20.36 15.34 -28.08
C MET L 179 -19.72 16.70 -28.35
N GLU L 180 -19.88 17.23 -29.56
CA GLU L 180 -19.32 18.55 -29.85
C GLU L 180 -20.13 19.66 -29.18
N ALA L 181 -21.46 19.57 -29.25
CA ALA L 181 -22.30 20.48 -28.48
C ALA L 181 -22.02 20.36 -26.98
N GLN L 182 -21.55 19.19 -26.56
CA GLN L 182 -21.18 18.98 -25.16
C GLN L 182 -20.02 19.88 -24.75
N GLU L 183 -18.98 19.92 -25.58
CA GLU L 183 -17.81 20.75 -25.28
C GLU L 183 -18.12 22.23 -25.43
N PHE L 184 -19.14 22.58 -26.23
CA PHE L 184 -19.57 23.95 -26.40
C PHE L 184 -20.34 24.48 -25.20
N GLY L 185 -20.90 23.60 -24.39
CA GLY L 185 -21.71 24.01 -23.25
C GLY L 185 -23.20 24.00 -23.49
N ILE L 186 -23.67 23.43 -24.60
CA ILE L 186 -25.10 23.40 -24.88
C ILE L 186 -25.77 22.27 -24.11
N LEU L 187 -25.06 21.18 -23.84
CA LEU L 187 -25.58 20.09 -23.03
C LEU L 187 -24.46 19.56 -22.16
N ASP L 188 -24.82 18.66 -21.24
CA ASP L 188 -23.91 18.16 -20.22
C ASP L 188 -23.59 16.69 -20.39
N LYS L 189 -24.60 15.83 -20.47
CA LYS L 189 -24.44 14.39 -20.41
C LYS L 189 -24.87 13.74 -21.72
N VAL L 190 -24.07 12.79 -22.19
CA VAL L 190 -24.42 11.95 -23.35
C VAL L 190 -24.29 10.50 -22.88
N LEU L 191 -25.43 9.86 -22.62
CA LEU L 191 -25.46 8.51 -22.07
C LEU L 191 -26.15 7.58 -23.05
N VAL L 192 -25.45 6.51 -23.44
CA VAL L 192 -26.02 5.54 -24.37
C VAL L 192 -27.17 4.79 -23.73
N HIS L 193 -27.02 4.38 -22.47
CA HIS L 193 -28.05 3.66 -21.74
C HIS L 193 -27.73 3.74 -20.26
N PRO L 194 -28.72 3.65 -19.38
CA PRO L 194 -28.47 3.75 -17.95
C PRO L 194 -27.62 2.60 -17.46
N PRO L 195 -26.87 2.77 -16.36
CA PRO L 195 -25.96 1.76 -15.81
C PRO L 195 -26.62 0.40 -15.57
N LEU M 4 19.39 -14.09 37.36
CA LEU M 4 18.11 -13.62 37.88
C LEU M 4 18.30 -12.78 39.14
N ILE M 5 17.28 -12.75 39.98
CA ILE M 5 17.35 -12.10 41.28
C ILE M 5 17.65 -13.17 42.33
N PRO M 6 18.20 -12.80 43.48
CA PRO M 6 18.32 -13.77 44.57
C PRO M 6 17.14 -13.72 45.53
N ILE M 7 16.94 -14.79 46.31
CA ILE M 7 15.96 -14.87 47.37
C ILE M 7 16.70 -14.86 48.71
N VAL M 8 16.08 -14.24 49.72
CA VAL M 8 16.66 -14.21 51.06
C VAL M 8 15.66 -14.80 52.05
N VAL M 9 16.21 -15.35 53.14
CA VAL M 9 15.49 -15.91 54.29
C VAL M 9 14.02 -15.52 54.43
N ASP M 20 13.19 -12.48 47.81
CA ASP M 20 13.49 -11.42 46.86
C ASP M 20 14.24 -10.30 47.57
N ILE M 21 15.43 -9.96 47.05
CA ILE M 21 16.32 -9.08 47.79
C ILE M 21 15.81 -7.64 47.80
N TYR M 22 15.08 -7.22 46.76
CA TYR M 22 14.54 -5.86 46.76
C TYR M 22 13.40 -5.71 47.74
N SER M 23 12.47 -6.68 47.75
CA SER M 23 11.41 -6.66 48.75
C SER M 23 11.98 -6.71 50.16
N ARG M 24 13.15 -7.32 50.33
CA ARG M 24 13.83 -7.28 51.62
C ARG M 24 14.33 -5.88 51.94
N LEU M 25 14.91 -5.20 50.95
CA LEU M 25 15.43 -3.85 51.19
C LEU M 25 14.31 -2.89 51.55
N LEU M 26 13.12 -3.07 50.98
CA LEU M 26 11.99 -2.23 51.34
C LEU M 26 11.47 -2.56 52.74
N ARG M 27 11.78 -3.75 53.26
CA ARG M 27 11.44 -4.05 54.64
C ARG M 27 12.30 -3.27 55.61
N GLU M 28 13.55 -2.97 55.24
CA GLU M 28 14.42 -2.09 56.00
C GLU M 28 14.26 -0.64 55.62
N ARG M 29 13.22 -0.30 54.84
CA ARG M 29 12.89 1.08 54.44
C ARG M 29 13.96 1.66 53.52
N ILE M 30 14.23 0.95 52.42
CA ILE M 30 15.19 1.40 51.42
C ILE M 30 14.52 1.32 50.05
N VAL M 31 14.51 2.44 49.33
CA VAL M 31 13.99 2.52 47.98
C VAL M 31 15.16 2.71 47.03
N CYS M 32 15.17 1.94 45.95
CA CYS M 32 16.25 1.98 44.97
C CYS M 32 15.80 2.78 43.75
N VAL M 33 16.48 3.90 43.50
CA VAL M 33 16.28 4.68 42.28
C VAL M 33 17.55 4.57 41.46
N MET M 34 17.73 3.43 40.80
CA MET M 34 18.93 3.14 40.02
C MET M 34 18.51 2.86 38.58
N GLY M 35 19.09 3.61 37.65
CA GLY M 35 18.74 3.49 36.26
C GLY M 35 18.00 4.72 35.77
N PRO M 36 17.59 4.72 34.51
CA PRO M 36 16.82 5.85 33.97
C PRO M 36 15.49 6.00 34.68
N ILE M 37 14.98 7.22 34.69
CA ILE M 37 13.72 7.56 35.35
C ILE M 37 12.65 7.75 34.28
N ASP M 38 11.55 7.02 34.41
CA ASP M 38 10.41 7.17 33.52
C ASP M 38 9.14 7.12 34.36
N ASP M 39 8.00 6.88 33.71
CA ASP M 39 6.73 6.87 34.43
C ASP M 39 6.60 5.64 35.32
N SER M 40 7.02 4.47 34.84
CA SER M 40 6.94 3.27 35.67
C SER M 40 7.86 3.37 36.87
N VAL M 41 9.08 3.86 36.66
CA VAL M 41 10.01 4.08 37.78
C VAL M 41 9.41 5.07 38.77
N ALA M 42 8.93 6.21 38.27
CA ALA M 42 8.28 7.19 39.15
C ALA M 42 7.08 6.57 39.84
N SER M 43 6.25 5.82 39.11
CA SER M 43 5.11 5.15 39.72
C SER M 43 5.55 4.15 40.78
N LEU M 44 6.59 3.37 40.46
CA LEU M 44 7.03 2.32 41.37
C LEU M 44 7.65 2.91 42.64
N VAL M 45 8.46 3.97 42.48
CA VAL M 45 9.09 4.59 43.64
C VAL M 45 8.05 5.33 44.48
N ILE M 46 7.16 6.09 43.82
CA ILE M 46 6.13 6.83 44.56
C ILE M 46 5.29 5.88 45.40
N ALA M 47 5.00 4.68 44.87
CA ALA M 47 4.23 3.71 45.63
C ALA M 47 5.00 3.23 46.86
N GLN M 48 6.30 2.96 46.70
CA GLN M 48 7.10 2.50 47.83
C GLN M 48 7.16 3.55 48.94
N LEU M 49 7.24 4.83 48.56
CA LEU M 49 7.31 5.90 49.56
C LEU M 49 6.02 5.97 50.36
N LEU M 50 4.87 5.96 49.69
CA LEU M 50 3.60 6.04 50.39
C LEU M 50 3.39 4.87 51.33
N PHE M 51 3.87 3.67 50.93
CA PHE M 51 3.72 2.50 51.78
C PHE M 51 4.54 2.62 53.05
N LEU M 52 5.79 3.04 52.93
CA LEU M 52 6.65 3.18 54.10
C LEU M 52 6.09 4.24 55.06
N GLN M 53 5.54 5.33 54.51
CA GLN M 53 4.84 6.29 55.35
C GLN M 53 3.65 5.63 56.04
N SER M 54 2.93 4.77 55.33
CA SER M 54 1.82 4.04 55.93
C SER M 54 2.31 3.13 57.05
N GLU M 55 3.50 2.53 56.87
CA GLU M 55 4.06 1.69 57.92
C GLU M 55 4.43 2.52 59.14
N SER M 56 5.11 3.65 58.93
CA SER M 56 5.44 4.56 60.01
C SER M 56 5.72 5.93 59.42
N ASN M 57 5.02 6.95 59.92
CA ASN M 57 5.19 8.31 59.42
C ASN M 57 6.38 9.02 60.03
N LYS M 58 7.13 8.37 60.92
CA LYS M 58 8.22 9.03 61.63
C LYS M 58 9.60 8.47 61.33
N LYS M 59 9.73 7.16 61.09
CA LYS M 59 11.03 6.59 60.83
C LYS M 59 11.61 7.12 59.52
N PRO M 60 12.93 7.31 59.47
CA PRO M 60 13.55 7.79 58.24
C PRO M 60 13.36 6.83 57.07
N ILE M 61 13.43 7.37 55.86
CA ILE M 61 13.36 6.62 54.62
C ILE M 61 14.65 6.88 53.86
N HIS M 62 15.21 5.85 53.23
CA HIS M 62 16.48 5.97 52.54
C HIS M 62 16.31 5.70 51.05
N MET M 63 16.98 6.53 50.24
CA MET M 63 16.95 6.39 48.79
C MET M 63 18.35 6.22 48.25
N TYR M 64 18.54 5.17 47.46
CA TYR M 64 19.81 4.85 46.81
C TYR M 64 19.73 5.33 45.36
N ILE M 65 20.56 6.30 45.00
CA ILE M 65 20.56 6.92 43.68
C ILE M 65 21.77 6.42 42.90
N ASN M 66 21.52 6.03 41.65
CA ASN M 66 22.57 5.77 40.68
C ASN M 66 21.95 5.97 39.30
N SER M 67 21.53 7.21 39.03
CA SER M 67 20.74 7.50 37.85
C SER M 67 21.45 8.51 36.94
N PRO M 68 21.42 8.30 35.63
CA PRO M 68 21.88 9.33 34.69
C PRO M 68 20.82 10.34 34.30
N GLY M 69 19.67 10.33 34.95
CA GLY M 69 18.57 11.21 34.62
C GLY M 69 17.37 10.45 34.08
N GLY M 70 16.53 11.18 33.35
CA GLY M 70 15.34 10.57 32.76
C GLY M 70 14.31 11.63 32.39
N VAL M 71 13.05 11.21 32.45
CA VAL M 71 11.94 12.09 32.09
C VAL M 71 11.82 13.20 33.12
N VAL M 72 11.48 14.41 32.66
CA VAL M 72 11.41 15.56 33.55
C VAL M 72 10.18 15.46 34.45
N THR M 73 9.01 15.21 33.87
CA THR M 73 7.80 15.16 34.67
C THR M 73 7.83 14.01 35.67
N ALA M 74 8.46 12.89 35.30
CA ALA M 74 8.57 11.76 36.23
C ALA M 74 9.45 12.11 37.42
N GLY M 75 10.62 12.70 37.15
CA GLY M 75 11.49 13.12 38.23
C GLY M 75 10.81 14.10 39.18
N LEU M 76 9.96 14.97 38.64
CA LEU M 76 9.22 15.89 39.50
C LEU M 76 8.12 15.16 40.26
N ALA M 77 7.45 14.20 39.62
CA ALA M 77 6.43 13.41 40.31
C ALA M 77 7.02 12.72 41.54
N ILE M 78 8.26 12.26 41.43
CA ILE M 78 8.94 11.71 42.61
C ILE M 78 9.24 12.82 43.60
N TYR M 79 9.79 13.94 43.13
CA TYR M 79 10.17 15.04 44.02
C TYR M 79 8.98 15.52 44.84
N ASP M 80 7.84 15.75 44.19
CA ASP M 80 6.66 16.22 44.91
C ASP M 80 6.21 15.20 45.95
N THR M 81 6.36 13.91 45.66
CA THR M 81 6.01 12.89 46.65
C THR M 81 6.92 12.97 47.87
N MET M 82 8.23 13.13 47.65
CA MET M 82 9.17 13.26 48.75
C MET M 82 8.79 14.41 49.68
N GLN M 83 8.59 15.61 49.11
CA GLN M 83 8.24 16.76 49.93
C GLN M 83 6.87 16.59 50.58
N TYR M 84 5.95 15.87 49.92
CA TYR M 84 4.63 15.66 50.49
C TYR M 84 4.71 14.83 51.76
N ILE M 85 5.49 13.74 51.74
CA ILE M 85 5.52 12.84 52.88
C ILE M 85 6.21 13.50 54.06
N LEU M 86 5.78 13.12 55.26
CA LEU M 86 6.29 13.70 56.50
C LEU M 86 7.63 13.11 56.90
N ASN M 87 7.95 11.94 56.38
CA ASN M 87 9.15 11.22 56.76
C ASN M 87 10.40 12.00 56.35
N PRO M 88 11.43 12.07 57.19
CA PRO M 88 12.73 12.55 56.71
C PRO M 88 13.33 11.51 55.76
N ILE M 89 13.82 11.98 54.63
CA ILE M 89 14.33 11.10 53.58
C ILE M 89 15.84 11.31 53.49
N CYS M 90 16.60 10.29 53.89
CA CYS M 90 18.03 10.26 53.63
C CYS M 90 18.26 9.85 52.18
N THR M 91 19.04 10.64 51.46
CA THR M 91 19.35 10.37 50.06
C THR M 91 20.84 10.04 49.94
N TRP M 92 21.14 8.90 49.32
CA TRP M 92 22.49 8.40 49.18
C TRP M 92 22.82 8.29 47.70
N CYS M 93 23.89 8.94 47.28
CA CYS M 93 24.35 8.91 45.89
C CYS M 93 25.50 7.91 45.78
N VAL M 94 25.31 6.88 44.95
CA VAL M 94 26.36 5.92 44.63
C VAL M 94 26.47 5.84 43.13
N GLY M 95 27.71 5.75 42.63
CA GLY M 95 27.94 5.72 41.20
C GLY M 95 27.87 7.09 40.55
N GLN M 96 26.65 7.57 40.29
CA GLN M 96 26.45 8.90 39.73
C GLN M 96 25.02 9.34 39.98
N ALA M 97 24.81 10.65 39.89
CA ALA M 97 23.47 11.25 40.02
C ALA M 97 23.44 12.45 39.07
N ALA M 98 22.95 12.21 37.86
CA ALA M 98 22.97 13.22 36.79
C ALA M 98 21.55 13.66 36.45
N SER M 99 21.41 14.94 36.11
N SER M 99 21.41 14.94 36.13
CA SER M 99 20.14 15.53 35.68
CA SER M 99 20.14 15.54 35.70
C SER M 99 19.12 15.33 36.79
C SER M 99 19.11 15.33 36.79
N MET M 100 18.00 14.63 36.54
CA MET M 100 16.98 14.46 37.57
C MET M 100 17.47 13.62 38.74
N GLY M 101 18.52 12.81 38.55
CA GLY M 101 19.13 12.14 39.68
C GLY M 101 19.71 13.11 40.69
N SER M 102 20.35 14.18 40.20
CA SER M 102 20.91 15.18 41.09
C SER M 102 19.82 15.90 41.87
N LEU M 103 18.69 16.16 41.23
CA LEU M 103 17.59 16.85 41.91
C LEU M 103 17.03 16.00 43.04
N LEU M 104 16.82 14.71 42.80
CA LEU M 104 16.28 13.84 43.83
C LEU M 104 17.26 13.70 45.01
N LEU M 105 18.56 13.70 44.73
CA LEU M 105 19.55 13.69 45.79
C LEU M 105 19.44 14.94 46.65
N ALA M 106 19.56 16.12 46.04
CA ALA M 106 19.52 17.37 46.78
C ALA M 106 18.17 17.60 47.45
N ALA M 107 17.12 16.91 47.01
CA ALA M 107 15.79 17.10 47.57
C ALA M 107 15.61 16.42 48.92
N GLY M 108 16.60 15.67 49.38
CA GLY M 108 16.50 15.04 50.69
C GLY M 108 16.39 16.08 51.79
N THR M 109 15.80 15.68 52.91
CA THR M 109 15.67 16.57 54.05
C THR M 109 17.06 17.06 54.48
N PRO M 110 17.18 18.32 54.91
CA PRO M 110 18.52 18.91 55.10
C PRO M 110 19.34 18.14 56.11
N GLY M 111 20.67 18.23 55.95
CA GLY M 111 21.61 17.51 56.77
C GLY M 111 21.67 16.02 56.51
N MET M 112 20.83 15.48 55.64
CA MET M 112 20.71 14.05 55.43
C MET M 112 20.89 13.68 53.96
N ARG M 113 21.82 14.34 53.28
CA ARG M 113 22.16 14.04 51.90
C ARG M 113 23.61 13.59 51.85
N HIS M 114 23.83 12.34 51.46
CA HIS M 114 25.15 11.74 51.52
C HIS M 114 25.60 11.23 50.15
N SER M 115 26.90 10.98 50.05
CA SER M 115 27.51 10.42 48.85
C SER M 115 28.76 9.66 49.27
N LEU M 116 29.18 8.73 48.43
CA LEU M 116 30.40 7.98 48.66
C LEU M 116 31.53 8.52 47.80
N PRO M 117 32.79 8.23 48.16
CA PRO M 117 33.94 9.02 47.62
C PRO M 117 33.96 9.24 46.14
N ASN M 118 33.52 8.26 45.37
CA ASN M 118 33.72 8.16 43.93
C ASN M 118 32.44 8.38 43.11
N SER M 119 31.41 8.91 43.77
CA SER M 119 30.22 9.33 43.07
C SER M 119 30.51 10.57 42.22
N ARG M 120 29.69 10.76 41.19
CA ARG M 120 29.78 11.92 40.32
C ARG M 120 28.40 12.54 40.19
N ILE M 121 28.31 13.84 40.46
CA ILE M 121 27.05 14.57 40.42
C ILE M 121 27.07 15.52 39.22
N MET M 122 25.89 15.74 38.63
CA MET M 122 25.76 16.65 37.51
C MET M 122 24.35 17.23 37.51
N ILE M 123 24.24 18.56 37.64
CA ILE M 123 22.95 19.24 37.58
C ILE M 123 22.62 19.77 36.20
N HIS M 124 23.56 19.72 35.26
CA HIS M 124 23.29 20.17 33.91
C HIS M 124 22.39 19.17 33.19
N GLN M 125 21.34 19.67 32.54
CA GLN M 125 20.45 18.73 31.87
C GLN M 125 20.94 18.42 30.46
N PRO M 126 20.74 17.17 29.99
CA PRO M 126 21.28 16.69 28.70
C PRO M 126 20.73 17.46 27.50
N ALA M 138 7.27 15.12 22.71
CA ALA M 138 7.54 16.32 21.91
C ALA M 138 6.65 17.46 22.38
N ILE M 139 7.30 18.56 22.77
CA ILE M 139 6.65 19.66 23.47
C ILE M 139 7.15 20.98 22.90
N GLN M 140 6.32 22.01 23.03
CA GLN M 140 6.66 23.32 22.49
C GLN M 140 7.86 23.92 23.22
N ALA M 141 8.42 24.99 22.63
CA ALA M 141 9.56 25.66 23.25
C ALA M 141 9.17 26.33 24.56
N GLU M 142 7.97 26.93 24.61
CA GLU M 142 7.52 27.57 25.85
C GLU M 142 7.41 26.56 26.99
N GLU M 143 7.18 25.30 26.67
CA GLU M 143 6.98 24.29 27.71
C GLU M 143 8.30 23.73 28.22
N ILE M 144 9.27 23.52 27.33
CA ILE M 144 10.58 23.05 27.78
C ILE M 144 11.25 24.10 28.65
N MET M 145 10.99 25.38 28.40
CA MET M 145 11.55 26.44 29.22
C MET M 145 10.81 26.59 30.53
N LYS M 146 9.50 26.36 30.55
CA LYS M 146 8.75 26.40 31.81
C LYS M 146 9.25 25.33 32.77
N LEU M 147 9.69 24.18 32.25
CA LEU M 147 10.25 23.15 33.11
C LEU M 147 11.65 23.53 33.58
N LYS M 148 12.45 24.12 32.69
CA LYS M 148 13.82 24.50 33.07
C LYS M 148 13.81 25.60 34.12
N LYS M 149 12.84 26.53 34.04
CA LYS M 149 12.64 27.46 35.15
C LYS M 149 12.37 26.70 36.45
N GLN M 150 11.46 25.72 36.40
CA GLN M 150 11.11 24.94 37.58
C GLN M 150 12.32 24.24 38.18
N LEU M 151 13.24 23.80 37.34
CA LEU M 151 14.45 23.17 37.86
C LEU M 151 15.34 24.21 38.51
N TYR M 152 15.46 25.39 37.88
CA TYR M 152 16.15 26.52 38.49
C TYR M 152 15.62 26.78 39.90
N ASN M 153 14.30 26.72 40.07
CA ASN M 153 13.68 27.13 41.34
C ASN M 153 13.74 26.03 42.39
N ILE M 154 13.70 24.76 41.99
CA ILE M 154 13.80 23.68 42.97
C ILE M 154 15.20 23.61 43.54
N TYR M 155 16.21 23.58 42.66
CA TYR M 155 17.59 23.56 43.10
C TYR M 155 17.93 24.75 43.99
N ALA M 156 17.32 25.91 43.72
CA ALA M 156 17.66 27.11 44.46
C ALA M 156 17.32 26.99 45.93
N LYS M 157 16.20 26.34 46.25
CA LYS M 157 15.75 26.27 47.63
C LYS M 157 16.47 25.20 48.43
N HIS M 158 16.95 24.14 47.78
CA HIS M 158 17.64 23.06 48.48
C HIS M 158 19.14 23.23 48.51
N THR M 159 19.71 24.02 47.60
CA THR M 159 21.11 24.44 47.68
C THR M 159 21.29 25.79 48.37
N LYS M 160 20.20 26.54 48.52
CA LYS M 160 20.29 27.88 49.11
C LYS M 160 21.02 28.81 48.16
N GLN M 161 21.36 28.38 46.95
CA GLN M 161 22.12 29.25 46.10
C GLN M 161 21.17 30.21 45.44
N SER M 162 21.57 30.71 44.28
CA SER M 162 20.79 31.74 43.63
C SER M 162 20.39 31.39 42.25
N LEU M 163 19.25 31.93 41.84
CA LEU M 163 18.79 31.57 40.54
C LEU M 163 19.86 31.86 39.52
N GLN M 164 20.77 32.75 39.84
CA GLN M 164 21.83 33.07 38.92
C GLN M 164 22.82 31.95 38.95
N VAL M 165 23.46 31.74 40.08
CA VAL M 165 24.45 30.73 40.09
C VAL M 165 23.81 29.46 39.57
N ILE M 166 22.57 29.19 39.97
CA ILE M 166 21.95 27.94 39.57
C ILE M 166 21.97 27.77 38.09
N GLU M 167 21.50 28.76 37.36
CA GLU M 167 21.45 28.70 35.93
C GLU M 167 22.82 28.58 35.36
N SER M 168 23.71 29.38 35.90
CA SER M 168 25.05 29.38 35.39
C SER M 168 25.57 27.98 35.43
N ALA M 169 25.32 27.30 36.53
CA ALA M 169 25.82 25.96 36.71
C ALA M 169 25.15 24.94 35.84
N MET M 170 23.83 24.97 35.83
CA MET M 170 23.08 23.99 35.08
C MET M 170 23.55 24.11 33.68
N GLU M 171 24.19 25.22 33.37
CA GLU M 171 24.73 25.26 32.05
C GLU M 171 26.16 24.84 31.94
N ARG M 172 26.79 24.57 33.09
CA ARG M 172 28.22 24.41 32.91
C ARG M 172 28.55 23.15 32.10
N ASP M 173 27.58 22.24 31.98
CA ASP M 173 27.79 21.02 31.21
C ASP M 173 28.98 20.21 31.72
N ARG M 174 28.86 19.66 32.92
CA ARG M 174 29.93 18.85 33.51
C ARG M 174 29.47 18.18 34.79
N TYR M 175 30.22 17.17 35.24
CA TYR M 175 29.87 16.47 36.48
C TYR M 175 30.50 17.15 37.68
N MET M 176 30.51 16.47 38.82
CA MET M 176 31.04 17.08 40.04
C MET M 176 31.47 16.06 41.08
N SER M 177 32.49 16.41 41.86
CA SER M 177 32.96 15.51 42.92
C SER M 177 32.02 15.56 44.12
N PRO M 178 32.04 14.51 44.96
CA PRO M 178 31.21 14.58 46.16
C PRO M 178 31.61 15.70 47.10
N MET M 179 32.90 16.05 47.15
CA MET M 179 33.33 17.16 47.98
C MET M 179 32.91 18.50 47.39
N GLU M 180 33.05 18.66 46.07
CA GLU M 180 32.66 19.91 45.43
C GLU M 180 31.15 20.10 45.46
N ALA M 181 30.39 19.02 45.25
CA ALA M 181 28.93 19.10 45.35
C ALA M 181 28.50 19.48 46.77
N GLN M 182 29.29 19.10 47.77
CA GLN M 182 28.96 19.42 49.15
C GLN M 182 28.96 20.92 49.39
N GLU M 183 30.02 21.60 48.93
CA GLU M 183 30.10 23.05 49.09
C GLU M 183 28.99 23.76 48.31
N PHE M 184 28.60 23.20 47.15
CA PHE M 184 27.55 23.82 46.35
C PHE M 184 26.22 23.82 47.12
N GLY M 185 25.96 22.78 47.89
CA GLY M 185 24.71 22.65 48.61
C GLY M 185 23.80 21.54 48.13
N ILE M 186 24.27 20.68 47.22
CA ILE M 186 23.47 19.56 46.75
C ILE M 186 23.37 18.50 47.83
N LEU M 187 24.51 18.06 48.35
CA LEU M 187 24.59 17.06 49.39
C LEU M 187 25.23 17.70 50.62
N ASP M 188 25.25 16.93 51.68
CA ASP M 188 25.71 17.46 52.92
C ASP M 188 26.88 16.65 53.43
N LYS M 189 27.09 15.47 52.86
CA LYS M 189 28.15 14.63 53.36
C LYS M 189 28.68 13.56 52.44
N VAL M 190 29.96 13.56 52.18
CA VAL M 190 30.57 12.50 51.41
C VAL M 190 31.20 11.53 52.40
N LEU M 191 30.92 10.24 52.28
CA LEU M 191 31.37 9.27 53.28
C LEU M 191 32.03 8.04 52.75
N VAL M 192 32.89 7.47 53.56
CA VAL M 192 33.63 6.30 53.14
C VAL M 192 33.28 5.18 54.08
N HIS M 193 33.53 5.33 55.37
CA HIS M 193 33.11 4.21 56.20
C HIS M 193 32.02 4.67 57.17
N PRO M 194 31.24 3.73 57.74
CA PRO M 194 30.23 4.15 58.71
C PRO M 194 30.83 4.53 60.06
N LEU N 4 27.19 14.72 -4.54
CA LEU N 4 27.64 14.42 -5.89
C LEU N 4 29.11 14.81 -6.07
N ILE N 5 29.73 14.27 -7.12
CA ILE N 5 31.15 14.49 -7.41
C ILE N 5 31.24 15.63 -8.42
N PRO N 6 31.89 16.75 -8.08
CA PRO N 6 31.94 17.88 -9.01
C PRO N 6 32.82 17.58 -10.21
N ILE N 7 32.59 18.35 -11.27
CA ILE N 7 33.40 18.27 -12.47
C ILE N 7 34.26 19.53 -12.51
N VAL N 8 35.37 19.44 -13.24
CA VAL N 8 36.26 20.58 -13.41
C VAL N 8 36.59 20.76 -14.88
N VAL N 9 37.24 21.87 -15.19
CA VAL N 9 37.73 22.20 -16.53
C VAL N 9 38.38 20.99 -17.23
N TYR N 19 36.70 14.61 -16.55
CA TYR N 19 36.60 15.98 -16.07
C TYR N 19 36.17 16.02 -14.59
N ASP N 20 35.78 14.88 -14.03
CA ASP N 20 35.42 14.87 -12.62
C ASP N 20 36.68 15.04 -11.77
N ILE N 21 36.47 15.33 -10.49
CA ILE N 21 37.56 15.89 -9.69
C ILE N 21 38.56 14.82 -9.27
N TYR N 22 38.11 13.61 -8.96
CA TYR N 22 39.05 12.58 -8.53
C TYR N 22 39.89 12.07 -9.69
N SER N 23 39.32 12.03 -10.90
CA SER N 23 40.11 11.67 -12.06
C SER N 23 41.13 12.75 -12.41
N ARG N 24 40.78 14.02 -12.18
CA ARG N 24 41.73 15.10 -12.43
C ARG N 24 42.94 14.99 -11.53
N LEU N 25 42.74 14.57 -10.28
CA LEU N 25 43.87 14.32 -9.39
C LEU N 25 44.75 13.20 -9.93
N LEU N 26 44.13 12.19 -10.55
CA LEU N 26 44.91 11.12 -11.17
C LEU N 26 45.74 11.64 -12.34
N ARG N 27 45.27 12.69 -13.03
CA ARG N 27 46.04 13.27 -14.12
C ARG N 27 47.32 13.92 -13.60
N GLU N 28 47.30 14.47 -12.40
CA GLU N 28 48.48 15.04 -11.76
C GLU N 28 49.32 13.99 -11.03
N ARG N 29 49.02 12.71 -11.24
CA ARG N 29 49.72 11.60 -10.58
C ARG N 29 49.47 11.61 -9.08
N ILE N 30 48.20 11.70 -8.68
CA ILE N 30 47.79 11.71 -7.28
C ILE N 30 46.74 10.62 -7.09
N VAL N 31 47.10 9.59 -6.32
CA VAL N 31 46.19 8.49 -6.00
C VAL N 31 45.68 8.67 -4.58
N CYS N 32 44.38 8.42 -4.40
CA CYS N 32 43.66 8.80 -3.19
C CYS N 32 43.30 7.56 -2.39
N VAL N 33 43.83 7.47 -1.17
CA VAL N 33 43.50 6.39 -0.25
C VAL N 33 42.95 6.98 1.04
N MET N 34 41.71 7.46 0.99
CA MET N 34 41.05 8.06 2.15
C MET N 34 39.77 7.28 2.45
N GLY N 35 39.72 6.69 3.64
CA GLY N 35 38.67 5.78 4.00
C GLY N 35 39.23 4.41 4.31
N PRO N 36 38.41 3.54 4.89
CA PRO N 36 38.90 2.20 5.26
C PRO N 36 39.40 1.43 4.05
N ILE N 37 40.35 0.54 4.30
CA ILE N 37 41.00 -0.25 3.25
C ILE N 37 40.37 -1.64 3.24
N ASP N 38 39.76 -2.01 2.11
CA ASP N 38 39.35 -3.39 1.91
C ASP N 38 39.86 -3.89 0.57
N ASP N 39 39.34 -5.03 0.10
CA ASP N 39 39.89 -5.63 -1.11
C ASP N 39 39.60 -4.79 -2.35
N SER N 40 38.44 -4.11 -2.39
CA SER N 40 38.13 -3.29 -3.54
C SER N 40 38.93 -1.99 -3.54
N VAL N 41 39.08 -1.37 -2.37
CA VAL N 41 39.96 -0.20 -2.26
C VAL N 41 41.36 -0.55 -2.73
N ALA N 42 41.85 -1.73 -2.36
CA ALA N 42 43.18 -2.16 -2.78
C ALA N 42 43.28 -2.25 -4.30
N SER N 43 42.34 -2.98 -4.92
CA SER N 43 42.34 -3.11 -6.38
C SER N 43 42.31 -1.76 -7.07
N LEU N 44 41.62 -0.79 -6.48
CA LEU N 44 41.49 0.52 -7.11
C LEU N 44 42.78 1.32 -6.98
N VAL N 45 43.44 1.26 -5.82
CA VAL N 45 44.73 1.92 -5.67
C VAL N 45 45.79 1.22 -6.51
N ILE N 46 45.77 -0.11 -6.53
CA ILE N 46 46.77 -0.85 -7.29
C ILE N 46 46.65 -0.56 -8.78
N ALA N 47 45.42 -0.52 -9.29
CA ALA N 47 45.22 -0.22 -10.71
C ALA N 47 45.69 1.19 -11.04
N GLN N 48 45.40 2.15 -10.16
CA GLN N 48 45.89 3.51 -10.36
C GLN N 48 47.41 3.56 -10.32
N LEU N 49 48.01 2.86 -9.36
CA LEU N 49 49.47 2.87 -9.23
C LEU N 49 50.14 2.25 -10.45
N LEU N 50 49.61 1.11 -10.92
CA LEU N 50 50.19 0.48 -12.11
C LEU N 50 50.02 1.34 -13.35
N PHE N 51 48.89 2.06 -13.44
CA PHE N 51 48.65 2.89 -14.62
C PHE N 51 49.51 4.15 -14.61
N LEU N 52 49.84 4.67 -13.43
CA LEU N 52 50.70 5.85 -13.39
C LEU N 52 52.10 5.53 -13.88
N GLN N 53 52.64 4.37 -13.46
CA GLN N 53 53.91 3.91 -14.03
C GLN N 53 53.82 3.73 -15.53
N SER N 54 52.62 3.43 -16.05
CA SER N 54 52.45 3.28 -17.50
C SER N 54 52.83 4.56 -18.22
N GLU N 55 52.72 5.71 -17.56
CA GLU N 55 53.09 6.98 -18.14
C GLU N 55 54.30 7.57 -17.42
N ASN N 57 57.98 6.20 -16.37
CA ASN N 57 57.98 5.42 -15.14
C ASN N 57 58.91 6.01 -14.07
N LYS N 58 59.37 7.25 -14.29
CA LYS N 58 60.25 7.90 -13.32
C LYS N 58 59.73 9.23 -12.80
N LYS N 59 58.63 9.76 -13.31
CA LYS N 59 57.92 10.81 -12.60
C LYS N 59 57.42 10.28 -11.25
N PRO N 60 57.51 11.07 -10.20
CA PRO N 60 56.99 10.63 -8.90
C PRO N 60 55.48 10.44 -8.93
N ILE N 61 55.01 9.54 -8.07
CA ILE N 61 53.59 9.29 -7.85
C ILE N 61 53.25 9.80 -6.46
N HIS N 62 52.06 10.38 -6.31
CA HIS N 62 51.64 10.97 -5.04
C HIS N 62 50.46 10.18 -4.46
N MET N 63 50.54 9.86 -3.18
CA MET N 63 49.45 9.23 -2.43
C MET N 63 49.04 10.08 -1.23
N TYR N 64 47.76 10.36 -1.16
CA TYR N 64 47.13 11.06 -0.05
C TYR N 64 46.50 10.04 0.88
N ILE N 65 46.82 10.13 2.17
CA ILE N 65 46.40 9.16 3.16
C ILE N 65 45.59 9.86 4.24
N ASN N 66 44.30 9.51 4.33
CA ASN N 66 43.45 9.82 5.47
C ASN N 66 42.63 8.55 5.72
N SER N 67 43.26 7.58 6.38
CA SER N 67 42.64 6.27 6.57
C SER N 67 42.73 5.85 8.03
N PRO N 68 41.68 5.22 8.55
CA PRO N 68 41.74 4.66 9.91
C PRO N 68 42.24 3.22 9.98
N GLY N 69 42.40 2.53 8.86
CA GLY N 69 42.89 1.16 8.88
C GLY N 69 42.24 0.27 7.84
N GLY N 70 42.10 -1.02 8.13
CA GLY N 70 41.40 -1.92 7.26
C GLY N 70 42.01 -3.31 7.29
N VAL N 71 41.65 -4.09 6.26
CA VAL N 71 42.12 -5.47 6.17
C VAL N 71 43.64 -5.50 5.99
N VAL N 72 44.30 -6.40 6.70
CA VAL N 72 45.75 -6.46 6.67
C VAL N 72 46.24 -6.91 5.30
N THR N 73 45.64 -7.97 4.76
CA THR N 73 46.04 -8.45 3.44
C THR N 73 45.75 -7.44 2.34
N ALA N 74 44.80 -6.51 2.56
CA ALA N 74 44.52 -5.49 1.56
C ALA N 74 45.60 -4.42 1.55
N GLY N 75 46.00 -3.92 2.72
CA GLY N 75 47.05 -2.94 2.77
C GLY N 75 48.40 -3.50 2.36
N LEU N 76 48.68 -4.76 2.73
CA LEU N 76 49.88 -5.42 2.23
C LEU N 76 49.84 -5.53 0.71
N ALA N 77 48.65 -5.77 0.15
CA ALA N 77 48.51 -5.78 -1.30
C ALA N 77 48.89 -4.43 -1.89
N ILE N 78 48.47 -3.34 -1.25
CA ILE N 78 48.86 -2.02 -1.72
C ILE N 78 50.34 -1.78 -1.44
N TYR N 79 50.82 -2.24 -0.27
CA TYR N 79 52.22 -2.05 0.07
C TYR N 79 53.14 -2.76 -0.93
N ASP N 80 52.79 -3.99 -1.31
CA ASP N 80 53.61 -4.72 -2.28
C ASP N 80 53.66 -4.01 -3.62
N THR N 81 52.56 -3.35 -4.01
CA THR N 81 52.53 -2.65 -5.30
C THR N 81 53.37 -1.39 -5.25
N MET N 82 53.39 -0.69 -4.11
CA MET N 82 54.26 0.47 -3.97
C MET N 82 55.72 0.09 -4.16
N GLN N 83 56.18 -0.94 -3.46
CA GLN N 83 57.58 -1.36 -3.56
C GLN N 83 57.89 -1.91 -4.95
N TYR N 84 56.90 -2.49 -5.63
CA TYR N 84 57.15 -3.07 -6.94
C TYR N 84 57.48 -2.01 -7.97
N ILE N 85 56.93 -0.81 -7.85
CA ILE N 85 56.94 0.12 -8.98
C ILE N 85 58.18 1.01 -8.93
N LEU N 86 58.68 1.33 -10.11
CA LEU N 86 59.88 2.13 -10.21
C LEU N 86 59.67 3.56 -9.77
N ASN N 87 58.52 4.14 -10.10
CA ASN N 87 58.35 5.55 -9.74
C ASN N 87 58.56 5.74 -8.25
N PRO N 88 59.20 6.84 -7.84
CA PRO N 88 59.18 7.20 -6.42
C PRO N 88 57.78 7.63 -6.01
N ILE N 89 57.37 7.20 -4.83
CA ILE N 89 56.02 7.46 -4.33
C ILE N 89 56.13 8.40 -3.13
N CYS N 90 55.43 9.53 -3.22
CA CYS N 90 55.37 10.50 -2.13
C CYS N 90 54.08 10.25 -1.36
N THR N 91 54.21 9.75 -0.13
CA THR N 91 53.06 9.59 0.74
C THR N 91 52.80 10.89 1.49
N TRP N 92 51.54 11.31 1.52
CA TRP N 92 51.13 12.51 2.23
C TRP N 92 50.02 12.14 3.18
N CYS N 93 50.27 12.30 4.48
CA CYS N 93 49.26 12.00 5.49
C CYS N 93 48.46 13.25 5.81
N VAL N 94 47.14 13.07 5.91
CA VAL N 94 46.19 14.14 6.14
C VAL N 94 45.07 13.60 7.01
N GLY N 95 44.65 14.38 7.99
CA GLY N 95 43.65 13.91 8.93
C GLY N 95 44.20 12.90 9.91
N GLN N 96 44.37 11.66 9.47
CA GLN N 96 44.95 10.63 10.31
C GLN N 96 45.42 9.46 9.43
N ALA N 97 46.14 8.54 10.06
CA ALA N 97 46.60 7.32 9.39
C ALA N 97 46.87 6.29 10.47
N ALA N 98 45.90 5.41 10.72
CA ALA N 98 45.99 4.41 11.77
C ALA N 98 46.04 3.02 11.18
N SER N 99 46.65 2.10 11.93
CA SER N 99 46.78 0.69 11.56
C SER N 99 47.52 0.64 10.22
N MET N 100 46.97 -0.01 9.18
CA MET N 100 47.70 -0.10 7.93
C MET N 100 47.96 1.27 7.33
N GLY N 101 47.01 2.19 7.46
CA GLY N 101 47.20 3.56 7.01
C GLY N 101 48.57 4.12 7.29
N SER N 102 49.04 3.96 8.53
CA SER N 102 50.38 4.43 8.90
C SER N 102 51.47 3.57 8.26
N LEU N 103 51.20 2.29 8.02
CA LEU N 103 52.17 1.45 7.33
C LEU N 103 52.37 1.91 5.90
N LEU N 104 51.28 2.23 5.21
CA LEU N 104 51.37 2.61 3.81
C LEU N 104 52.00 4.00 3.70
N LEU N 105 51.73 4.86 4.68
CA LEU N 105 52.45 6.13 4.82
C LEU N 105 53.95 5.91 4.90
N ALA N 106 54.39 5.01 5.78
CA ALA N 106 55.81 4.80 6.03
C ALA N 106 56.52 4.07 4.90
N ALA N 107 55.77 3.46 3.97
CA ALA N 107 56.36 2.76 2.84
C ALA N 107 56.75 3.69 1.71
N GLY N 108 56.44 4.97 1.83
CA GLY N 108 56.84 5.93 0.82
C GLY N 108 58.34 5.97 0.61
N THR N 109 58.73 6.68 -0.43
CA THR N 109 60.12 6.68 -0.83
C THR N 109 60.94 7.49 0.17
N PRO N 110 62.09 6.98 0.62
CA PRO N 110 62.83 7.68 1.67
C PRO N 110 63.10 9.13 1.32
N GLY N 111 62.75 10.03 2.26
CA GLY N 111 62.88 11.46 2.05
C GLY N 111 61.66 12.13 1.47
N MET N 112 60.67 11.37 1.03
CA MET N 112 59.51 11.91 0.34
C MET N 112 58.22 11.48 1.04
N ARG N 113 58.18 11.63 2.36
CA ARG N 113 57.21 10.95 3.20
C ARG N 113 56.68 11.98 4.19
N HIS N 114 55.58 12.64 3.81
CA HIS N 114 55.15 13.89 4.43
C HIS N 114 53.87 13.71 5.27
N SER N 115 53.56 14.75 6.04
CA SER N 115 52.34 14.82 6.84
C SER N 115 52.04 16.27 7.18
N LEU N 116 50.77 16.51 7.54
CA LEU N 116 50.25 17.83 7.86
C LEU N 116 50.33 18.09 9.37
N PRO N 117 50.37 19.37 9.77
CA PRO N 117 50.67 19.69 11.18
C PRO N 117 49.81 18.99 12.21
N ASN N 118 48.49 18.90 11.98
CA ASN N 118 47.56 18.43 13.01
C ASN N 118 47.08 17.00 12.76
N SER N 119 47.80 16.23 11.97
CA SER N 119 47.40 14.86 11.68
C SER N 119 47.56 13.97 12.92
N ARG N 120 47.12 12.72 12.77
CA ARG N 120 47.15 11.72 13.83
C ARG N 120 47.70 10.43 13.25
N ILE N 121 48.75 9.87 13.88
CA ILE N 121 49.39 8.65 13.40
C ILE N 121 49.28 7.59 14.48
N MET N 122 48.84 6.39 14.09
CA MET N 122 48.80 5.20 14.94
C MET N 122 49.33 4.00 14.18
N ILE N 123 50.21 3.23 14.81
CA ILE N 123 50.59 1.92 14.29
C ILE N 123 50.03 0.77 15.12
N HIS N 124 49.41 1.04 16.26
CA HIS N 124 48.75 0.00 17.04
C HIS N 124 47.56 -0.57 16.26
N GLN N 125 47.42 -1.89 16.30
CA GLN N 125 46.38 -2.58 15.54
C GLN N 125 45.12 -2.73 16.37
N PRO N 126 43.95 -2.88 15.72
CA PRO N 126 42.70 -3.09 16.46
C PRO N 126 42.39 -4.57 16.64
N ILE N 137 37.26 -13.68 6.23
CA ILE N 137 36.81 -14.74 7.11
C ILE N 137 37.72 -14.83 8.33
N ALA N 138 37.28 -15.54 9.35
CA ALA N 138 38.11 -15.74 10.54
C ALA N 138 39.25 -16.72 10.24
N ILE N 139 40.37 -16.51 10.91
CA ILE N 139 41.58 -17.27 10.66
C ILE N 139 42.01 -17.92 11.97
N GLN N 140 43.02 -18.78 11.89
CA GLN N 140 43.46 -19.55 13.04
C GLN N 140 44.45 -18.77 13.90
N ALA N 141 44.82 -19.40 15.01
CA ALA N 141 45.68 -18.74 16.00
C ALA N 141 47.06 -18.45 15.44
N GLU N 142 47.72 -19.48 14.92
CA GLU N 142 49.08 -19.33 14.44
C GLU N 142 49.19 -18.24 13.37
N GLU N 143 48.18 -18.13 12.52
CA GLU N 143 48.32 -17.38 11.27
C GLU N 143 48.15 -15.87 11.45
N ILE N 144 47.38 -15.42 12.44
CA ILE N 144 47.32 -13.98 12.67
C ILE N 144 48.66 -13.48 13.22
N MET N 145 49.33 -14.30 14.03
CA MET N 145 50.67 -13.94 14.49
C MET N 145 51.67 -13.96 13.35
N LYS N 146 51.47 -14.83 12.34
CA LYS N 146 52.33 -14.82 11.17
C LYS N 146 52.16 -13.54 10.37
N LEU N 147 50.98 -12.93 10.42
CA LEU N 147 50.80 -11.60 9.83
C LEU N 147 51.37 -10.52 10.75
N LYS N 148 51.15 -10.67 12.06
CA LYS N 148 51.70 -9.71 13.02
C LYS N 148 53.22 -9.62 12.89
N LYS N 149 53.89 -10.77 12.80
CA LYS N 149 55.31 -10.81 12.50
C LYS N 149 55.64 -10.01 11.24
N GLN N 150 54.88 -10.24 10.18
CA GLN N 150 55.16 -9.59 8.90
C GLN N 150 55.11 -8.07 9.02
N LEU N 151 54.11 -7.55 9.74
CA LEU N 151 54.04 -6.11 9.94
C LEU N 151 55.20 -5.61 10.80
N TYR N 152 55.63 -6.41 11.78
CA TYR N 152 56.78 -6.04 12.60
C TYR N 152 58.01 -5.83 11.74
N ASN N 153 58.29 -6.77 10.83
CA ASN N 153 59.47 -6.65 9.98
C ASN N 153 59.31 -5.54 8.95
N ILE N 154 58.09 -5.36 8.44
CA ILE N 154 57.86 -4.35 7.41
C ILE N 154 58.11 -2.95 7.96
N TYR N 155 57.59 -2.67 9.15
CA TYR N 155 57.86 -1.39 9.79
C TYR N 155 59.36 -1.21 9.99
N ALA N 156 60.02 -2.20 10.59
CA ALA N 156 61.46 -2.12 10.88
C ALA N 156 62.28 -1.73 9.66
N LYS N 157 61.86 -2.17 8.47
CA LYS N 157 62.61 -1.83 7.26
C LYS N 157 62.56 -0.34 6.98
N HIS N 158 61.37 0.25 6.98
CA HIS N 158 61.21 1.65 6.62
C HIS N 158 61.40 2.61 7.80
N THR N 159 61.00 2.20 9.01
CA THR N 159 61.20 3.06 10.17
C THR N 159 62.62 2.95 10.72
N LYS N 160 63.37 1.95 10.27
CA LYS N 160 64.77 1.78 10.67
C LYS N 160 64.90 1.68 12.19
N GLN N 161 64.09 0.84 12.79
CA GLN N 161 64.05 0.65 14.24
C GLN N 161 64.14 -0.84 14.53
N SER N 162 64.67 -1.18 15.70
CA SER N 162 64.82 -2.58 16.07
C SER N 162 63.47 -3.27 16.10
N LEU N 163 63.48 -4.57 15.74
CA LEU N 163 62.25 -5.36 15.83
C LEU N 163 61.66 -5.32 17.23
N GLN N 164 62.49 -5.08 18.25
CA GLN N 164 62.02 -5.07 19.62
C GLN N 164 61.20 -3.82 19.94
N VAL N 165 61.57 -2.67 19.36
CA VAL N 165 60.81 -1.45 19.62
C VAL N 165 59.70 -1.25 18.59
N ILE N 166 59.64 -2.08 17.55
CA ILE N 166 58.46 -2.13 16.68
C ILE N 166 57.30 -2.62 17.53
N GLU N 167 57.39 -3.86 18.00
CA GLU N 167 56.30 -4.46 18.76
C GLU N 167 56.13 -3.83 20.14
N SER N 168 57.14 -3.13 20.64
CA SER N 168 56.98 -2.39 21.89
C SER N 168 55.90 -1.33 21.74
N ALA N 169 56.05 -0.46 20.74
CA ALA N 169 55.10 0.63 20.52
C ALA N 169 53.79 0.14 19.92
N MET N 170 53.84 -0.75 18.92
CA MET N 170 52.59 -1.29 18.37
C MET N 170 51.74 -1.96 19.43
N GLU N 171 52.31 -2.28 20.57
CA GLU N 171 51.48 -2.77 21.66
C GLU N 171 50.71 -1.64 22.34
N ARG N 172 51.28 -0.43 22.35
CA ARG N 172 50.67 0.70 23.04
C ARG N 172 49.55 1.31 22.21
N ASP N 173 48.38 1.47 22.82
CA ASP N 173 47.22 2.07 22.17
C ASP N 173 47.31 3.58 22.29
N ARG N 174 47.97 4.20 21.32
CA ARG N 174 48.15 5.65 21.35
C ARG N 174 48.33 6.16 19.94
N TYR N 175 48.05 7.46 19.76
CA TYR N 175 48.38 8.17 18.55
C TYR N 175 49.63 9.02 18.78
N MET N 176 50.31 9.34 17.69
CA MET N 176 51.51 10.15 17.74
C MET N 176 51.32 11.42 16.91
N SER N 177 51.93 12.50 17.38
CA SER N 177 51.95 13.73 16.61
C SER N 177 52.78 13.53 15.34
N PRO N 178 52.57 14.37 14.33
CA PRO N 178 53.45 14.31 13.16
C PRO N 178 54.91 14.56 13.49
N MET N 179 55.21 15.15 14.65
CA MET N 179 56.58 15.45 15.01
C MET N 179 57.32 14.19 15.49
N GLU N 180 56.67 13.33 16.25
CA GLU N 180 57.33 12.10 16.68
C GLU N 180 57.21 10.97 15.67
N ALA N 181 56.36 11.11 14.65
CA ALA N 181 56.36 10.13 13.58
C ALA N 181 57.61 10.24 12.71
N GLN N 182 58.31 11.36 12.76
CA GLN N 182 59.61 11.46 12.11
C GLN N 182 60.75 11.12 13.07
N GLU N 183 60.62 11.52 14.34
CA GLU N 183 61.32 10.87 15.44
C GLU N 183 61.36 9.36 15.26
N PHE N 184 60.16 8.76 15.15
CA PHE N 184 60.06 7.32 15.06
C PHE N 184 60.61 6.79 13.74
N GLY N 185 60.47 7.56 12.67
CA GLY N 185 60.85 7.12 11.35
C GLY N 185 59.70 6.75 10.43
N ILE N 186 58.49 7.22 10.70
CA ILE N 186 57.33 6.86 9.91
C ILE N 186 57.06 7.87 8.79
N LEU N 187 57.47 9.11 8.98
CA LEU N 187 57.36 10.14 7.96
C LEU N 187 58.58 11.05 8.11
N ASP N 188 58.86 11.83 7.08
CA ASP N 188 60.15 12.51 6.98
C ASP N 188 60.08 14.02 7.20
N LYS N 189 59.06 14.68 6.69
CA LYS N 189 58.93 16.12 6.82
C LYS N 189 57.51 16.47 7.26
N VAL N 190 57.42 17.49 8.12
CA VAL N 190 56.15 18.07 8.52
C VAL N 190 56.10 19.48 7.92
N LEU N 191 55.36 19.62 6.82
CA LEU N 191 55.16 20.90 6.17
C LEU N 191 53.96 21.67 6.72
N VAL N 192 53.99 22.98 6.47
CA VAL N 192 52.85 23.86 6.73
C VAL N 192 52.48 24.72 5.52
N HIS N 193 53.41 24.97 4.59
CA HIS N 193 53.18 25.82 3.42
C HIS N 193 53.78 25.16 2.19
N PRO N 194 53.44 25.62 0.97
CA PRO N 194 54.13 25.08 -0.23
C PRO N 194 55.62 25.40 -0.23
#